data_4QSZ
#
_entry.id   4QSZ
#
_cell.length_a   48.090
_cell.length_b   158.920
_cell.length_c   100.010
_cell.angle_alpha   90.00
_cell.angle_beta   94.08
_cell.angle_gamma   90.00
#
_symmetry.space_group_name_H-M   'P 1 21 1'
#
loop_
_entity.id
_entity.type
_entity.pdbx_description
1 polymer 'Maltose-binding periplasmic protein, JmjC domain-containing protein 7 chimera'
2 non-polymer alpha-D-glucopyranose
3 non-polymer 'CITRATE ANION'
#
_entity_poly.entity_id   1
_entity_poly.type   'polypeptide(L)'
_entity_poly.pdbx_seq_one_letter_code
;KIEEGKLVIWINGDKGYNGLAEVGKKFEKDTGIKVTVEHPDKLEEKFPQVAATGDGPDIIFWAHDRFGGYAQSGLLAEIT
PDKAFQDKLYPFTWDAVRYNGKLIAYPIAVEALSLIYNKDLLPNPPKTWEEIPALDKELKAKGKSALMFNLQEPYFTWPL
IAADGGYAFKYENGKYDIKDVGVDNAGAKAGLTFLVDLIKNKHMNADTDYSIAEAAFNKGETAMTINGPWAWSNIDTSKV
NYGVTVLPTFKGQPSKPFVGVLSAGINAASPNKELAKEFLENYLLTDEGLEAVNKDKPLGAVALKSYEEELAKDPRIAAT
MENAQKGEIMPNIPQMSAFWYAVRTAVINAASGRQTVDEALAAAQTNAAAEFAEAALEAVRRALQEFPAAARDLNVPRVV
PYLDEPPSPLCFYRDWVCPNRPCIIRNALQHWPALQKWSLSYLRATVGSTEVSVAVTPDGYADAVRGDRFVMPAERRLPI
SHVLDVLEGRAQHPGVLYVQKQCSNLPTELPQLLSDIESHVPWASESLGKMPDAVNFWLGDASAVTSLHKDHYENLYCVV
SGEKHFLLHPPSDRPFIPYNLYTPATYQLTEEGTFRVVDEEAMEKVPWIPLDPLAPDLTQYPSYSQAQALHCTVRAGEML
YLPALWFHHVQQSHGCIAVNFWYDMEYDLKYSYFQLMDTLTRATGLD
;
_entity_poly.pdbx_strand_id   A,B
#
loop_
_chem_comp.id
_chem_comp.type
_chem_comp.name
_chem_comp.formula
FLC non-polymer 'CITRATE ANION' 'C6 H5 O7 -3'
GLC D-saccharide, alpha linking alpha-D-glucopyranose 'C6 H12 O6'
#
# COMPACT_ATOMS: atom_id res chain seq x y z
N LYS A 1 -7.60 -47.02 -17.29
CA LYS A 1 -6.45 -46.36 -17.92
C LYS A 1 -6.66 -44.84 -17.99
N ILE A 2 -5.86 -44.04 -17.28
CA ILE A 2 -6.04 -42.57 -17.34
C ILE A 2 -4.67 -41.84 -17.31
N GLU A 3 -4.68 -40.51 -17.52
CA GLU A 3 -3.68 -39.60 -16.97
C GLU A 3 -4.38 -38.58 -16.07
N GLU A 4 -4.55 -38.93 -14.78
CA GLU A 4 -5.66 -38.40 -13.96
C GLU A 4 -5.29 -37.45 -12.80
N GLY A 5 -6.29 -37.22 -11.94
CA GLY A 5 -6.14 -36.38 -10.77
C GLY A 5 -5.06 -36.75 -9.78
N LYS A 6 -4.42 -35.71 -9.27
CA LYS A 6 -3.26 -35.86 -8.40
C LYS A 6 -3.31 -34.80 -7.32
N LEU A 7 -2.47 -34.99 -6.31
CA LEU A 7 -2.34 -34.03 -5.24
C LEU A 7 -0.88 -33.97 -4.84
N VAL A 8 -0.21 -32.88 -5.22
CA VAL A 8 1.19 -32.71 -4.85
C VAL A 8 1.33 -31.68 -3.71
N ILE A 9 2.14 -32.03 -2.73
CA ILE A 9 2.35 -31.19 -1.56
C ILE A 9 3.82 -30.75 -1.44
N TRP A 10 4.05 -29.49 -1.08
CA TRP A 10 5.41 -29.09 -0.71
C TRP A 10 5.50 -28.94 0.82
N ILE A 11 6.56 -29.47 1.42
CA ILE A 11 6.82 -29.28 2.84
C ILE A 11 8.33 -29.26 3.06
N ASN A 12 8.78 -28.48 4.06
CA ASN A 12 10.21 -28.33 4.34
C ASN A 12 10.82 -29.64 4.89
N GLY A 13 12.08 -29.88 4.57
CA GLY A 13 12.66 -31.20 4.77
C GLY A 13 13.14 -31.50 6.18
N ASP A 14 12.83 -30.60 7.09
CA ASP A 14 13.12 -30.85 8.48
C ASP A 14 11.85 -31.36 9.15
N LYS A 15 10.73 -31.26 8.42
CA LYS A 15 9.43 -31.77 8.89
C LYS A 15 9.18 -33.22 8.44
N GLY A 16 8.27 -33.90 9.11
CA GLY A 16 7.99 -35.31 8.82
C GLY A 16 7.26 -35.50 7.51
N TYR A 17 8.00 -35.50 6.41
CA TYR A 17 7.38 -35.62 5.10
C TYR A 17 7.08 -37.08 4.76
N ASN A 18 7.73 -38.00 5.48
CA ASN A 18 7.44 -39.44 5.35
C ASN A 18 6.20 -39.81 6.14
N GLY A 19 5.98 -39.13 7.25
CA GLY A 19 4.77 -39.30 8.00
C GLY A 19 3.64 -38.81 7.13
N LEU A 20 3.90 -37.71 6.44
CA LEU A 20 2.88 -37.07 5.62
C LEU A 20 2.59 -37.94 4.41
N ALA A 21 3.61 -38.68 3.99
CA ALA A 21 3.52 -39.65 2.91
C ALA A 21 2.52 -40.74 3.22
N GLU A 22 2.69 -41.34 4.41
CA GLU A 22 1.76 -42.34 4.93
C GLU A 22 0.33 -41.84 4.92
N VAL A 23 0.11 -40.63 5.42
CA VAL A 23 -1.23 -40.05 5.40
C VAL A 23 -1.68 -39.96 3.94
N GLY A 24 -0.73 -39.68 3.05
CA GLY A 24 -1.01 -39.60 1.62
C GLY A 24 -1.52 -40.91 1.05
N LYS A 25 -0.94 -42.02 1.54
CA LYS A 25 -1.34 -43.37 1.16
C LYS A 25 -2.77 -43.69 1.60
N LYS A 26 -3.09 -43.50 2.88
CA LYS A 26 -4.43 -43.77 3.39
C LYS A 26 -5.47 -42.99 2.58
N PHE A 27 -5.05 -41.88 1.98
CA PHE A 27 -5.89 -41.15 1.06
C PHE A 27 -6.04 -41.97 -0.22
N GLU A 28 -4.89 -42.43 -0.71
CA GLU A 28 -4.73 -43.12 -1.99
C GLU A 28 -5.28 -44.54 -1.90
N LYS A 29 -5.73 -44.92 -0.71
CA LYS A 29 -6.39 -46.20 -0.53
C LYS A 29 -7.88 -45.97 -0.38
N ASP A 30 -8.28 -44.72 -0.19
CA ASP A 30 -9.69 -44.40 0.08
C ASP A 30 -10.32 -43.59 -1.04
N THR A 31 -9.48 -43.21 -1.96
CA THR A 31 -9.86 -42.67 -3.27
C THR A 31 -8.71 -43.26 -4.09
N GLY A 32 -8.70 -43.03 -5.41
CA GLY A 32 -7.66 -43.59 -6.26
C GLY A 32 -6.46 -42.66 -6.37
N ILE A 33 -6.70 -41.45 -5.88
CA ILE A 33 -5.79 -40.32 -6.01
C ILE A 33 -4.45 -40.58 -5.36
N LYS A 34 -3.39 -40.41 -6.15
CA LYS A 34 -2.03 -40.56 -5.66
C LYS A 34 -1.59 -39.24 -5.03
N VAL A 35 -1.15 -39.32 -3.78
CA VAL A 35 -0.66 -38.14 -3.06
C VAL A 35 0.85 -38.22 -2.96
N THR A 36 1.53 -37.30 -3.64
CA THR A 36 2.98 -37.25 -3.59
C THR A 36 3.49 -35.98 -2.91
N VAL A 37 4.24 -36.14 -1.82
CA VAL A 37 4.79 -34.99 -1.10
C VAL A 37 6.28 -34.80 -1.39
N GLU A 38 6.68 -33.54 -1.57
CA GLU A 38 8.05 -33.22 -1.98
C GLU A 38 8.67 -32.19 -1.03
N HIS A 39 9.99 -32.25 -0.84
CA HIS A 39 10.71 -31.26 -0.02
C HIS A 39 11.86 -30.56 -0.76
N PRO A 40 11.51 -29.74 -1.77
CA PRO A 40 12.50 -28.97 -2.54
C PRO A 40 13.17 -27.96 -1.66
N ASP A 41 14.40 -27.60 -2.00
CA ASP A 41 15.06 -26.55 -1.26
C ASP A 41 14.45 -25.21 -1.65
N LYS A 42 14.48 -24.28 -0.70
CA LYS A 42 13.91 -22.94 -0.88
C LYS A 42 12.50 -23.03 -1.43
N LEU A 43 11.69 -23.93 -0.86
CA LEU A 43 10.35 -24.11 -1.41
C LEU A 43 9.49 -22.86 -1.17
N GLU A 44 9.75 -22.16 -0.06
CA GLU A 44 8.97 -20.98 0.27
C GLU A 44 9.36 -19.80 -0.62
N GLU A 45 10.51 -19.88 -1.28
CA GLU A 45 10.92 -18.87 -2.25
C GLU A 45 10.44 -19.22 -3.67
N LYS A 46 10.48 -20.52 -4.00
CA LYS A 46 9.97 -21.05 -5.27
C LYS A 46 8.47 -20.87 -5.44
N PHE A 47 7.72 -21.07 -4.37
CA PHE A 47 6.26 -21.09 -4.48
C PHE A 47 5.70 -19.78 -5.05
N PRO A 48 6.05 -18.61 -4.47
CA PRO A 48 5.43 -17.40 -5.03
C PRO A 48 5.88 -17.09 -6.46
N GLN A 49 7.03 -17.63 -6.86
CA GLN A 49 7.51 -17.52 -8.24
C GLN A 49 6.68 -18.33 -9.21
N VAL A 50 6.60 -19.62 -8.93
CA VAL A 50 6.09 -20.58 -9.86
C VAL A 50 4.56 -20.68 -9.79
N ALA A 51 3.94 -20.25 -8.70
CA ALA A 51 2.48 -20.43 -8.58
C ALA A 51 1.68 -19.35 -9.30
N ALA A 52 2.30 -18.20 -9.58
CA ALA A 52 1.65 -17.09 -10.29
C ALA A 52 1.47 -17.38 -11.79
N THR A 53 2.43 -18.10 -12.37
CA THR A 53 2.33 -18.52 -13.77
C THR A 53 1.45 -19.76 -13.90
N GLY A 54 0.90 -20.22 -12.78
CA GLY A 54 -0.06 -21.31 -12.77
C GLY A 54 0.47 -22.66 -12.31
N ASP A 55 1.78 -22.86 -12.31
CA ASP A 55 2.35 -24.13 -11.91
C ASP A 55 2.47 -24.20 -10.38
N GLY A 56 3.37 -25.05 -9.90
CA GLY A 56 3.54 -25.17 -8.46
C GLY A 56 2.81 -26.33 -7.84
N PRO A 57 2.89 -26.45 -6.50
CA PRO A 57 2.25 -27.57 -5.82
C PRO A 57 0.76 -27.31 -5.66
N ASP A 58 0.06 -28.29 -5.10
CA ASP A 58 -1.36 -28.11 -4.88
C ASP A 58 -1.53 -27.54 -3.47
N ILE A 59 -0.76 -28.11 -2.52
CA ILE A 59 -0.71 -27.66 -1.11
C ILE A 59 0.71 -27.28 -0.71
N ILE A 60 0.84 -26.17 0.01
CA ILE A 60 2.14 -25.76 0.51
C ILE A 60 2.13 -25.66 2.04
N PHE A 61 3.06 -26.36 2.67
CA PHE A 61 3.33 -26.23 4.10
C PHE A 61 4.45 -25.22 4.39
N TRP A 62 4.24 -24.34 5.38
CA TRP A 62 5.29 -23.44 5.86
C TRP A 62 4.85 -22.73 7.15
N ALA A 63 5.81 -22.17 7.89
CA ALA A 63 5.45 -21.36 9.04
C ALA A 63 4.56 -20.26 8.51
N HIS A 64 3.61 -19.82 9.33
CA HIS A 64 2.56 -18.91 8.88
C HIS A 64 3.04 -17.54 8.46
N ASP A 65 4.25 -17.16 8.84
CA ASP A 65 4.70 -15.81 8.57
C ASP A 65 4.88 -15.57 7.05
N ARG A 66 5.01 -16.66 6.30
CA ARG A 66 5.11 -16.54 4.85
C ARG A 66 3.77 -16.36 4.16
N PHE A 67 2.66 -16.66 4.84
CA PHE A 67 1.38 -16.84 4.14
C PHE A 67 0.60 -15.57 3.81
N GLY A 68 1.06 -14.42 4.30
CA GLY A 68 0.44 -13.17 3.95
C GLY A 68 0.92 -12.63 2.62
N GLY A 69 2.22 -12.74 2.36
CA GLY A 69 2.78 -12.35 1.08
C GLY A 69 2.13 -13.14 -0.04
N TYR A 70 1.93 -14.43 0.22
CA TYR A 70 1.29 -15.30 -0.75
C TYR A 70 -0.12 -14.84 -1.04
N ALA A 71 -0.78 -14.28 -0.04
CA ALA A 71 -2.14 -13.78 -0.19
C ALA A 71 -2.19 -12.35 -0.75
N GLN A 72 -1.16 -11.53 -0.51
CA GLN A 72 -1.13 -10.19 -1.10
C GLN A 72 -0.90 -10.31 -2.62
N SER A 73 -0.33 -11.43 -3.06
CA SER A 73 -0.09 -11.72 -4.48
C SER A 73 -1.17 -12.64 -5.05
N GLY A 74 -2.13 -12.98 -4.19
CA GLY A 74 -3.30 -13.77 -4.56
C GLY A 74 -3.05 -15.21 -5.00
N LEU A 75 -2.04 -15.84 -4.41
CA LEU A 75 -1.65 -17.20 -4.80
C LEU A 75 -2.36 -18.27 -3.97
N LEU A 76 -2.98 -17.83 -2.87
CA LEU A 76 -3.63 -18.75 -1.94
C LEU A 76 -5.13 -18.64 -2.02
N ALA A 77 -5.79 -19.77 -2.25
CA ALA A 77 -7.24 -19.81 -2.24
C ALA A 77 -7.78 -19.66 -0.81
N GLU A 78 -8.99 -19.14 -0.69
CA GLU A 78 -9.64 -19.00 0.59
C GLU A 78 -10.14 -20.37 1.06
N ILE A 79 -9.73 -20.76 2.25
CA ILE A 79 -10.22 -22.01 2.83
C ILE A 79 -11.56 -21.74 3.54
N THR A 80 -12.51 -22.66 3.40
CA THR A 80 -13.87 -22.50 3.93
C THR A 80 -14.24 -23.66 4.80
N PRO A 81 -14.03 -23.54 6.12
CA PRO A 81 -14.31 -24.70 6.98
C PRO A 81 -15.71 -24.64 7.57
N ASP A 82 -16.27 -25.80 7.94
CA ASP A 82 -17.48 -25.85 8.76
C ASP A 82 -17.19 -25.13 10.08
N LYS A 83 -18.17 -25.03 10.98
CA LYS A 83 -17.84 -24.46 12.27
C LYS A 83 -17.69 -25.60 13.27
N ALA A 84 -18.09 -26.79 12.87
CA ALA A 84 -17.78 -27.99 13.65
C ALA A 84 -16.30 -28.28 13.48
N PHE A 85 -15.73 -27.70 12.44
CA PHE A 85 -14.30 -27.85 12.16
C PHE A 85 -13.46 -26.69 12.74
N GLN A 86 -13.96 -25.47 12.66
CA GLN A 86 -13.26 -24.32 13.22
C GLN A 86 -13.12 -24.37 14.74
N ASP A 87 -14.09 -25.02 15.39
CA ASP A 87 -14.06 -25.21 16.83
C ASP A 87 -13.34 -26.53 17.18
N LYS A 88 -12.75 -27.17 16.16
CA LYS A 88 -11.95 -28.36 16.38
C LYS A 88 -10.49 -27.96 16.59
N LEU A 89 -10.14 -26.77 16.10
CA LEU A 89 -8.78 -26.24 16.22
C LEU A 89 -8.80 -24.96 17.08
N TYR A 90 -7.75 -24.77 17.89
CA TYR A 90 -7.68 -23.63 18.81
C TYR A 90 -7.86 -22.29 18.07
N PRO A 91 -8.54 -21.31 18.70
CA PRO A 91 -8.85 -20.06 17.99
C PRO A 91 -7.64 -19.25 17.54
N PHE A 92 -6.57 -19.20 18.34
CA PHE A 92 -5.44 -18.35 17.98
C PHE A 92 -4.63 -18.94 16.82
N THR A 93 -4.78 -20.24 16.59
CA THR A 93 -4.11 -20.83 15.44
C THR A 93 -4.84 -20.38 14.16
N TRP A 94 -6.17 -20.27 14.21
CA TRP A 94 -6.91 -19.72 13.06
C TRP A 94 -6.55 -18.25 12.81
N ASP A 95 -6.32 -17.50 13.89
CA ASP A 95 -5.95 -16.09 13.75
C ASP A 95 -4.58 -15.85 13.08
N ALA A 96 -3.70 -16.87 13.14
CA ALA A 96 -2.38 -16.79 12.52
C ALA A 96 -2.45 -17.04 11.01
N VAL A 97 -3.49 -17.72 10.55
CA VAL A 97 -3.69 -17.90 9.13
C VAL A 97 -4.86 -17.04 8.64
N ARG A 98 -5.00 -15.85 9.22
CA ARG A 98 -6.02 -14.90 8.78
C ARG A 98 -5.38 -13.60 8.29
N TYR A 99 -5.44 -13.40 6.97
CA TYR A 99 -4.93 -12.18 6.32
C TYR A 99 -6.09 -11.30 5.85
N ASN A 100 -6.01 -10.02 6.22
CA ASN A 100 -7.04 -9.01 5.92
C ASN A 100 -8.45 -9.56 6.15
N GLY A 101 -8.69 -10.03 7.37
CA GLY A 101 -9.93 -10.72 7.71
C GLY A 101 -10.37 -11.72 6.66
N LYS A 102 -9.68 -12.86 6.56
CA LYS A 102 -10.05 -13.94 5.64
C LYS A 102 -9.08 -15.12 5.82
N LEU A 103 -9.60 -16.35 5.82
CA LEU A 103 -8.76 -17.50 6.16
C LEU A 103 -7.94 -17.98 4.95
N ILE A 104 -6.62 -18.12 5.10
CA ILE A 104 -5.78 -18.46 3.95
C ILE A 104 -4.93 -19.74 4.09
N ALA A 105 -5.00 -20.38 5.25
CA ALA A 105 -4.40 -21.70 5.40
C ALA A 105 -5.03 -22.49 6.55
N TYR A 106 -4.74 -23.78 6.58
CA TYR A 106 -5.09 -24.59 7.73
C TYR A 106 -3.93 -24.66 8.73
N PRO A 107 -4.12 -24.20 9.97
CA PRO A 107 -3.03 -24.36 10.95
C PRO A 107 -2.74 -25.83 11.27
N ILE A 108 -1.46 -26.21 11.34
CA ILE A 108 -1.09 -27.58 11.71
C ILE A 108 -0.51 -27.65 13.11
N ALA A 109 0.59 -26.95 13.33
CA ALA A 109 1.22 -27.02 14.65
C ALA A 109 1.86 -25.71 15.09
N VAL A 110 1.87 -25.51 16.39
CA VAL A 110 2.48 -24.35 17.01
C VAL A 110 3.89 -24.73 17.46
N GLU A 111 4.89 -23.99 16.96
CA GLU A 111 6.26 -24.39 17.21
C GLU A 111 7.09 -23.23 17.70
N ALA A 112 7.95 -23.52 18.67
CA ALA A 112 8.87 -22.53 19.22
C ALA A 112 10.17 -23.22 19.60
N LEU A 113 11.26 -22.46 19.59
CA LEU A 113 12.59 -22.97 19.95
C LEU A 113 12.78 -23.15 21.44
N SER A 114 13.55 -24.17 21.81
CA SER A 114 13.90 -24.38 23.22
C SER A 114 15.36 -24.78 23.37
N LEU A 115 15.79 -24.87 24.62
CA LEU A 115 17.16 -25.21 24.93
C LEU A 115 17.30 -26.70 25.16
N ILE A 116 17.84 -27.40 24.17
CA ILE A 116 18.08 -28.84 24.32
C ILE A 116 19.44 -29.04 24.95
N TYR A 117 19.48 -29.72 26.09
CA TYR A 117 20.78 -29.97 26.71
C TYR A 117 21.03 -31.46 26.96
N ASN A 118 22.31 -31.77 27.12
CA ASN A 118 22.78 -33.11 27.30
C ASN A 118 22.90 -33.46 28.77
N LYS A 119 21.85 -34.05 29.32
CA LYS A 119 21.75 -34.36 30.75
C LYS A 119 22.94 -35.12 31.35
N ASP A 120 23.71 -35.81 30.52
CA ASP A 120 24.84 -36.58 31.02
C ASP A 120 26.02 -35.62 31.19
N LEU A 121 26.15 -34.70 30.25
CA LEU A 121 27.24 -33.71 30.23
C LEU A 121 26.94 -32.53 31.12
N LEU A 122 25.66 -32.22 31.26
CA LEU A 122 25.24 -31.00 31.94
C LEU A 122 23.98 -31.29 32.71
N PRO A 123 24.13 -31.58 34.02
CA PRO A 123 23.01 -32.05 34.82
C PRO A 123 22.06 -30.92 35.19
N ASN A 124 22.61 -29.71 35.28
CA ASN A 124 21.80 -28.53 35.51
C ASN A 124 22.11 -27.48 34.46
N PRO A 125 21.20 -27.34 33.48
CA PRO A 125 21.42 -26.40 32.37
C PRO A 125 21.44 -24.98 32.89
N PRO A 126 22.22 -24.10 32.26
CA PRO A 126 22.36 -22.71 32.71
C PRO A 126 21.05 -21.96 32.58
N LYS A 127 20.78 -21.00 33.45
CA LYS A 127 19.53 -20.24 33.36
C LYS A 127 19.77 -18.94 32.63
N THR A 128 21.04 -18.62 32.42
CA THR A 128 21.40 -17.33 31.86
C THR A 128 22.35 -17.53 30.69
N TRP A 129 22.36 -16.59 29.76
CA TRP A 129 23.33 -16.67 28.67
C TRP A 129 24.74 -16.39 29.22
N GLU A 130 24.78 -15.61 30.29
CA GLU A 130 26.05 -15.10 30.82
C GLU A 130 26.91 -16.20 31.44
N GLU A 131 26.28 -17.30 31.83
CA GLU A 131 27.02 -18.46 32.35
C GLU A 131 27.77 -19.20 31.25
N ILE A 132 27.21 -19.21 30.04
CA ILE A 132 27.69 -20.11 28.98
C ILE A 132 29.20 -20.01 28.67
N PRO A 133 29.79 -18.80 28.62
CA PRO A 133 31.25 -18.80 28.37
C PRO A 133 32.06 -19.49 29.49
N ALA A 134 31.74 -19.15 30.75
CA ALA A 134 32.29 -19.83 31.91
C ALA A 134 32.14 -21.34 31.77
N LEU A 135 30.92 -21.75 31.41
CA LEU A 135 30.60 -23.16 31.21
C LEU A 135 31.37 -23.80 30.05
N ASP A 136 31.71 -23.02 29.02
CA ASP A 136 32.36 -23.54 27.83
C ASP A 136 33.83 -23.93 28.12
N LYS A 137 34.61 -22.99 28.63
CA LYS A 137 36.02 -23.30 28.88
C LYS A 137 36.13 -24.41 29.96
N GLU A 138 35.16 -24.49 30.87
CA GLU A 138 35.13 -25.62 31.82
C GLU A 138 34.86 -26.95 31.11
N LEU A 139 34.23 -26.89 29.93
CA LEU A 139 33.92 -28.10 29.15
C LEU A 139 34.91 -28.39 28.03
N LYS A 140 35.61 -27.37 27.54
CA LYS A 140 36.69 -27.62 26.60
C LYS A 140 37.80 -28.33 27.34
N ALA A 141 37.97 -27.95 28.60
CA ALA A 141 38.94 -28.56 29.52
C ALA A 141 38.41 -29.89 30.06
N LYS A 142 37.63 -30.57 29.21
CA LYS A 142 37.13 -31.92 29.41
C LYS A 142 36.84 -32.52 28.00
N GLY A 143 37.18 -31.75 26.97
CA GLY A 143 37.20 -32.26 25.61
C GLY A 143 35.97 -32.08 24.74
N LYS A 144 35.18 -31.04 25.05
CA LYS A 144 33.98 -30.71 24.28
C LYS A 144 33.59 -29.21 24.43
N SER A 145 32.60 -28.76 23.67
CA SER A 145 32.07 -27.40 23.73
C SER A 145 30.73 -27.30 24.46
N ALA A 146 30.31 -26.09 24.82
CA ALA A 146 29.07 -25.91 25.60
C ALA A 146 27.77 -25.75 24.78
N LEU A 147 27.81 -24.85 23.78
CA LEU A 147 26.61 -24.52 23.00
C LEU A 147 26.88 -24.45 21.49
N MET A 148 26.04 -25.13 20.72
CA MET A 148 26.13 -25.08 19.26
C MET A 148 24.74 -25.04 18.65
N PHE A 149 24.53 -24.15 17.69
CA PHE A 149 23.23 -24.03 17.04
C PHE A 149 23.37 -23.20 15.78
N ASN A 150 22.38 -23.34 14.89
CA ASN A 150 22.41 -22.70 13.58
C ASN A 150 22.59 -21.18 13.63
N LEU A 151 23.72 -20.70 13.13
CA LEU A 151 24.01 -19.26 13.11
C LEU A 151 23.78 -18.67 11.73
N GLN A 152 23.21 -19.46 10.83
CA GLN A 152 23.08 -19.07 9.42
C GLN A 152 21.68 -18.57 9.08
N GLU A 153 20.73 -18.91 9.94
CA GLU A 153 19.33 -18.49 9.80
C GLU A 153 18.92 -17.70 11.03
N PRO A 154 18.60 -16.41 10.86
CA PRO A 154 18.31 -15.47 11.96
C PRO A 154 17.27 -15.95 12.98
N TYR A 155 16.44 -16.94 12.59
CA TYR A 155 15.39 -17.51 13.44
C TYR A 155 15.91 -18.05 14.78
N PHE A 156 17.15 -18.49 14.79
CA PHE A 156 17.77 -19.12 15.98
C PHE A 156 18.43 -18.09 16.85
N THR A 157 18.91 -17.05 16.19
CA THR A 157 19.65 -15.99 16.81
C THR A 157 18.69 -15.02 17.48
N TRP A 158 17.56 -14.77 16.82
CA TRP A 158 16.52 -13.82 17.27
C TRP A 158 16.02 -13.92 18.73
N PRO A 159 15.98 -15.13 19.35
CA PRO A 159 15.46 -15.10 20.72
C PRO A 159 16.33 -14.30 21.68
N LEU A 160 17.61 -14.27 21.36
CA LEU A 160 18.59 -13.55 22.15
C LEU A 160 18.57 -12.07 21.79
N ILE A 161 18.52 -11.76 20.49
CA ILE A 161 18.53 -10.36 20.04
C ILE A 161 17.36 -9.57 20.65
N ALA A 162 16.21 -10.22 20.72
CA ALA A 162 14.95 -9.57 21.07
C ALA A 162 14.80 -9.46 22.59
N ALA A 163 15.65 -10.21 23.31
CA ALA A 163 15.63 -10.33 24.77
C ALA A 163 15.68 -9.00 25.48
N ASP A 164 16.65 -8.16 25.11
CA ASP A 164 16.81 -6.89 25.82
C ASP A 164 16.18 -5.67 25.11
N GLY A 165 15.34 -5.90 24.11
CA GLY A 165 14.67 -4.77 23.50
C GLY A 165 14.48 -4.88 22.01
N GLY A 166 15.11 -5.88 21.40
CA GLY A 166 14.91 -6.13 19.99
C GLY A 166 13.46 -6.47 19.70
N TYR A 167 13.01 -6.08 18.52
CA TYR A 167 11.68 -6.45 18.02
C TYR A 167 11.58 -6.15 16.53
N ALA A 168 10.89 -7.01 15.78
CA ALA A 168 10.42 -6.67 14.46
C ALA A 168 9.19 -6.00 14.82
N PHE A 169 8.72 -5.06 13.98
CA PHE A 169 7.39 -4.28 14.17
C PHE A 169 7.08 -4.07 15.64
N LYS A 170 5.85 -4.23 16.12
CA LYS A 170 5.67 -3.97 17.56
C LYS A 170 4.36 -4.51 17.96
N TYR A 171 4.44 -5.44 18.90
CA TYR A 171 3.27 -6.13 19.33
C TYR A 171 2.92 -5.58 20.72
N GLU A 172 2.63 -4.27 20.79
CA GLU A 172 1.99 -3.69 21.98
C GLU A 172 0.49 -4.03 21.93
N ASN A 173 -0.28 -3.70 23.00
CA ASN A 173 -1.66 -4.20 23.19
C ASN A 173 -2.46 -3.94 21.95
N GLY A 174 -3.40 -4.82 21.65
CA GLY A 174 -3.87 -4.94 20.28
C GLY A 174 -2.71 -5.52 19.48
N LYS A 175 -2.54 -5.16 18.20
CA LYS A 175 -1.54 -5.89 17.41
C LYS A 175 -0.35 -5.04 16.88
N TYR A 176 0.02 -5.14 15.59
CA TYR A 176 1.38 -4.78 15.14
C TYR A 176 1.62 -3.40 14.51
N ASP A 177 2.60 -2.65 15.03
CA ASP A 177 2.89 -1.30 14.53
C ASP A 177 3.94 -1.29 13.43
N ILE A 178 3.52 -1.22 12.18
CA ILE A 178 4.50 -1.37 11.09
C ILE A 178 5.30 -0.08 10.84
N LYS A 179 5.18 0.90 11.74
CA LYS A 179 6.04 2.08 11.74
C LYS A 179 7.13 1.90 12.78
N ASP A 180 6.79 1.21 13.86
CA ASP A 180 7.68 0.98 14.98
C ASP A 180 8.49 -0.30 14.76
N VAL A 181 9.51 -0.25 13.90
CA VAL A 181 10.41 -1.38 13.72
C VAL A 181 11.63 -1.17 14.60
N GLY A 182 12.02 -2.23 15.31
CA GLY A 182 13.08 -2.13 16.29
C GLY A 182 14.17 -3.18 16.17
N VAL A 183 14.89 -3.21 15.05
CA VAL A 183 15.96 -4.21 14.90
C VAL A 183 17.33 -3.61 15.14
N ASP A 184 17.44 -2.29 15.19
CA ASP A 184 18.74 -1.70 15.51
C ASP A 184 18.68 -0.81 16.77
N ASN A 185 17.87 -1.21 17.75
CA ASN A 185 17.82 -0.48 19.02
C ASN A 185 18.87 -1.02 20.02
N ALA A 186 18.95 -0.40 21.21
CA ALA A 186 19.97 -0.78 22.18
C ALA A 186 19.96 -2.29 22.47
N GLY A 187 18.77 -2.80 22.82
CA GLY A 187 18.60 -4.19 23.17
C GLY A 187 18.89 -5.16 22.04
N ALA A 188 18.66 -4.73 20.80
CA ALA A 188 18.98 -5.60 19.68
C ALA A 188 20.49 -5.72 19.59
N LYS A 189 21.18 -4.58 19.60
CA LYS A 189 22.64 -4.56 19.67
C LYS A 189 23.19 -5.42 20.84
N ALA A 190 22.56 -5.35 22.02
CA ALA A 190 23.08 -6.04 23.20
C ALA A 190 23.14 -7.56 22.99
N GLY A 191 22.00 -8.19 22.74
CA GLY A 191 21.99 -9.61 22.40
C GLY A 191 22.97 -10.00 21.29
N LEU A 192 23.03 -9.19 20.24
CA LEU A 192 23.90 -9.49 19.10
C LEU A 192 25.38 -9.33 19.44
N THR A 193 25.69 -8.33 20.27
CA THR A 193 27.06 -8.09 20.71
C THR A 193 27.49 -9.30 21.53
N PHE A 194 26.54 -9.82 22.31
CA PHE A 194 26.82 -10.99 23.14
C PHE A 194 27.09 -12.21 22.28
N LEU A 195 26.30 -12.37 21.21
CA LEU A 195 26.47 -13.50 20.31
C LEU A 195 27.82 -13.41 19.62
N VAL A 196 28.12 -12.21 19.13
CA VAL A 196 29.41 -11.98 18.48
C VAL A 196 30.57 -12.18 19.47
N ASP A 197 30.40 -11.81 20.74
CA ASP A 197 31.50 -11.98 21.71
C ASP A 197 31.75 -13.47 22.02
N LEU A 198 30.68 -14.26 22.08
CA LEU A 198 30.79 -15.72 22.14
C LEU A 198 31.71 -16.26 21.03
N ILE A 199 31.53 -15.79 19.80
CA ILE A 199 32.35 -16.27 18.68
C ILE A 199 33.80 -15.76 18.82
N LYS A 200 33.95 -14.45 19.02
CA LYS A 200 35.23 -13.80 19.29
C LYS A 200 36.07 -14.61 20.29
N ASN A 201 35.52 -14.88 21.47
CA ASN A 201 36.18 -15.73 22.48
C ASN A 201 36.12 -17.24 22.17
N LYS A 202 35.83 -17.59 20.90
CA LYS A 202 35.84 -18.96 20.38
C LYS A 202 35.00 -19.98 21.18
N HIS A 203 33.93 -19.49 21.79
CA HIS A 203 32.96 -20.34 22.46
C HIS A 203 32.02 -20.93 21.41
N MET A 204 31.90 -20.23 20.27
CA MET A 204 31.13 -20.71 19.13
C MET A 204 31.89 -20.41 17.86
N ASN A 205 31.39 -20.94 16.74
CA ASN A 205 32.02 -20.69 15.45
C ASN A 205 31.04 -20.06 14.44
N ALA A 206 31.42 -18.94 13.82
CA ALA A 206 30.53 -18.23 12.89
C ALA A 206 30.09 -19.08 11.69
N ASP A 207 30.88 -20.08 11.34
CA ASP A 207 30.58 -20.96 10.21
C ASP A 207 29.50 -22.03 10.51
N THR A 208 29.23 -22.24 11.79
CA THR A 208 28.25 -23.24 12.23
C THR A 208 26.87 -23.05 11.58
N ASP A 209 26.40 -24.05 10.84
CA ASP A 209 25.02 -24.01 10.35
C ASP A 209 24.14 -25.04 11.06
N TYR A 210 22.97 -25.30 10.51
CA TYR A 210 22.03 -26.25 11.07
C TYR A 210 22.62 -27.65 11.16
N SER A 211 23.29 -28.06 10.10
CA SER A 211 23.71 -29.45 9.99
C SER A 211 24.91 -29.72 10.89
N ILE A 212 25.78 -28.73 11.01
CA ILE A 212 26.95 -28.89 11.86
C ILE A 212 26.50 -29.05 13.30
N ALA A 213 25.52 -28.25 13.73
CA ALA A 213 25.08 -28.24 15.12
C ALA A 213 24.43 -29.54 15.49
N GLU A 214 23.43 -29.95 14.73
CA GLU A 214 22.63 -31.14 15.04
C GLU A 214 23.49 -32.38 15.17
N ALA A 215 24.48 -32.47 14.29
CA ALA A 215 25.40 -33.59 14.28
C ALA A 215 26.24 -33.57 15.53
N ALA A 216 26.68 -32.37 15.91
CA ALA A 216 27.57 -32.22 17.06
C ALA A 216 26.90 -32.62 18.38
N PHE A 217 25.68 -32.12 18.62
CA PHE A 217 24.97 -32.41 19.85
C PHE A 217 24.56 -33.86 19.94
N ASN A 218 24.20 -34.44 18.79
CA ASN A 218 23.70 -35.82 18.74
C ASN A 218 24.83 -36.83 18.88
N LYS A 219 26.05 -36.35 18.70
CA LYS A 219 27.23 -37.15 18.93
C LYS A 219 27.77 -36.95 20.36
N GLY A 220 27.15 -36.07 21.14
CA GLY A 220 27.67 -35.66 22.43
C GLY A 220 28.94 -34.80 22.41
N GLU A 221 29.11 -33.98 21.38
CA GLU A 221 30.27 -33.12 21.32
C GLU A 221 29.94 -31.75 21.87
N THR A 222 28.66 -31.43 21.96
CA THR A 222 28.21 -30.15 22.52
C THR A 222 27.23 -30.40 23.66
N ALA A 223 27.35 -29.67 24.77
CA ALA A 223 26.43 -29.89 25.88
C ALA A 223 25.04 -29.33 25.59
N MET A 224 24.96 -28.30 24.76
CA MET A 224 23.68 -27.64 24.52
C MET A 224 23.47 -27.23 23.07
N THR A 225 22.24 -27.37 22.62
CA THR A 225 21.87 -26.83 21.34
C THR A 225 20.54 -26.08 21.46
N ILE A 226 20.18 -25.30 20.45
CA ILE A 226 18.88 -24.62 20.43
C ILE A 226 18.13 -25.03 19.20
N ASN A 227 17.04 -25.77 19.39
CA ASN A 227 16.27 -26.24 18.25
C ASN A 227 14.79 -26.38 18.57
N GLY A 228 13.98 -26.57 17.53
CA GLY A 228 12.56 -26.76 17.68
C GLY A 228 12.21 -28.24 17.71
N PRO A 229 10.91 -28.54 17.80
CA PRO A 229 10.40 -29.91 17.96
C PRO A 229 10.84 -30.89 16.89
N TRP A 230 10.96 -30.45 15.63
CA TRP A 230 11.26 -31.36 14.50
C TRP A 230 12.54 -32.11 14.71
N ALA A 231 13.41 -31.49 15.51
CA ALA A 231 14.75 -32.01 15.81
C ALA A 231 14.78 -33.18 16.80
N TRP A 232 13.71 -33.39 17.57
CA TRP A 232 13.70 -34.38 18.69
C TRP A 232 13.83 -35.87 18.30
N SER A 233 13.16 -36.27 17.23
CA SER A 233 13.26 -37.61 16.64
C SER A 233 14.70 -38.06 16.38
N ASN A 234 15.54 -37.16 15.84
CA ASN A 234 16.93 -37.48 15.52
C ASN A 234 17.82 -37.57 16.76
N ILE A 235 17.32 -37.13 17.90
CA ILE A 235 18.06 -37.27 19.14
C ILE A 235 17.59 -38.49 19.89
N ASP A 236 16.34 -38.87 19.65
CA ASP A 236 15.76 -40.04 20.29
C ASP A 236 16.39 -41.28 19.68
N THR A 237 16.75 -41.15 18.41
CA THR A 237 17.33 -42.24 17.65
C THR A 237 18.86 -42.22 17.84
N SER A 238 19.44 -41.04 18.04
CA SER A 238 20.73 -40.95 18.74
C SER A 238 20.45 -41.35 20.20
N LYS A 239 21.47 -41.62 21.00
CA LYS A 239 21.16 -41.97 22.37
C LYS A 239 21.92 -41.08 23.34
N VAL A 240 21.79 -39.78 23.08
CA VAL A 240 22.12 -38.72 24.02
C VAL A 240 21.01 -38.63 25.06
N ASN A 241 21.33 -38.68 26.35
CA ASN A 241 20.33 -38.38 27.38
C ASN A 241 20.09 -36.88 27.43
N TYR A 242 19.00 -36.43 26.80
CA TYR A 242 18.75 -35.00 26.65
C TYR A 242 17.43 -34.52 27.27
N GLY A 243 17.42 -33.26 27.68
CA GLY A 243 16.20 -32.59 28.10
C GLY A 243 15.95 -31.35 27.27
N VAL A 244 14.72 -30.84 27.35
CA VAL A 244 14.28 -29.67 26.60
C VAL A 244 13.73 -28.67 27.58
N THR A 245 14.23 -27.44 27.56
CA THR A 245 13.80 -26.48 28.57
C THR A 245 13.73 -25.01 28.14
N VAL A 246 13.30 -24.15 29.06
CA VAL A 246 13.26 -22.71 28.84
C VAL A 246 14.61 -22.19 28.39
N LEU A 247 14.61 -21.30 27.40
CA LEU A 247 15.83 -20.69 26.92
C LEU A 247 16.47 -19.87 28.04
N PRO A 248 17.80 -19.81 28.06
CA PRO A 248 18.45 -19.03 29.10
C PRO A 248 18.13 -17.53 28.97
N THR A 249 18.17 -16.79 30.07
CA THR A 249 17.88 -15.35 30.03
C THR A 249 19.10 -14.52 29.59
N PHE A 250 18.82 -13.25 29.28
CA PHE A 250 19.86 -12.29 28.99
C PHE A 250 19.51 -11.01 29.73
N LYS A 251 20.50 -10.52 30.48
CA LYS A 251 20.36 -9.35 31.34
C LYS A 251 19.11 -9.40 32.22
N GLY A 252 18.74 -10.60 32.66
CA GLY A 252 17.62 -10.77 33.55
C GLY A 252 16.27 -10.95 32.86
N GLN A 253 16.25 -10.68 31.56
CA GLN A 253 15.02 -10.78 30.77
C GLN A 253 15.00 -12.12 29.97
N PRO A 254 13.80 -12.69 29.74
CA PRO A 254 13.65 -13.96 29.01
C PRO A 254 14.09 -13.86 27.57
N SER A 255 14.63 -14.93 27.01
CA SER A 255 14.74 -15.01 25.55
C SER A 255 13.36 -14.99 24.90
N LYS A 256 13.19 -14.17 23.86
CA LYS A 256 11.92 -14.08 23.17
C LYS A 256 11.98 -14.65 21.75
N PRO A 257 11.72 -15.97 21.58
CA PRO A 257 11.63 -16.65 20.28
C PRO A 257 10.37 -16.36 19.50
N PHE A 258 10.46 -15.89 18.25
CA PHE A 258 9.29 -15.79 17.37
C PHE A 258 8.54 -17.14 17.28
N VAL A 259 7.24 -17.15 17.58
CA VAL A 259 6.45 -18.38 17.53
C VAL A 259 5.89 -18.64 16.12
N GLY A 260 6.04 -19.86 15.63
CA GLY A 260 5.61 -20.17 14.28
C GLY A 260 4.49 -21.18 14.25
N VAL A 261 3.49 -20.93 13.40
CA VAL A 261 2.43 -21.91 13.22
C VAL A 261 2.58 -22.58 11.85
N LEU A 262 3.00 -23.85 11.84
CA LEU A 262 3.07 -24.59 10.59
C LEU A 262 1.71 -24.61 9.95
N SER A 263 1.64 -24.11 8.72
CA SER A 263 0.38 -23.92 8.06
C SER A 263 0.40 -24.53 6.68
N ALA A 264 -0.77 -24.96 6.24
CA ALA A 264 -0.94 -25.53 4.93
C ALA A 264 -1.81 -24.62 4.11
N GLY A 265 -1.28 -24.10 3.02
CA GLY A 265 -2.04 -23.25 2.13
C GLY A 265 -2.48 -24.00 0.90
N ILE A 266 -3.57 -23.54 0.29
CA ILE A 266 -4.03 -24.14 -0.94
C ILE A 266 -3.76 -23.19 -2.10
N ASN A 267 -3.15 -23.75 -3.15
CA ASN A 267 -2.74 -23.02 -4.33
C ASN A 267 -3.96 -22.54 -5.10
N ALA A 268 -4.10 -21.22 -5.28
CA ALA A 268 -5.27 -20.66 -5.96
C ALA A 268 -5.31 -21.12 -7.42
N ALA A 269 -4.17 -21.54 -7.93
CA ALA A 269 -4.05 -21.98 -9.31
C ALA A 269 -4.13 -23.49 -9.40
N SER A 270 -4.68 -24.14 -8.37
CA SER A 270 -4.79 -25.59 -8.41
C SER A 270 -6.08 -26.05 -9.06
N PRO A 271 -5.99 -27.14 -9.83
CA PRO A 271 -7.16 -27.84 -10.39
C PRO A 271 -7.69 -28.92 -9.45
N ASN A 272 -7.40 -28.79 -8.16
CA ASN A 272 -7.67 -29.87 -7.22
C ASN A 272 -8.05 -29.39 -5.84
N LYS A 273 -8.54 -28.15 -5.76
CA LYS A 273 -8.73 -27.49 -4.48
C LYS A 273 -9.57 -28.34 -3.53
N GLU A 274 -10.56 -29.03 -4.09
CA GLU A 274 -11.57 -29.73 -3.29
C GLU A 274 -11.08 -31.08 -2.79
N LEU A 275 -10.11 -31.69 -3.48
CA LEU A 275 -9.44 -32.87 -2.96
C LEU A 275 -8.41 -32.47 -1.89
N ALA A 276 -7.94 -31.23 -1.97
CA ALA A 276 -6.96 -30.74 -1.03
C ALA A 276 -7.64 -30.60 0.32
N LYS A 277 -8.86 -30.05 0.29
CA LYS A 277 -9.71 -29.94 1.46
C LYS A 277 -10.11 -31.30 2.03
N GLU A 278 -10.47 -32.25 1.17
CA GLU A 278 -10.76 -33.59 1.67
C GLU A 278 -9.51 -34.25 2.29
N PHE A 279 -8.32 -33.78 1.92
CA PHE A 279 -7.09 -34.39 2.44
C PHE A 279 -6.68 -33.83 3.79
N LEU A 280 -6.67 -32.50 3.89
CA LEU A 280 -6.24 -31.85 5.11
C LEU A 280 -7.31 -31.82 6.21
N GLU A 281 -8.54 -31.49 5.87
CA GLU A 281 -9.59 -31.47 6.86
C GLU A 281 -9.93 -32.84 7.42
N ASN A 282 -9.94 -33.85 6.55
CA ASN A 282 -10.45 -35.17 6.95
C ASN A 282 -9.42 -36.30 6.96
N TYR A 283 -8.18 -36.05 6.55
CA TYR A 283 -7.14 -37.07 6.63
C TYR A 283 -5.93 -36.62 7.47
N LEU A 284 -5.52 -35.35 7.32
CA LEU A 284 -4.38 -34.85 8.09
C LEU A 284 -4.78 -34.29 9.45
N LEU A 285 -5.65 -33.28 9.47
CA LEU A 285 -6.04 -32.68 10.73
C LEU A 285 -6.98 -33.60 11.52
N THR A 286 -6.53 -34.83 11.76
CA THR A 286 -7.22 -35.80 12.63
C THR A 286 -6.22 -36.31 13.66
N ASP A 287 -6.69 -36.99 14.70
CA ASP A 287 -5.76 -37.60 15.66
C ASP A 287 -4.89 -38.62 14.93
N GLU A 288 -5.47 -39.23 13.90
CA GLU A 288 -4.82 -40.31 13.16
C GLU A 288 -3.76 -39.75 12.20
N GLY A 289 -4.11 -38.63 11.56
CA GLY A 289 -3.22 -37.98 10.60
C GLY A 289 -2.06 -37.24 11.23
N LEU A 290 -2.32 -36.43 12.25
CA LEU A 290 -1.22 -35.77 12.95
C LEU A 290 -0.31 -36.78 13.63
N GLU A 291 -0.86 -37.91 14.08
CA GLU A 291 0.00 -38.89 14.73
C GLU A 291 1.06 -39.39 13.74
N ALA A 292 0.66 -39.73 12.52
CA ALA A 292 1.55 -40.34 11.52
C ALA A 292 2.69 -39.42 11.11
N VAL A 293 2.44 -38.12 11.07
CA VAL A 293 3.48 -37.13 10.84
C VAL A 293 4.40 -37.01 12.07
N ASN A 294 3.77 -36.81 13.22
CA ASN A 294 4.45 -36.66 14.50
C ASN A 294 5.38 -37.84 14.89
N LYS A 295 5.00 -39.06 14.52
CA LYS A 295 5.83 -40.26 14.73
C LYS A 295 7.14 -40.16 13.96
N ASP A 296 7.09 -39.46 12.82
CA ASP A 296 8.25 -39.19 12.00
C ASP A 296 9.04 -38.03 12.61
N LYS A 297 8.47 -36.84 12.55
CA LYS A 297 9.10 -35.63 13.07
C LYS A 297 8.09 -34.90 13.96
N PRO A 298 8.40 -34.77 15.25
CA PRO A 298 7.45 -34.13 16.17
C PRO A 298 7.01 -32.75 15.70
N LEU A 299 5.70 -32.50 15.71
CA LEU A 299 5.11 -31.27 15.19
C LEU A 299 5.16 -30.13 16.20
N GLY A 300 5.17 -30.49 17.48
CA GLY A 300 5.14 -29.53 18.55
C GLY A 300 3.80 -29.61 19.23
N ALA A 301 3.28 -28.45 19.61
CA ALA A 301 1.92 -28.29 20.11
C ALA A 301 0.91 -28.18 18.96
N VAL A 302 0.13 -29.24 18.71
CA VAL A 302 -0.71 -29.25 17.50
C VAL A 302 -1.91 -28.32 17.62
N ALA A 303 -2.54 -28.03 16.49
CA ALA A 303 -3.68 -27.11 16.44
C ALA A 303 -4.98 -27.86 16.78
N LEU A 304 -4.96 -29.18 16.58
CA LEU A 304 -6.12 -30.01 16.83
C LEU A 304 -6.24 -30.34 18.32
N LYS A 305 -7.17 -29.65 18.98
CA LYS A 305 -7.45 -29.80 20.40
C LYS A 305 -7.37 -31.26 20.88
N SER A 306 -8.07 -32.12 20.16
CA SER A 306 -8.16 -33.53 20.46
C SER A 306 -6.78 -34.11 20.75
N TYR A 307 -5.90 -34.01 19.76
CA TYR A 307 -4.58 -34.63 19.82
C TYR A 307 -3.58 -33.74 20.55
N GLU A 308 -3.87 -32.45 20.67
CA GLU A 308 -3.07 -31.59 21.54
C GLU A 308 -3.25 -31.98 23.00
N GLU A 309 -4.49 -32.26 23.40
CA GLU A 309 -4.78 -32.70 24.77
C GLU A 309 -4.10 -34.03 25.09
N GLU A 310 -3.98 -34.91 24.10
CA GLU A 310 -3.40 -36.24 24.30
C GLU A 310 -1.88 -36.21 24.44
N LEU A 311 -1.24 -35.14 23.97
CA LEU A 311 0.22 -35.04 23.99
C LEU A 311 0.76 -34.03 24.98
N ALA A 312 -0.09 -33.16 25.51
CA ALA A 312 0.39 -31.96 26.21
C ALA A 312 1.17 -32.26 27.49
N LYS A 313 1.20 -33.52 27.90
CA LYS A 313 1.87 -33.86 29.14
C LYS A 313 3.33 -34.25 28.90
N ASP A 314 3.75 -34.19 27.63
CA ASP A 314 5.15 -34.35 27.26
C ASP A 314 5.91 -33.15 27.79
N PRO A 315 6.94 -33.38 28.61
CA PRO A 315 7.70 -32.24 29.13
C PRO A 315 8.42 -31.48 28.03
N ARG A 316 8.56 -32.08 26.85
CA ARG A 316 9.23 -31.40 25.73
C ARG A 316 8.25 -30.41 25.13
N ILE A 317 6.96 -30.74 25.18
CA ILE A 317 5.95 -29.84 24.64
C ILE A 317 5.62 -28.75 25.67
N ALA A 318 5.37 -29.11 26.92
CA ALA A 318 5.25 -28.12 28.00
C ALA A 318 6.35 -27.04 27.91
N ALA A 319 7.60 -27.48 27.81
CA ALA A 319 8.72 -26.56 27.65
C ALA A 319 8.60 -25.72 26.37
N THR A 320 8.12 -26.33 25.29
CA THR A 320 7.87 -25.63 24.04
C THR A 320 6.82 -24.53 24.25
N MET A 321 5.79 -24.88 25.03
CA MET A 321 4.71 -23.94 25.34
C MET A 321 5.19 -22.83 26.23
N GLU A 322 6.16 -23.14 27.09
CA GLU A 322 6.66 -22.14 28.02
C GLU A 322 7.44 -21.08 27.31
N ASN A 323 8.39 -21.52 26.51
CA ASN A 323 9.14 -20.62 25.67
C ASN A 323 8.27 -19.83 24.69
N ALA A 324 7.19 -20.45 24.20
CA ALA A 324 6.34 -19.72 23.25
C ALA A 324 5.57 -18.60 23.93
N GLN A 325 5.20 -18.77 25.20
CA GLN A 325 4.56 -17.72 26.00
C GLN A 325 5.52 -16.57 26.34
N LYS A 326 6.76 -16.94 26.59
CA LYS A 326 7.79 -15.96 26.86
C LYS A 326 8.15 -15.19 25.60
N GLY A 327 7.93 -15.82 24.44
CA GLY A 327 8.12 -15.15 23.16
C GLY A 327 6.84 -14.54 22.59
N GLU A 328 6.90 -14.15 21.32
CA GLU A 328 5.76 -13.56 20.65
C GLU A 328 5.48 -14.24 19.30
N ILE A 329 4.19 -14.34 18.96
CA ILE A 329 3.85 -14.97 17.70
C ILE A 329 4.22 -14.07 16.52
N MET A 330 4.63 -14.68 15.42
CA MET A 330 5.02 -13.91 14.25
C MET A 330 3.77 -13.38 13.59
N PRO A 331 3.86 -12.19 13.02
CA PRO A 331 2.80 -11.69 12.15
C PRO A 331 2.90 -12.40 10.81
N ASN A 332 1.80 -12.49 10.05
CA ASN A 332 1.86 -13.11 8.74
C ASN A 332 1.98 -12.06 7.61
N ILE A 333 2.11 -10.79 7.98
CA ILE A 333 2.14 -9.73 6.99
C ILE A 333 3.25 -9.95 5.97
N PRO A 334 3.07 -9.44 4.75
CA PRO A 334 4.09 -9.75 3.74
C PRO A 334 5.44 -9.06 3.99
N GLN A 335 5.45 -8.15 4.96
CA GLN A 335 6.68 -7.48 5.36
C GLN A 335 7.60 -8.42 6.14
N MET A 336 7.04 -9.51 6.67
CA MET A 336 7.84 -10.47 7.41
C MET A 336 9.03 -10.92 6.59
N SER A 337 8.81 -11.08 5.29
CA SER A 337 9.82 -11.69 4.45
C SER A 337 11.07 -10.83 4.33
N ALA A 338 10.92 -9.53 4.09
CA ALA A 338 12.10 -8.68 3.99
C ALA A 338 12.73 -8.45 5.36
N PHE A 339 11.95 -8.60 6.42
CA PHE A 339 12.49 -8.45 7.77
C PHE A 339 13.58 -9.49 7.96
N TRP A 340 13.23 -10.75 7.71
CA TRP A 340 14.17 -11.87 7.85
C TRP A 340 15.44 -11.74 7.02
N TYR A 341 15.31 -11.31 5.76
CA TYR A 341 16.46 -11.07 4.90
C TYR A 341 17.39 -10.05 5.50
N ALA A 342 16.80 -8.97 6.04
CA ALA A 342 17.57 -7.88 6.59
C ALA A 342 18.42 -8.31 7.80
N VAL A 343 17.84 -9.12 8.69
CA VAL A 343 18.51 -9.58 9.89
C VAL A 343 19.48 -10.72 9.58
N ARG A 344 19.11 -11.55 8.60
CA ARG A 344 19.97 -12.63 8.11
C ARG A 344 21.34 -12.08 7.70
N THR A 345 21.37 -11.01 6.91
CA THR A 345 22.65 -10.45 6.55
C THR A 345 23.26 -9.75 7.77
N ALA A 346 22.47 -8.99 8.55
CA ALA A 346 22.98 -8.36 9.78
C ALA A 346 23.74 -9.33 10.69
N VAL A 347 23.17 -10.51 10.89
CA VAL A 347 23.80 -11.48 11.78
C VAL A 347 25.05 -12.09 11.13
N ILE A 348 24.88 -12.70 9.95
CA ILE A 348 25.98 -13.27 9.16
C ILE A 348 27.21 -12.33 9.04
N ASN A 349 27.00 -11.04 8.84
CA ASN A 349 28.11 -10.08 8.83
C ASN A 349 28.74 -9.79 10.19
N ALA A 350 27.93 -9.69 11.25
CA ALA A 350 28.46 -9.33 12.56
C ALA A 350 29.23 -10.51 13.16
N ALA A 351 28.73 -11.71 12.90
CA ALA A 351 29.38 -12.95 13.34
C ALA A 351 30.70 -13.26 12.61
N SER A 352 30.77 -12.89 11.32
CA SER A 352 31.97 -13.06 10.50
C SER A 352 32.98 -11.91 10.71
N GLY A 353 32.49 -10.80 11.23
CA GLY A 353 33.34 -9.68 11.57
C GLY A 353 33.50 -8.67 10.46
N ARG A 354 32.74 -8.87 9.37
CA ARG A 354 32.74 -7.96 8.21
C ARG A 354 32.29 -6.54 8.61
N GLN A 355 31.13 -6.45 9.26
CA GLN A 355 30.66 -5.18 9.84
C GLN A 355 30.65 -5.31 11.35
N THR A 356 30.58 -4.19 12.05
CA THR A 356 30.44 -4.25 13.49
C THR A 356 29.00 -4.63 13.77
N VAL A 357 28.66 -4.87 15.03
CA VAL A 357 27.28 -5.16 15.35
C VAL A 357 26.43 -3.89 15.14
N ASP A 358 27.05 -2.75 15.46
CA ASP A 358 26.39 -1.46 15.41
C ASP A 358 26.07 -0.97 13.99
N GLU A 359 26.75 -1.49 12.99
CA GLU A 359 26.44 -1.10 11.62
C GLU A 359 25.60 -2.16 10.90
N ALA A 360 25.89 -3.43 11.15
CA ALA A 360 25.09 -4.49 10.57
C ALA A 360 23.60 -4.24 10.85
N LEU A 361 23.30 -3.97 12.11
CA LEU A 361 21.92 -3.72 12.53
C LEU A 361 21.39 -2.40 12.01
N ALA A 362 22.27 -1.41 11.90
CA ALA A 362 21.86 -0.13 11.32
C ALA A 362 21.44 -0.33 9.85
N ALA A 363 22.23 -1.10 9.13
CA ALA A 363 21.96 -1.37 7.73
C ALA A 363 20.66 -2.13 7.62
N ALA A 364 20.45 -3.11 8.50
CA ALA A 364 19.25 -3.93 8.38
C ALA A 364 18.00 -3.08 8.63
N GLN A 365 18.06 -2.17 9.58
CA GLN A 365 16.89 -1.30 9.86
C GLN A 365 16.55 -0.42 8.66
N THR A 366 17.57 0.19 8.08
CA THR A 366 17.42 1.13 7.00
C THR A 366 16.88 0.44 5.75
N ASN A 367 17.45 -0.71 5.44
CA ASN A 367 17.16 -1.39 4.19
C ASN A 367 15.83 -2.10 4.26
N ALA A 368 15.44 -2.45 5.48
CA ALA A 368 14.18 -3.12 5.66
C ALA A 368 13.08 -2.07 5.72
N ALA A 369 13.42 -0.88 6.18
CA ALA A 369 12.47 0.24 6.15
C ALA A 369 12.09 0.59 4.71
N ALA A 370 13.10 0.69 3.83
CA ALA A 370 12.88 1.01 2.41
C ALA A 370 11.99 -0.01 1.70
N GLU A 371 12.08 -1.27 2.11
CA GLU A 371 11.21 -2.27 1.52
C GLU A 371 9.85 -2.23 2.17
N PHE A 372 9.83 -1.91 3.46
CA PHE A 372 8.59 -1.84 4.24
C PHE A 372 7.74 -0.71 3.68
N ALA A 373 8.41 0.26 3.08
CA ALA A 373 7.74 1.38 2.44
C ALA A 373 7.12 0.95 1.12
N GLU A 374 7.94 0.43 0.20
CA GLU A 374 7.43 -0.03 -1.07
C GLU A 374 6.32 -1.09 -0.93
N ALA A 375 6.39 -1.87 0.14
CA ALA A 375 5.39 -2.89 0.41
C ALA A 375 4.07 -2.25 0.81
N ALA A 376 4.16 -1.21 1.64
CA ALA A 376 3.01 -0.40 2.04
C ALA A 376 2.31 0.19 0.82
N LEU A 377 3.11 0.83 -0.03
CA LEU A 377 2.62 1.40 -1.28
C LEU A 377 1.87 0.38 -2.15
N GLU A 378 2.46 -0.79 -2.35
CA GLU A 378 1.80 -1.82 -3.14
C GLU A 378 0.50 -2.28 -2.49
N ALA A 379 0.40 -2.19 -1.18
CA ALA A 379 -0.82 -2.60 -0.51
C ALA A 379 -1.92 -1.57 -0.77
N VAL A 380 -1.49 -0.31 -0.80
CA VAL A 380 -2.37 0.80 -1.11
C VAL A 380 -2.84 0.69 -2.57
N ARG A 381 -1.89 0.52 -3.49
CA ARG A 381 -2.22 0.27 -4.89
C ARG A 381 -3.33 -0.77 -5.07
N ARG A 382 -3.19 -1.95 -4.46
CA ARG A 382 -4.20 -3.00 -4.63
C ARG A 382 -5.58 -2.59 -4.09
N ALA A 383 -5.60 -2.02 -2.88
CA ALA A 383 -6.83 -1.48 -2.32
C ALA A 383 -7.56 -0.60 -3.33
N LEU A 384 -6.81 0.25 -4.02
CA LEU A 384 -7.35 1.18 -5.01
C LEU A 384 -7.68 0.48 -6.30
N GLN A 385 -7.00 -0.63 -6.57
CA GLN A 385 -7.23 -1.33 -7.82
C GLN A 385 -8.36 -2.37 -7.70
N GLU A 386 -8.56 -2.91 -6.49
CA GLU A 386 -9.69 -3.83 -6.26
C GLU A 386 -10.98 -3.08 -5.93
N PHE A 387 -10.85 -1.79 -5.60
CA PHE A 387 -12.00 -0.96 -5.26
C PHE A 387 -13.05 -0.84 -6.40
N PRO A 388 -12.62 -0.49 -7.64
CA PRO A 388 -13.59 -0.27 -8.73
C PRO A 388 -14.51 -1.47 -9.00
N ALA A 389 -13.99 -2.69 -8.93
CA ALA A 389 -14.81 -3.87 -9.17
C ALA A 389 -15.67 -4.13 -7.95
N ALA A 390 -15.11 -3.86 -6.77
CA ALA A 390 -15.84 -3.96 -5.51
C ALA A 390 -17.08 -3.06 -5.50
N ALA A 391 -16.91 -1.83 -5.97
CA ALA A 391 -18.01 -0.88 -5.99
C ALA A 391 -19.16 -1.31 -6.89
N ARG A 392 -18.87 -1.60 -8.16
CA ARG A 392 -19.93 -1.81 -9.14
C ARG A 392 -20.65 -3.13 -8.88
N ASP A 393 -19.93 -4.09 -8.31
CA ASP A 393 -20.56 -5.29 -7.78
C ASP A 393 -21.69 -4.94 -6.80
N LEU A 394 -21.50 -3.87 -6.01
CA LEU A 394 -22.45 -3.52 -4.95
C LEU A 394 -23.50 -2.47 -5.34
N ASN A 395 -23.10 -1.32 -5.86
CA ASN A 395 -24.15 -0.41 -6.28
C ASN A 395 -24.39 -0.24 -7.78
N VAL A 396 -23.32 -0.14 -8.58
CA VAL A 396 -23.43 0.37 -9.97
C VAL A 396 -23.77 -0.65 -11.06
N PRO A 397 -25.02 -0.61 -11.58
CA PRO A 397 -25.49 -1.67 -12.47
C PRO A 397 -24.82 -1.49 -13.81
N ARG A 398 -24.75 -2.55 -14.62
CA ARG A 398 -23.98 -2.50 -15.84
C ARG A 398 -24.75 -1.86 -17.01
N VAL A 399 -26.02 -1.56 -16.78
CA VAL A 399 -26.82 -0.91 -17.81
C VAL A 399 -27.48 0.34 -17.25
N VAL A 400 -27.90 1.22 -18.15
CA VAL A 400 -28.65 2.37 -17.73
C VAL A 400 -30.10 1.94 -17.89
N PRO A 401 -30.81 1.81 -16.77
CA PRO A 401 -32.16 1.27 -16.71
C PRO A 401 -33.15 2.33 -17.09
N TYR A 402 -34.32 1.94 -17.58
CA TYR A 402 -35.28 2.93 -18.01
C TYR A 402 -36.39 3.02 -16.98
N LEU A 403 -36.92 4.23 -16.76
CA LEU A 403 -38.18 4.42 -16.06
C LEU A 403 -39.22 4.70 -17.15
N ASP A 404 -40.47 4.27 -16.92
CA ASP A 404 -41.50 4.39 -17.95
C ASP A 404 -42.27 5.71 -17.78
N GLU A 405 -42.16 6.30 -16.60
CA GLU A 405 -42.67 7.64 -16.33
C GLU A 405 -41.80 8.36 -15.29
N PRO A 406 -41.92 9.67 -15.17
CA PRO A 406 -41.19 10.40 -14.13
C PRO A 406 -41.41 9.84 -12.71
N PRO A 407 -40.32 9.74 -11.93
CA PRO A 407 -40.40 9.28 -10.53
C PRO A 407 -40.90 10.38 -9.62
N SER A 408 -41.38 10.01 -8.44
CA SER A 408 -41.63 10.97 -7.37
C SER A 408 -40.31 11.58 -6.93
N PRO A 409 -40.33 12.84 -6.51
CA PRO A 409 -39.06 13.42 -6.03
C PRO A 409 -38.38 12.50 -5.01
N LEU A 410 -39.13 11.96 -4.04
CA LEU A 410 -38.54 11.01 -3.08
C LEU A 410 -37.86 9.83 -3.78
N CYS A 411 -38.60 9.17 -4.68
CA CYS A 411 -38.07 7.99 -5.35
C CYS A 411 -36.89 8.32 -6.25
N PHE A 412 -36.93 9.48 -6.91
CA PHE A 412 -35.80 9.93 -7.71
C PHE A 412 -34.55 10.08 -6.84
N TYR A 413 -34.68 10.65 -5.64
CA TYR A 413 -33.53 10.84 -4.75
C TYR A 413 -33.09 9.52 -4.14
N ARG A 414 -34.04 8.69 -3.70
CA ARG A 414 -33.62 7.47 -3.02
C ARG A 414 -33.08 6.44 -4.01
N ASP A 415 -33.59 6.42 -5.25
CA ASP A 415 -33.21 5.37 -6.18
C ASP A 415 -32.04 5.71 -7.09
N TRP A 416 -31.80 7.00 -7.34
CA TRP A 416 -30.80 7.43 -8.32
C TRP A 416 -29.83 8.49 -7.83
N VAL A 417 -30.32 9.58 -7.25
CA VAL A 417 -29.40 10.66 -6.96
C VAL A 417 -28.45 10.33 -5.81
N CYS A 418 -28.99 9.79 -4.72
CA CYS A 418 -28.12 9.43 -3.62
C CYS A 418 -27.18 8.25 -3.93
N PRO A 419 -27.68 7.16 -4.54
CA PRO A 419 -26.76 6.08 -4.87
C PRO A 419 -25.90 6.42 -6.11
N ASN A 420 -26.18 7.58 -6.72
CA ASN A 420 -25.31 8.14 -7.75
C ASN A 420 -25.31 7.28 -9.04
N ARG A 421 -26.42 6.62 -9.34
CA ARG A 421 -26.53 5.85 -10.59
C ARG A 421 -27.47 6.53 -11.60
N PRO A 422 -27.14 6.43 -12.89
CA PRO A 422 -27.90 7.10 -13.94
C PRO A 422 -29.15 6.32 -14.31
N CYS A 423 -30.08 6.96 -15.01
CA CYS A 423 -31.23 6.29 -15.62
C CYS A 423 -31.80 7.09 -16.76
N ILE A 424 -32.56 6.43 -17.62
CA ILE A 424 -33.29 7.14 -18.67
C ILE A 424 -34.77 7.20 -18.30
N ILE A 425 -35.32 8.40 -18.21
CA ILE A 425 -36.72 8.58 -17.89
C ILE A 425 -37.53 8.77 -19.16
N ARG A 426 -38.63 8.02 -19.26
CA ARG A 426 -39.46 8.13 -20.44
C ARG A 426 -40.75 8.89 -20.17
N ASN A 427 -41.35 9.37 -21.25
CA ASN A 427 -42.64 10.04 -21.20
C ASN A 427 -42.58 11.23 -20.25
N ALA A 428 -41.48 11.95 -20.30
CA ALA A 428 -41.33 13.08 -19.41
C ALA A 428 -41.27 14.39 -20.18
N LEU A 429 -41.10 14.30 -21.50
CA LEU A 429 -40.96 15.49 -22.33
C LEU A 429 -42.16 15.68 -23.27
N GLN A 430 -43.17 14.81 -23.15
CA GLN A 430 -44.30 14.83 -24.08
C GLN A 430 -45.15 16.07 -23.98
N HIS A 431 -45.04 16.80 -22.88
CA HIS A 431 -45.69 18.09 -22.78
C HIS A 431 -44.85 19.22 -23.42
N TRP A 432 -43.70 18.88 -23.99
CA TRP A 432 -42.91 19.90 -24.67
C TRP A 432 -43.41 20.06 -26.10
N PRO A 433 -43.81 21.28 -26.45
CA PRO A 433 -44.11 21.49 -27.86
C PRO A 433 -42.87 21.32 -28.74
N ALA A 434 -41.67 21.46 -28.15
CA ALA A 434 -40.45 21.28 -28.91
C ALA A 434 -40.48 19.98 -29.69
N LEU A 435 -41.02 18.94 -29.06
CA LEU A 435 -41.00 17.59 -29.62
C LEU A 435 -41.68 17.51 -30.99
N GLN A 436 -42.74 18.29 -31.17
CA GLN A 436 -43.38 18.38 -32.47
C GLN A 436 -42.82 19.50 -33.34
N LYS A 437 -42.58 20.67 -32.76
CA LYS A 437 -42.20 21.84 -33.53
C LYS A 437 -40.74 21.88 -34.01
N TRP A 438 -39.80 21.48 -33.18
CA TRP A 438 -38.39 21.76 -33.48
C TRP A 438 -37.82 20.98 -34.67
N SER A 439 -38.06 21.52 -35.87
CA SER A 439 -37.44 21.07 -37.11
C SER A 439 -36.33 22.02 -37.50
N LEU A 440 -35.33 21.55 -38.24
CA LEU A 440 -34.30 22.47 -38.75
C LEU A 440 -34.93 23.52 -39.70
N SER A 441 -36.23 23.40 -39.94
CA SER A 441 -36.99 24.37 -40.72
C SER A 441 -37.74 25.34 -39.82
N TYR A 442 -38.30 24.84 -38.73
CA TYR A 442 -38.97 25.71 -37.77
C TYR A 442 -37.95 26.53 -36.97
N LEU A 443 -36.79 25.93 -36.71
CA LEU A 443 -35.73 26.65 -36.02
C LEU A 443 -35.23 27.77 -36.90
N ARG A 444 -35.31 27.57 -38.21
CA ARG A 444 -34.78 28.57 -39.11
C ARG A 444 -35.75 29.74 -39.26
N ALA A 445 -37.05 29.46 -39.11
CA ALA A 445 -38.06 30.51 -39.15
C ALA A 445 -38.18 31.23 -37.80
N THR A 446 -37.67 30.62 -36.74
CA THR A 446 -37.86 31.13 -35.39
C THR A 446 -36.64 31.86 -34.83
N VAL A 447 -35.46 31.30 -35.02
CA VAL A 447 -34.24 31.94 -34.51
C VAL A 447 -33.10 32.00 -35.52
N GLY A 448 -33.45 31.91 -36.81
CA GLY A 448 -32.46 31.89 -37.89
C GLY A 448 -31.51 33.08 -37.94
N SER A 449 -31.98 34.24 -37.50
CA SER A 449 -31.17 35.44 -37.54
C SER A 449 -30.44 35.67 -36.24
N THR A 450 -30.83 34.94 -35.20
CA THR A 450 -30.24 35.13 -33.87
C THR A 450 -28.78 34.70 -33.85
N GLU A 451 -27.92 35.61 -33.41
CA GLU A 451 -26.49 35.35 -33.44
C GLU A 451 -26.08 34.60 -32.18
N VAL A 452 -25.45 33.46 -32.37
CA VAL A 452 -25.00 32.69 -31.24
C VAL A 452 -23.51 32.49 -31.31
N SER A 453 -22.98 32.07 -30.17
CA SER A 453 -21.60 31.74 -30.00
C SER A 453 -21.50 30.28 -30.43
N VAL A 454 -20.73 30.02 -31.50
CA VAL A 454 -20.62 28.67 -32.04
C VAL A 454 -19.23 28.09 -31.89
N ALA A 455 -19.16 26.81 -31.54
CA ALA A 455 -17.89 26.12 -31.29
C ALA A 455 -17.26 25.58 -32.56
N VAL A 456 -16.06 26.04 -32.88
CA VAL A 456 -15.43 25.54 -34.08
C VAL A 456 -14.19 24.80 -33.69
N THR A 457 -13.97 23.67 -34.33
CA THR A 457 -12.85 22.81 -34.05
C THR A 457 -12.48 22.13 -35.37
N PRO A 458 -11.20 21.82 -35.58
CA PRO A 458 -10.75 21.19 -36.84
C PRO A 458 -11.19 19.73 -37.05
N ASP A 459 -11.22 18.93 -35.98
CA ASP A 459 -11.49 17.50 -36.07
C ASP A 459 -12.78 17.07 -35.37
N GLY A 460 -13.52 18.03 -34.80
CA GLY A 460 -14.74 17.73 -34.08
C GLY A 460 -14.56 17.53 -32.58
N TYR A 461 -13.30 17.42 -32.12
CA TYR A 461 -13.02 17.24 -30.70
C TYR A 461 -12.78 18.55 -29.95
N ALA A 462 -13.84 19.11 -29.37
CA ALA A 462 -13.66 20.24 -28.45
C ALA A 462 -13.11 19.71 -27.14
N ASP A 463 -12.44 20.59 -26.40
CA ASP A 463 -11.83 20.29 -25.10
C ASP A 463 -11.22 18.88 -25.06
N ALA A 464 -10.07 18.73 -25.70
CA ALA A 464 -9.41 17.44 -25.77
C ALA A 464 -7.93 17.67 -25.59
N VAL A 465 -7.16 16.66 -25.25
CA VAL A 465 -5.73 16.89 -25.20
C VAL A 465 -5.22 16.56 -26.59
N ARG A 466 -4.52 17.54 -27.16
CA ARG A 466 -3.83 17.40 -28.43
C ARG A 466 -2.35 17.59 -28.15
N GLY A 467 -1.62 16.50 -28.33
CA GLY A 467 -0.20 16.46 -27.99
C GLY A 467 0.08 16.88 -26.56
N ASP A 468 0.76 18.02 -26.42
CA ASP A 468 1.23 18.46 -25.13
C ASP A 468 0.24 19.43 -24.52
N ARG A 469 -0.87 19.69 -25.21
CA ARG A 469 -1.80 20.73 -24.79
C ARG A 469 -3.22 20.25 -24.57
N PHE A 470 -3.92 20.87 -23.62
CA PHE A 470 -5.36 20.71 -23.51
C PHE A 470 -5.99 21.83 -24.31
N VAL A 471 -6.63 21.50 -25.42
CA VAL A 471 -7.04 22.55 -26.34
C VAL A 471 -8.53 22.79 -26.28
N MET A 472 -8.91 24.05 -26.20
CA MET A 472 -10.31 24.40 -26.19
C MET A 472 -10.72 24.84 -27.58
N PRO A 473 -12.03 24.79 -27.86
CA PRO A 473 -12.41 25.09 -29.23
C PRO A 473 -12.30 26.56 -29.58
N ALA A 474 -12.15 26.82 -30.88
CA ALA A 474 -12.29 28.15 -31.43
C ALA A 474 -13.72 28.64 -31.21
N GLU A 475 -13.90 29.95 -31.12
CA GLU A 475 -15.24 30.52 -31.00
C GLU A 475 -15.50 31.46 -32.17
N ARG A 476 -16.67 31.31 -32.78
CA ARG A 476 -17.07 32.20 -33.85
C ARG A 476 -18.54 32.56 -33.63
N ARG A 477 -18.89 33.81 -33.84
CA ARG A 477 -20.26 34.25 -33.64
C ARG A 477 -20.98 34.24 -34.98
N LEU A 478 -21.98 33.39 -35.09
CA LEU A 478 -22.71 33.22 -36.34
C LEU A 478 -24.20 33.29 -36.06
N PRO A 479 -24.99 33.60 -37.10
CA PRO A 479 -26.42 33.39 -36.88
C PRO A 479 -26.68 31.88 -36.91
N ILE A 480 -27.83 31.46 -36.39
CA ILE A 480 -28.16 30.05 -36.38
C ILE A 480 -28.42 29.54 -37.79
N SER A 481 -29.04 30.38 -38.61
CA SER A 481 -29.34 30.02 -39.99
C SER A 481 -28.13 29.58 -40.77
N HIS A 482 -26.98 30.17 -40.53
CA HIS A 482 -25.86 29.64 -41.28
C HIS A 482 -25.16 28.50 -40.51
N VAL A 483 -25.50 28.29 -39.23
CA VAL A 483 -25.15 27.02 -38.59
C VAL A 483 -25.93 25.89 -39.27
N LEU A 484 -27.22 26.12 -39.51
CA LEU A 484 -28.08 25.14 -40.17
C LEU A 484 -27.67 24.85 -41.62
N ASP A 485 -27.32 25.89 -42.36
CA ASP A 485 -26.80 25.73 -43.72
C ASP A 485 -25.63 24.75 -43.77
N VAL A 486 -24.61 24.98 -42.94
CA VAL A 486 -23.42 24.12 -42.88
C VAL A 486 -23.80 22.68 -42.51
N LEU A 487 -24.85 22.53 -41.69
CA LEU A 487 -25.29 21.21 -41.28
C LEU A 487 -26.06 20.46 -42.39
N GLU A 488 -26.89 21.18 -43.15
CA GLU A 488 -27.67 20.56 -44.23
C GLU A 488 -26.86 20.42 -45.51
N GLY A 489 -25.67 20.99 -45.52
CA GLY A 489 -24.83 20.89 -46.70
C GLY A 489 -24.91 22.11 -47.61
N ARG A 490 -25.88 22.99 -47.35
CA ARG A 490 -26.11 24.19 -48.16
C ARG A 490 -24.95 25.20 -48.16
N ALA A 491 -24.05 25.11 -47.17
CA ALA A 491 -22.92 26.04 -47.09
C ALA A 491 -21.66 25.34 -46.57
N GLN A 492 -20.54 26.06 -46.52
CA GLN A 492 -19.34 25.39 -46.05
C GLN A 492 -18.66 26.14 -44.92
N HIS A 493 -17.92 25.41 -44.10
CA HIS A 493 -17.27 26.03 -42.98
C HIS A 493 -15.98 25.30 -42.60
N PRO A 494 -14.96 26.07 -42.21
CA PRO A 494 -13.77 25.38 -41.72
C PRO A 494 -14.12 24.56 -40.49
N GLY A 495 -13.52 23.39 -40.38
CA GLY A 495 -13.71 22.52 -39.24
C GLY A 495 -15.09 21.92 -39.08
N VAL A 496 -15.44 21.71 -37.82
CA VAL A 496 -16.66 21.06 -37.40
C VAL A 496 -17.41 22.04 -36.50
N LEU A 497 -18.71 22.20 -36.73
CA LEU A 497 -19.53 23.11 -35.93
C LEU A 497 -20.39 22.39 -34.88
N TYR A 498 -20.74 23.13 -33.83
CA TYR A 498 -21.76 22.71 -32.86
C TYR A 498 -22.00 23.93 -31.97
N VAL A 499 -23.25 24.15 -31.54
CA VAL A 499 -23.54 25.31 -30.71
C VAL A 499 -23.02 25.13 -29.26
N GLN A 500 -22.38 26.20 -28.73
CA GLN A 500 -21.67 26.11 -27.46
C GLN A 500 -22.62 25.91 -26.29
N LYS A 501 -22.02 25.79 -25.12
CA LYS A 501 -22.68 25.30 -23.93
C LYS A 501 -22.56 26.29 -22.78
N CYS A 503 -25.75 28.36 -21.95
CA CYS A 503 -26.60 29.07 -21.00
C CYS A 503 -27.82 29.63 -21.70
N SER A 504 -27.89 29.35 -22.98
CA SER A 504 -29.03 29.67 -23.80
C SER A 504 -30.39 29.15 -23.33
N ASN A 505 -31.23 30.13 -23.02
CA ASN A 505 -32.70 30.08 -22.95
C ASN A 505 -33.20 30.83 -21.73
N LEU A 506 -32.38 31.81 -21.39
CA LEU A 506 -32.69 33.18 -21.72
C LEU A 506 -31.31 33.87 -21.71
N PRO A 507 -30.33 33.41 -20.86
CA PRO A 507 -29.05 34.15 -20.96
C PRO A 507 -28.08 33.87 -22.16
N THR A 508 -28.47 34.12 -23.42
CA THR A 508 -27.49 34.26 -24.52
C THR A 508 -27.66 35.58 -25.33
N GLU A 509 -28.88 36.04 -25.65
CA GLU A 509 -30.15 35.40 -25.33
C GLU A 509 -30.59 34.39 -26.38
N LEU A 510 -31.62 33.62 -26.07
CA LEU A 510 -32.25 32.83 -27.13
C LEU A 510 -33.72 32.46 -26.81
N PRO A 511 -34.48 33.46 -26.29
CA PRO A 511 -35.71 33.33 -25.50
C PRO A 511 -36.95 32.84 -26.25
N GLN A 512 -36.86 32.74 -27.57
CA GLN A 512 -38.03 32.40 -28.35
C GLN A 512 -38.33 30.91 -28.28
N LEU A 513 -37.39 30.14 -27.73
CA LEU A 513 -37.60 28.71 -27.64
C LEU A 513 -38.06 28.30 -26.27
N LEU A 514 -37.82 29.16 -25.27
CA LEU A 514 -38.10 28.78 -23.89
C LEU A 514 -39.57 28.43 -23.72
N SER A 515 -40.41 29.06 -24.51
CA SER A 515 -41.83 28.78 -24.49
C SER A 515 -42.15 27.39 -25.07
N ASP A 516 -41.22 26.82 -25.82
CA ASP A 516 -41.39 25.49 -26.39
C ASP A 516 -40.90 24.40 -25.43
N ILE A 517 -40.33 24.84 -24.30
CA ILE A 517 -39.76 23.92 -23.32
C ILE A 517 -40.21 24.32 -21.92
N GLU A 518 -39.40 23.97 -20.92
CA GLU A 518 -39.59 24.42 -19.56
C GLU A 518 -38.30 25.07 -19.09
N SER A 519 -38.38 25.93 -18.07
CA SER A 519 -37.16 26.55 -17.57
C SER A 519 -36.40 25.60 -16.63
N HIS A 520 -37.07 24.55 -16.15
CA HIS A 520 -36.45 23.54 -15.29
C HIS A 520 -37.28 22.28 -15.31
N VAL A 521 -36.74 21.17 -14.81
CA VAL A 521 -37.55 19.97 -14.61
C VAL A 521 -38.11 19.94 -13.18
N PRO A 522 -39.41 20.25 -13.03
CA PRO A 522 -40.02 20.54 -11.72
C PRO A 522 -39.92 19.39 -10.69
N TRP A 523 -40.06 18.14 -11.13
CA TRP A 523 -39.97 17.02 -10.22
C TRP A 523 -38.53 16.77 -9.82
N ALA A 524 -37.62 17.23 -10.67
CA ALA A 524 -36.20 17.12 -10.39
C ALA A 524 -35.79 18.24 -9.45
N SER A 525 -36.29 19.44 -9.73
CA SER A 525 -36.00 20.60 -8.92
C SER A 525 -36.51 20.45 -7.49
N GLU A 526 -37.75 19.96 -7.31
CA GLU A 526 -38.28 19.68 -5.98
C GLU A 526 -37.47 18.57 -5.28
N SER A 527 -36.86 17.68 -6.06
CA SER A 527 -36.11 16.58 -5.47
C SER A 527 -34.73 17.05 -5.00
N LEU A 528 -34.05 17.83 -5.83
CA LEU A 528 -32.72 18.32 -5.48
C LEU A 528 -32.78 19.57 -4.60
N GLY A 529 -33.98 20.11 -4.44
CA GLY A 529 -34.20 21.26 -3.58
C GLY A 529 -33.55 22.52 -4.12
N LYS A 530 -33.60 22.71 -5.43
CA LYS A 530 -32.91 23.84 -6.03
C LYS A 530 -33.21 23.89 -7.51
N MET A 531 -33.05 25.09 -8.06
CA MET A 531 -33.28 25.33 -9.49
C MET A 531 -32.00 25.01 -10.24
N PRO A 532 -32.10 24.77 -11.55
CA PRO A 532 -30.85 24.55 -12.28
C PRO A 532 -30.00 25.80 -12.26
N ASP A 533 -28.69 25.61 -12.30
CA ASP A 533 -27.78 26.71 -12.45
C ASP A 533 -27.80 27.19 -13.89
N ALA A 534 -27.91 26.25 -14.83
CA ALA A 534 -28.02 26.60 -16.25
C ALA A 534 -29.02 25.72 -17.04
N VAL A 535 -29.54 26.28 -18.11
CA VAL A 535 -30.34 25.57 -19.10
C VAL A 535 -29.67 25.81 -20.43
N ASN A 536 -29.17 24.76 -21.08
CA ASN A 536 -28.42 24.91 -22.34
C ASN A 536 -29.15 24.37 -23.55
N PHE A 537 -28.99 25.02 -24.69
CA PHE A 537 -29.57 24.51 -25.94
C PHE A 537 -28.49 23.87 -26.78
N TRP A 538 -28.68 22.63 -27.22
CA TRP A 538 -27.59 21.97 -27.93
C TRP A 538 -27.99 21.49 -29.32
N LEU A 539 -27.19 21.93 -30.29
CA LEU A 539 -27.34 21.63 -31.68
C LEU A 539 -25.96 21.39 -32.26
N GLY A 540 -25.80 20.37 -33.12
CA GLY A 540 -24.50 20.18 -33.73
C GLY A 540 -24.24 19.15 -34.82
N ASP A 541 -23.02 19.16 -35.34
CA ASP A 541 -22.56 18.21 -36.35
C ASP A 541 -22.45 16.80 -35.77
N ALA A 542 -22.51 15.79 -36.62
CA ALA A 542 -22.38 14.40 -36.16
C ALA A 542 -20.94 14.01 -35.93
N SER A 543 -20.02 14.95 -36.20
CA SER A 543 -18.59 14.68 -36.01
C SER A 543 -18.06 15.32 -34.74
N ALA A 544 -18.93 16.06 -34.04
CA ALA A 544 -18.60 16.65 -32.75
C ALA A 544 -18.57 15.54 -31.70
N VAL A 545 -17.40 15.28 -31.15
CA VAL A 545 -17.26 14.27 -30.11
C VAL A 545 -16.75 14.92 -28.84
N THR A 546 -17.61 15.05 -27.83
CA THR A 546 -17.13 15.63 -26.59
C THR A 546 -16.34 14.52 -25.89
N SER A 547 -15.07 14.81 -25.53
CA SER A 547 -14.19 13.76 -24.98
C SER A 547 -14.54 13.40 -23.53
N LEU A 548 -13.85 12.38 -23.02
CA LEU A 548 -14.16 11.78 -21.72
C LEU A 548 -13.80 12.72 -20.59
N HIS A 549 -14.82 13.17 -19.86
CA HIS A 549 -14.61 14.06 -18.72
C HIS A 549 -15.70 13.84 -17.69
N LYS A 550 -15.61 14.55 -16.57
CA LYS A 550 -16.68 14.50 -15.57
C LYS A 550 -17.06 15.89 -15.10
N ASP A 551 -18.33 16.05 -14.70
CA ASP A 551 -18.87 17.35 -14.27
C ASP A 551 -19.28 17.35 -12.79
N HIS A 552 -19.24 18.53 -12.19
CA HIS A 552 -19.62 18.73 -10.78
C HIS A 552 -21.07 19.17 -10.70
N TYR A 553 -21.90 18.55 -11.54
CA TYR A 553 -23.30 18.95 -11.72
C TYR A 553 -24.22 17.75 -11.84
N GLU A 554 -25.44 17.85 -11.33
CA GLU A 554 -26.45 16.88 -11.69
C GLU A 554 -27.01 17.31 -13.04
N ASN A 555 -26.67 16.56 -14.08
CA ASN A 555 -27.09 16.88 -15.45
C ASN A 555 -28.30 16.03 -15.89
N LEU A 556 -29.38 16.72 -16.25
CA LEU A 556 -30.51 16.09 -16.95
C LEU A 556 -30.45 16.34 -18.45
N TYR A 557 -29.98 15.34 -19.17
CA TYR A 557 -29.85 15.44 -20.61
C TYR A 557 -31.14 15.06 -21.34
N CYS A 558 -31.82 16.06 -21.88
CA CYS A 558 -33.05 15.85 -22.64
C CYS A 558 -32.82 15.91 -24.15
N VAL A 559 -33.28 14.89 -24.87
CA VAL A 559 -33.13 14.91 -26.34
C VAL A 559 -34.47 15.16 -27.02
N VAL A 560 -34.47 16.15 -27.92
CA VAL A 560 -35.69 16.58 -28.60
C VAL A 560 -35.82 15.98 -30.01
N SER A 561 -34.70 15.94 -30.71
CA SER A 561 -34.61 15.32 -32.01
C SER A 561 -33.24 14.65 -32.16
N GLY A 562 -33.23 13.44 -32.73
CA GLY A 562 -31.97 12.76 -32.98
C GLY A 562 -31.64 11.77 -31.87
N GLU A 563 -30.38 11.40 -31.82
CA GLU A 563 -29.89 10.49 -30.78
C GLU A 563 -28.61 10.99 -30.13
N LYS A 564 -28.37 10.55 -28.90
CA LYS A 564 -27.16 10.89 -28.18
C LYS A 564 -26.55 9.61 -27.68
N HIS A 565 -25.27 9.41 -27.98
CA HIS A 565 -24.62 8.18 -27.58
C HIS A 565 -23.60 8.46 -26.50
N PHE A 566 -23.88 7.94 -25.31
CA PHE A 566 -23.01 8.16 -24.15
C PHE A 566 -22.17 6.91 -23.83
N LEU A 567 -20.96 7.16 -23.37
CA LEU A 567 -20.07 6.14 -22.84
C LEU A 567 -19.74 6.61 -21.41
N LEU A 568 -20.30 5.94 -20.41
CA LEU A 568 -20.13 6.38 -19.03
C LEU A 568 -19.15 5.52 -18.21
N HIS A 569 -18.54 6.13 -17.21
CA HIS A 569 -17.75 5.42 -16.20
C HIS A 569 -18.09 6.03 -14.86
N PRO A 570 -18.50 5.20 -13.89
CA PRO A 570 -18.74 5.64 -12.51
C PRO A 570 -17.50 6.27 -11.92
N PRO A 571 -17.67 7.18 -10.94
CA PRO A 571 -16.54 7.83 -10.29
C PRO A 571 -15.60 6.79 -9.71
N SER A 572 -16.16 5.64 -9.39
CA SER A 572 -15.42 4.50 -8.87
C SER A 572 -14.29 4.08 -9.83
N ASP A 573 -14.50 4.19 -11.13
CA ASP A 573 -13.51 3.69 -12.10
C ASP A 573 -12.25 4.56 -12.19
N ARG A 574 -12.23 5.66 -11.43
CA ARG A 574 -11.09 6.60 -11.39
C ARG A 574 -9.67 6.01 -11.28
N PRO A 575 -9.45 4.98 -10.42
CA PRO A 575 -8.08 4.45 -10.34
C PRO A 575 -7.57 3.92 -11.67
N PHE A 576 -8.50 3.49 -12.54
CA PHE A 576 -8.17 2.96 -13.87
C PHE A 576 -8.30 3.99 -15.00
N ILE A 577 -8.77 5.20 -14.69
CA ILE A 577 -8.84 6.27 -15.69
C ILE A 577 -7.67 7.23 -15.60
N PRO A 578 -6.70 7.13 -16.52
CA PRO A 578 -5.52 7.97 -16.46
C PRO A 578 -5.84 9.45 -16.52
N TYR A 579 -5.21 10.25 -15.65
CA TYR A 579 -5.31 11.71 -15.67
C TYR A 579 -3.89 12.29 -15.80
N ASN A 580 -3.72 13.30 -16.65
CA ASN A 580 -2.47 14.05 -16.66
C ASN A 580 -2.75 15.55 -16.52
N LEU A 581 -1.68 16.32 -16.44
CA LEU A 581 -1.77 17.76 -16.22
C LEU A 581 -1.35 18.41 -17.53
N TYR A 582 -2.11 19.41 -17.98
CA TYR A 582 -1.90 19.95 -19.33
C TYR A 582 -1.87 21.48 -19.34
N THR A 583 -1.02 22.04 -20.19
CA THR A 583 -1.06 23.46 -20.49
C THR A 583 -2.31 23.73 -21.31
N PRO A 584 -3.17 24.62 -20.82
CA PRO A 584 -4.45 25.04 -21.43
C PRO A 584 -4.28 25.93 -22.67
N ALA A 585 -4.97 25.60 -23.76
CA ALA A 585 -4.84 26.37 -25.00
C ALA A 585 -6.22 26.64 -25.60
N THR A 586 -6.26 27.35 -26.72
CA THR A 586 -7.52 27.56 -27.42
C THR A 586 -7.22 27.74 -28.91
N TYR A 587 -8.02 27.08 -29.75
CA TYR A 587 -7.88 27.25 -31.18
C TYR A 587 -8.12 28.72 -31.62
N GLN A 588 -7.25 29.14 -32.53
CA GLN A 588 -7.41 30.36 -33.28
C GLN A 588 -7.71 29.94 -34.70
N LEU A 589 -8.84 30.44 -35.22
CA LEU A 589 -9.17 30.30 -36.63
C LEU A 589 -9.00 31.61 -37.35
N THR A 590 -8.22 31.56 -38.42
CA THR A 590 -7.96 32.74 -39.23
C THR A 590 -8.81 32.71 -40.51
N GLU A 591 -8.80 33.83 -41.25
CA GLU A 591 -9.54 33.91 -42.51
C GLU A 591 -8.77 33.23 -43.63
N GLU A 592 -8.47 31.97 -43.40
CA GLU A 592 -7.80 31.08 -44.34
C GLU A 592 -8.33 29.67 -44.06
N GLY A 593 -9.23 29.60 -43.06
CA GLY A 593 -9.72 28.34 -42.54
C GLY A 593 -8.65 27.53 -41.82
N THR A 594 -7.71 28.23 -41.18
CA THR A 594 -6.59 27.57 -40.50
C THR A 594 -6.73 27.54 -38.99
N PHE A 595 -6.66 26.35 -38.41
CA PHE A 595 -6.68 26.19 -36.97
C PHE A 595 -5.28 26.20 -36.37
N ARG A 596 -5.06 27.13 -35.46
CA ARG A 596 -3.79 27.22 -34.78
C ARG A 596 -3.97 27.10 -33.25
N VAL A 597 -3.18 26.25 -32.62
CA VAL A 597 -3.20 26.09 -31.16
C VAL A 597 -2.52 27.29 -30.46
N VAL A 598 -3.19 27.91 -29.49
CA VAL A 598 -2.72 29.15 -28.86
C VAL A 598 -2.81 29.14 -27.32
N ASP A 599 -1.68 28.86 -26.67
CA ASP A 599 -1.61 28.73 -25.19
C ASP A 599 -2.41 29.81 -24.44
N GLU A 600 -3.24 29.37 -23.50
CA GLU A 600 -4.02 30.30 -22.69
C GLU A 600 -3.13 30.92 -21.63
N GLU A 601 -2.87 32.21 -21.79
CA GLU A 601 -1.92 32.91 -20.96
C GLU A 601 -2.42 32.98 -19.54
N ALA A 602 -1.55 32.66 -18.59
CA ALA A 602 -1.86 32.84 -17.18
C ALA A 602 -3.13 32.08 -16.80
N MET A 603 -3.27 30.88 -17.35
CA MET A 603 -4.28 29.94 -16.86
C MET A 603 -3.52 28.87 -16.07
N GLU A 604 -4.20 28.25 -15.11
CA GLU A 604 -3.58 27.18 -14.33
C GLU A 604 -3.47 25.93 -15.21
N LYS A 605 -2.49 25.06 -14.95
CA LYS A 605 -2.47 23.75 -15.62
C LYS A 605 -3.80 23.03 -15.35
N VAL A 606 -4.34 22.41 -16.41
CA VAL A 606 -5.65 21.78 -16.40
C VAL A 606 -5.55 20.27 -16.48
N PRO A 607 -6.11 19.57 -15.49
CA PRO A 607 -5.96 18.11 -15.51
C PRO A 607 -6.97 17.53 -16.49
N TRP A 608 -6.58 16.52 -17.27
CA TRP A 608 -7.50 15.95 -18.23
C TRP A 608 -7.16 14.51 -18.57
N ILE A 609 -8.13 13.82 -19.17
CA ILE A 609 -7.99 12.43 -19.54
C ILE A 609 -7.55 12.25 -20.99
N PRO A 610 -6.30 11.84 -21.19
CA PRO A 610 -5.73 11.59 -22.52
C PRO A 610 -6.43 10.44 -23.21
N LEU A 611 -6.87 9.46 -22.42
CA LEU A 611 -7.45 8.21 -22.93
C LEU A 611 -8.62 8.39 -23.93
N ASP A 612 -8.61 7.59 -24.98
CA ASP A 612 -9.72 7.60 -25.90
C ASP A 612 -10.53 6.33 -25.80
N PRO A 613 -11.64 6.36 -25.04
CA PRO A 613 -12.42 5.16 -24.67
C PRO A 613 -12.96 4.38 -25.89
N LEU A 614 -13.07 5.06 -27.03
CA LEU A 614 -13.51 4.43 -28.27
C LEU A 614 -12.48 3.46 -28.86
N ALA A 615 -11.22 3.85 -28.72
CA ALA A 615 -10.05 3.11 -29.21
C ALA A 615 -8.86 3.36 -28.28
N PRO A 616 -8.86 2.75 -27.09
CA PRO A 616 -7.86 3.14 -26.08
C PRO A 616 -6.46 2.57 -26.35
N ASP A 617 -5.44 3.37 -26.06
CA ASP A 617 -4.04 2.89 -26.15
C ASP A 617 -3.77 1.99 -24.95
N LEU A 618 -3.96 0.70 -25.12
CA LEU A 618 -3.83 -0.22 -24.01
C LEU A 618 -2.36 -0.51 -23.67
N THR A 619 -1.46 -0.02 -24.52
CA THR A 619 -0.03 -0.15 -24.28
C THR A 619 0.43 0.93 -23.32
N GLN A 620 -0.03 2.16 -23.58
CA GLN A 620 0.25 3.29 -22.71
C GLN A 620 -0.63 3.30 -21.45
N TYR A 621 -1.84 2.77 -21.57
CA TYR A 621 -2.77 2.76 -20.45
C TYR A 621 -3.43 1.42 -20.23
N PRO A 622 -2.65 0.40 -19.89
CA PRO A 622 -3.22 -0.95 -19.84
C PRO A 622 -4.23 -1.12 -18.71
N SER A 623 -4.08 -0.32 -17.65
CA SER A 623 -4.95 -0.39 -16.49
C SER A 623 -6.41 -0.09 -16.87
N TYR A 624 -6.61 0.62 -17.97
CA TYR A 624 -7.96 1.00 -18.38
C TYR A 624 -8.81 -0.19 -18.81
N SER A 625 -8.17 -1.29 -19.19
CA SER A 625 -8.94 -2.46 -19.61
C SER A 625 -9.62 -3.13 -18.42
N GLN A 626 -9.54 -2.53 -17.24
CA GLN A 626 -10.15 -3.14 -16.06
C GLN A 626 -11.21 -2.21 -15.49
N ALA A 627 -11.38 -1.10 -16.20
CA ALA A 627 -12.54 -0.26 -16.05
C ALA A 627 -13.71 -0.97 -16.75
N GLN A 628 -14.92 -0.55 -16.42
CA GLN A 628 -16.09 -1.14 -17.06
C GLN A 628 -17.04 -0.07 -17.55
N ALA A 629 -16.98 0.21 -18.84
CA ALA A 629 -17.84 1.23 -19.43
C ALA A 629 -19.30 0.78 -19.43
N LEU A 630 -20.19 1.77 -19.27
CA LEU A 630 -21.62 1.60 -19.50
C LEU A 630 -21.98 2.32 -20.77
N HIS A 631 -22.90 1.75 -21.54
CA HIS A 631 -23.34 2.41 -22.74
C HIS A 631 -24.82 2.63 -22.71
N CYS A 632 -25.23 3.82 -23.14
CA CYS A 632 -26.63 4.03 -23.48
C CYS A 632 -26.83 5.02 -24.62
N THR A 633 -28.05 4.97 -25.19
CA THR A 633 -28.49 5.89 -26.23
C THR A 633 -29.76 6.61 -25.81
N VAL A 634 -29.71 7.95 -25.85
CA VAL A 634 -30.87 8.76 -25.51
C VAL A 634 -31.51 9.28 -26.79
N ARG A 635 -32.82 9.19 -26.93
CA ARG A 635 -33.42 9.66 -28.19
C ARG A 635 -34.62 10.61 -28.03
N ALA A 636 -35.28 10.91 -29.14
CA ALA A 636 -36.32 11.93 -29.12
C ALA A 636 -37.39 11.57 -28.09
N GLY A 637 -37.62 12.51 -27.17
CA GLY A 637 -38.60 12.32 -26.11
C GLY A 637 -38.02 11.77 -24.83
N GLU A 638 -36.72 11.49 -24.81
CA GLU A 638 -36.06 10.80 -23.67
C GLU A 638 -35.09 11.68 -22.89
N MET A 639 -34.95 11.37 -21.61
CA MET A 639 -34.19 12.21 -20.67
C MET A 639 -33.19 11.35 -19.88
N LEU A 640 -31.91 11.56 -20.10
CA LEU A 640 -30.89 10.81 -19.36
C LEU A 640 -30.50 11.56 -18.11
N TYR A 641 -30.53 10.91 -16.96
CA TYR A 641 -30.01 11.52 -15.74
C TYR A 641 -28.58 11.09 -15.58
N LEU A 642 -27.67 12.03 -15.76
CA LEU A 642 -26.23 11.75 -15.75
C LEU A 642 -25.64 12.34 -14.50
N PRO A 643 -25.54 11.52 -13.46
CA PRO A 643 -25.19 11.93 -12.09
C PRO A 643 -23.88 12.72 -12.01
N ALA A 644 -23.67 13.41 -10.89
CA ALA A 644 -22.46 14.17 -10.68
C ALA A 644 -21.24 13.25 -10.60
N LEU A 645 -20.12 13.73 -11.12
CA LEU A 645 -18.82 13.04 -11.08
C LEU A 645 -18.78 11.79 -11.95
N TRP A 646 -19.80 11.59 -12.76
CA TRP A 646 -19.77 10.47 -13.69
C TRP A 646 -18.95 10.85 -14.92
N PHE A 647 -18.00 9.99 -15.28
CA PHE A 647 -17.20 10.18 -16.49
C PHE A 647 -18.08 9.88 -17.69
N HIS A 648 -18.28 10.84 -18.59
CA HIS A 648 -19.07 10.59 -19.78
C HIS A 648 -18.39 11.09 -21.06
N HIS A 649 -18.79 10.52 -22.21
CA HIS A 649 -18.20 10.79 -23.53
C HIS A 649 -19.34 10.84 -24.54
N VAL A 650 -19.63 12.02 -25.11
CA VAL A 650 -20.87 12.14 -25.88
C VAL A 650 -20.67 12.16 -27.39
N GLN A 651 -21.52 11.43 -28.08
CA GLN A 651 -21.60 11.46 -29.54
C GLN A 651 -23.03 11.65 -29.93
N GLN A 652 -23.28 12.17 -31.13
CA GLN A 652 -24.65 12.31 -31.55
C GLN A 652 -24.81 12.14 -33.03
N SER A 653 -26.06 11.93 -33.45
CA SER A 653 -26.42 11.82 -34.85
C SER A 653 -26.35 13.19 -35.49
N HIS A 654 -26.40 13.27 -36.82
CA HIS A 654 -26.27 14.58 -37.44
C HIS A 654 -27.48 15.46 -37.13
N GLY A 655 -27.19 16.73 -36.84
CA GLY A 655 -28.21 17.73 -36.54
C GLY A 655 -29.06 17.45 -35.31
N CYS A 656 -28.48 16.77 -34.34
CA CYS A 656 -29.19 16.38 -33.11
C CYS A 656 -29.47 17.61 -32.26
N ILE A 657 -30.72 17.79 -31.82
CA ILE A 657 -31.10 18.93 -30.99
C ILE A 657 -31.43 18.42 -29.59
N ALA A 658 -30.91 19.11 -28.56
CA ALA A 658 -31.03 18.65 -27.18
C ALA A 658 -31.00 19.81 -26.19
N VAL A 659 -31.71 19.66 -25.07
CA VAL A 659 -31.71 20.63 -23.98
C VAL A 659 -31.30 19.92 -22.70
N ASN A 660 -30.37 20.51 -21.96
CA ASN A 660 -29.91 19.88 -20.74
C ASN A 660 -29.90 20.86 -19.56
N PHE A 661 -30.36 20.38 -18.40
CA PHE A 661 -30.40 21.20 -17.20
C PHE A 661 -29.22 20.89 -16.31
N TRP A 662 -28.55 21.92 -15.80
CA TRP A 662 -27.44 21.69 -14.90
C TRP A 662 -27.84 22.13 -13.52
N TYR A 663 -28.03 21.19 -12.62
CA TYR A 663 -28.16 21.48 -11.19
C TYR A 663 -26.79 21.33 -10.54
N ASP A 664 -26.44 22.24 -9.63
CA ASP A 664 -25.19 22.09 -8.89
C ASP A 664 -25.31 20.92 -7.93
N MET A 665 -24.27 20.09 -7.85
CA MET A 665 -24.26 18.90 -7.00
C MET A 665 -24.19 19.27 -5.53
N GLU A 666 -24.54 18.32 -4.68
CA GLU A 666 -24.37 18.46 -3.24
C GLU A 666 -22.94 18.10 -2.85
N TYR A 667 -22.19 19.05 -2.33
CA TYR A 667 -20.81 18.76 -1.95
C TYR A 667 -20.81 18.06 -0.60
N ASP A 668 -20.80 16.72 -0.66
CA ASP A 668 -21.06 15.88 0.50
C ASP A 668 -19.98 14.84 0.72
N LEU A 669 -20.30 13.85 1.54
CA LEU A 669 -19.38 12.79 1.87
C LEU A 669 -18.86 12.12 0.59
N LYS A 670 -19.78 11.88 -0.34
CA LYS A 670 -19.41 11.29 -1.62
C LYS A 670 -18.35 12.09 -2.39
N TYR A 671 -18.45 13.42 -2.38
CA TYR A 671 -17.48 14.26 -3.08
C TYR A 671 -16.13 14.13 -2.41
N SER A 672 -16.12 14.33 -1.08
CA SER A 672 -14.90 14.33 -0.29
C SER A 672 -14.10 13.03 -0.45
N TYR A 673 -14.79 11.90 -0.33
CA TYR A 673 -14.18 10.63 -0.66
C TYR A 673 -13.56 10.61 -2.09
N PHE A 674 -14.26 11.13 -3.08
CA PHE A 674 -13.72 11.13 -4.45
C PHE A 674 -12.41 11.90 -4.57
N GLN A 675 -12.30 12.99 -3.83
CA GLN A 675 -11.07 13.76 -3.85
C GLN A 675 -9.94 12.92 -3.27
N LEU A 676 -10.27 12.21 -2.20
CA LEU A 676 -9.29 11.38 -1.53
C LEU A 676 -8.71 10.32 -2.47
N MET A 677 -9.59 9.70 -3.27
CA MET A 677 -9.18 8.64 -4.17
C MET A 677 -8.32 9.17 -5.29
N ASP A 678 -8.80 10.26 -5.89
CA ASP A 678 -8.09 10.91 -6.98
C ASP A 678 -6.66 11.30 -6.54
N THR A 679 -6.54 12.02 -5.42
CA THR A 679 -5.26 12.24 -4.77
C THR A 679 -4.44 10.97 -4.52
N LEU A 680 -5.05 9.91 -3.98
CA LEU A 680 -4.26 8.71 -3.71
C LEU A 680 -3.88 8.02 -5.01
N THR A 681 -4.68 8.22 -6.06
CA THR A 681 -4.35 7.63 -7.34
C THR A 681 -3.09 8.26 -7.96
N ARG A 682 -2.97 9.59 -7.84
CA ARG A 682 -1.80 10.30 -8.35
C ARG A 682 -0.54 10.07 -7.49
N ALA A 683 -0.68 10.11 -6.17
CA ALA A 683 0.46 9.85 -5.28
C ALA A 683 1.08 8.47 -5.51
N THR A 684 0.24 7.45 -5.64
CA THR A 684 0.72 6.10 -5.83
C THR A 684 1.12 5.82 -7.28
N GLY A 685 1.19 6.86 -8.09
CA GLY A 685 1.62 6.74 -9.48
C GLY A 685 0.82 5.79 -10.34
N LEU A 686 -0.47 5.65 -10.05
CA LEU A 686 -1.35 4.84 -10.91
C LEU A 686 -1.75 5.66 -12.14
N ASP A 687 -1.57 6.98 -11.98
CA ASP A 687 -1.84 8.08 -12.95
C ASP A 687 -3.22 8.72 -12.83
N LYS B 6 34.78 28.42 5.77
CA LYS B 6 33.32 28.36 5.60
C LYS B 6 32.85 27.48 4.44
N LEU B 7 33.75 26.69 3.84
CA LEU B 7 33.36 25.80 2.74
C LEU B 7 33.48 24.31 3.05
N VAL B 8 32.38 23.59 2.84
CA VAL B 8 32.29 22.17 3.18
C VAL B 8 32.02 21.36 1.91
N ILE B 9 32.73 20.25 1.75
CA ILE B 9 32.69 19.51 0.48
C ILE B 9 32.37 18.01 0.66
N TRP B 10 31.37 17.55 -0.09
CA TRP B 10 31.01 16.15 -0.08
C TRP B 10 31.37 15.52 -1.42
N ILE B 11 32.05 14.39 -1.35
CA ILE B 11 32.43 13.64 -2.54
C ILE B 11 32.42 12.15 -2.21
N ASN B 12 32.09 11.31 -3.18
CA ASN B 12 32.00 9.88 -2.91
C ASN B 12 33.37 9.30 -2.51
N GLY B 13 33.34 8.25 -1.69
CA GLY B 13 34.56 7.63 -1.18
C GLY B 13 35.39 6.80 -2.13
N ASP B 14 34.95 6.67 -3.38
CA ASP B 14 35.74 5.95 -4.38
C ASP B 14 36.52 6.95 -5.21
N LYS B 15 36.15 8.21 -5.05
CA LYS B 15 36.79 9.32 -5.75
C LYS B 15 37.96 9.83 -4.96
N GLY B 16 38.87 10.54 -5.62
CA GLY B 16 40.10 10.97 -4.98
C GLY B 16 39.92 12.08 -3.96
N TYR B 17 39.39 11.77 -2.79
CA TYR B 17 39.02 12.80 -1.82
C TYR B 17 40.25 13.42 -1.15
N ASN B 18 41.34 12.65 -1.08
CA ASN B 18 42.58 13.18 -0.52
C ASN B 18 43.13 14.35 -1.36
N GLY B 19 43.56 14.05 -2.58
CA GLY B 19 44.08 15.05 -3.49
C GLY B 19 43.20 16.29 -3.59
N LEU B 20 41.89 16.09 -3.46
CA LEU B 20 40.93 17.19 -3.47
C LEU B 20 41.15 18.13 -2.28
N ALA B 21 41.83 17.65 -1.24
CA ALA B 21 42.01 18.45 -0.02
C ALA B 21 43.23 19.37 -0.14
N GLU B 22 44.18 18.96 -0.98
CA GLU B 22 45.33 19.78 -1.25
C GLU B 22 44.98 20.90 -2.21
N VAL B 23 44.09 20.61 -3.15
CA VAL B 23 43.42 21.65 -3.93
C VAL B 23 42.65 22.57 -2.98
N GLY B 24 42.17 21.99 -1.89
CA GLY B 24 41.55 22.77 -0.84
C GLY B 24 42.53 23.46 0.10
N LYS B 25 43.68 22.83 0.32
CA LYS B 25 44.74 23.41 1.15
C LYS B 25 45.22 24.72 0.54
N LYS B 26 45.23 24.79 -0.79
CA LYS B 26 45.60 25.99 -1.53
C LYS B 26 44.62 27.14 -1.31
N PHE B 27 43.33 26.86 -1.44
CA PHE B 27 42.29 27.86 -1.21
C PHE B 27 42.54 28.61 0.10
N GLU B 28 42.99 27.89 1.13
CA GLU B 28 43.23 28.49 2.43
C GLU B 28 44.53 29.31 2.53
N LYS B 29 45.57 28.85 1.84
CA LYS B 29 46.82 29.58 1.80
C LYS B 29 46.63 30.97 1.21
N ASP B 30 45.76 31.07 0.21
CA ASP B 30 45.64 32.25 -0.64
C ASP B 30 44.37 33.06 -0.33
N THR B 31 43.56 32.54 0.59
CA THR B 31 42.36 33.19 1.11
C THR B 31 42.02 32.43 2.40
N GLY B 32 41.86 33.11 3.52
CA GLY B 32 41.73 32.42 4.80
C GLY B 32 40.59 31.45 5.10
N ILE B 33 40.22 30.62 4.13
CA ILE B 33 39.03 29.77 4.25
C ILE B 33 39.40 28.27 4.21
N LYS B 34 39.28 27.55 5.33
CA LYS B 34 39.47 26.10 5.25
C LYS B 34 38.27 25.42 4.59
N VAL B 35 38.57 24.70 3.53
CA VAL B 35 37.61 23.85 2.86
C VAL B 35 37.81 22.47 3.44
N THR B 36 36.74 21.96 4.05
CA THR B 36 36.81 20.66 4.71
C THR B 36 36.22 19.70 3.65
N VAL B 37 36.81 18.50 3.54
CA VAL B 37 36.34 17.53 2.54
C VAL B 37 35.87 16.27 3.26
N GLU B 38 34.67 15.86 2.91
CA GLU B 38 34.06 14.75 3.61
C GLU B 38 33.52 13.74 2.62
N HIS B 39 33.65 12.46 2.94
CA HIS B 39 33.02 11.42 2.14
C HIS B 39 32.04 10.57 2.97
N PRO B 40 30.83 11.15 3.22
CA PRO B 40 29.75 10.47 3.93
C PRO B 40 29.16 9.33 3.10
N ASP B 41 28.66 8.28 3.76
CA ASP B 41 27.98 7.23 3.03
C ASP B 41 26.61 7.77 2.60
N LYS B 42 26.16 7.37 1.41
CA LYS B 42 24.87 7.78 0.90
C LYS B 42 24.70 9.31 0.88
N LEU B 43 25.78 10.02 0.53
CA LEU B 43 25.78 11.48 0.55
C LEU B 43 24.84 12.06 -0.48
N GLU B 44 24.48 11.22 -1.46
CA GLU B 44 23.61 11.63 -2.55
C GLU B 44 22.18 11.73 -2.03
N GLU B 45 21.87 11.01 -0.96
CA GLU B 45 20.50 10.95 -0.45
C GLU B 45 20.35 11.81 0.80
N LYS B 46 21.47 12.07 1.47
CA LYS B 46 21.55 13.09 2.51
C LYS B 46 21.26 14.49 2.00
N PHE B 47 21.88 14.85 0.88
CA PHE B 47 21.79 16.21 0.35
C PHE B 47 20.35 16.75 0.23
N PRO B 48 19.47 16.10 -0.56
CA PRO B 48 18.16 16.73 -0.73
C PRO B 48 17.32 16.69 0.56
N GLN B 49 17.63 15.70 1.39
CA GLN B 49 17.00 15.56 2.68
C GLN B 49 17.38 16.73 3.57
N VAL B 50 18.70 16.94 3.68
CA VAL B 50 19.29 17.88 4.64
C VAL B 50 19.34 19.36 4.18
N ALA B 51 19.37 19.59 2.87
CA ALA B 51 19.41 20.95 2.30
C ALA B 51 18.10 21.75 2.52
N ALA B 52 17.02 21.03 2.81
CA ALA B 52 15.78 21.71 3.18
C ALA B 52 15.87 22.18 4.65
N THR B 53 16.57 21.41 5.49
CA THR B 53 16.72 21.76 6.91
C THR B 53 17.63 22.97 7.11
N GLY B 54 17.80 23.76 6.05
CA GLY B 54 18.75 24.85 6.05
C GLY B 54 20.18 24.34 5.92
N ASP B 55 20.62 23.54 6.90
CA ASP B 55 22.00 23.03 6.96
C ASP B 55 22.35 22.15 5.75
N GLY B 56 23.65 21.99 5.48
CA GLY B 56 24.09 21.19 4.34
C GLY B 56 25.51 21.52 3.92
N PRO B 57 26.02 20.81 2.89
CA PRO B 57 27.35 21.15 2.38
C PRO B 57 27.24 22.31 1.41
N ASP B 58 28.31 23.11 1.32
CA ASP B 58 28.34 24.25 0.40
C ASP B 58 28.36 23.79 -1.05
N ILE B 59 29.24 22.81 -1.36
CA ILE B 59 29.22 22.12 -2.67
C ILE B 59 29.04 20.62 -2.48
N ILE B 60 28.62 19.94 -3.54
CA ILE B 60 28.36 18.53 -3.52
C ILE B 60 28.90 17.92 -4.82
N PHE B 61 29.77 16.91 -4.68
CA PHE B 61 30.27 16.16 -5.84
C PHE B 61 29.50 14.86 -6.09
N TRP B 62 29.05 14.68 -7.32
CA TRP B 62 28.40 13.44 -7.75
C TRP B 62 28.29 13.41 -9.27
N ALA B 63 27.98 12.23 -9.81
CA ALA B 63 27.60 12.09 -11.22
C ALA B 63 26.46 13.04 -11.54
N HIS B 64 26.48 13.62 -12.74
CA HIS B 64 25.52 14.64 -13.17
C HIS B 64 24.06 14.20 -13.07
N ASP B 65 23.81 12.88 -13.13
CA ASP B 65 22.45 12.31 -13.21
C ASP B 65 21.56 12.61 -12.01
N ARG B 66 22.21 12.96 -10.90
CA ARG B 66 21.55 13.19 -9.62
C ARG B 66 21.12 14.64 -9.39
N PHE B 67 21.58 15.55 -10.24
CA PHE B 67 21.42 16.98 -9.99
C PHE B 67 20.13 17.60 -10.54
N GLY B 68 19.60 17.10 -11.66
CA GLY B 68 18.36 17.66 -12.16
C GLY B 68 17.20 17.46 -11.19
N GLY B 69 17.33 16.45 -10.34
CA GLY B 69 16.39 16.23 -9.25
C GLY B 69 16.50 17.29 -8.16
N TYR B 70 17.72 17.77 -7.91
CA TYR B 70 17.92 18.80 -6.90
C TYR B 70 17.48 20.16 -7.43
N ALA B 71 17.48 20.31 -8.75
CA ALA B 71 17.12 21.58 -9.38
C ALA B 71 15.62 21.81 -9.33
N GLN B 72 14.87 20.74 -9.55
CA GLN B 72 13.43 20.78 -9.44
C GLN B 72 13.05 21.05 -7.98
N SER B 73 13.82 20.50 -7.04
CA SER B 73 13.58 20.76 -5.64
C SER B 73 13.99 22.18 -5.30
N GLY B 74 15.09 22.65 -5.88
CA GLY B 74 15.50 24.02 -5.72
C GLY B 74 16.66 24.16 -4.76
N LEU B 75 17.32 23.03 -4.52
CA LEU B 75 18.44 22.95 -3.58
C LEU B 75 19.70 23.53 -4.19
N LEU B 76 19.63 23.81 -5.50
CA LEU B 76 20.79 24.10 -6.34
C LEU B 76 20.91 25.57 -6.78
N ALA B 77 21.95 26.25 -6.32
CA ALA B 77 22.27 27.57 -6.84
C ALA B 77 22.54 27.50 -8.33
N GLU B 78 22.10 28.50 -9.08
CA GLU B 78 22.43 28.53 -10.50
C GLU B 78 23.81 29.14 -10.65
N ILE B 79 24.59 28.56 -11.55
CA ILE B 79 26.00 28.89 -11.69
C ILE B 79 26.16 29.99 -12.75
N THR B 80 27.25 30.76 -12.64
CA THR B 80 27.52 31.90 -13.53
C THR B 80 28.97 31.99 -14.00
N PRO B 81 29.42 31.04 -14.83
CA PRO B 81 30.80 31.12 -15.30
C PRO B 81 30.93 32.03 -16.53
N ASP B 82 32.10 32.64 -16.71
CA ASP B 82 32.40 33.46 -17.90
C ASP B 82 32.00 32.79 -19.20
N LYS B 83 31.88 33.54 -20.29
CA LYS B 83 31.98 32.93 -21.62
C LYS B 83 33.38 32.36 -21.78
N ALA B 84 34.39 33.12 -21.32
CA ALA B 84 35.79 32.71 -21.39
C ALA B 84 36.02 31.37 -20.67
N PHE B 85 35.40 31.22 -19.50
CA PHE B 85 35.49 29.96 -18.79
C PHE B 85 34.87 28.83 -19.58
N GLN B 86 33.62 29.02 -20.02
CA GLN B 86 32.84 27.98 -20.70
C GLN B 86 33.56 27.40 -21.91
N ASP B 87 34.60 28.11 -22.37
CA ASP B 87 35.38 27.65 -23.51
C ASP B 87 36.58 26.83 -23.06
N LYS B 88 36.87 26.85 -21.76
CA LYS B 88 37.93 26.00 -21.20
C LYS B 88 37.48 24.56 -20.95
N LEU B 89 36.18 24.30 -21.09
CA LEU B 89 35.64 22.96 -20.86
C LEU B 89 34.79 22.52 -22.08
N TYR B 90 34.81 21.23 -22.37
CA TYR B 90 34.09 20.68 -23.50
C TYR B 90 32.60 21.03 -23.43
N PRO B 91 31.99 21.35 -24.57
CA PRO B 91 30.59 21.74 -24.67
C PRO B 91 29.60 20.70 -24.11
N PHE B 92 29.88 19.41 -24.29
CA PHE B 92 28.89 18.38 -23.94
C PHE B 92 28.92 18.06 -22.45
N THR B 93 30.00 18.46 -21.79
CA THR B 93 30.05 18.31 -20.37
C THR B 93 29.15 19.39 -19.77
N TRP B 94 29.10 20.55 -20.41
CA TRP B 94 28.18 21.62 -19.97
C TRP B 94 26.72 21.26 -20.26
N ASP B 95 26.50 20.48 -21.31
CA ASP B 95 25.16 20.01 -21.67
C ASP B 95 24.53 19.11 -20.61
N ALA B 96 25.38 18.49 -19.79
CA ALA B 96 24.90 17.51 -18.83
C ALA B 96 24.68 18.17 -17.46
N VAL B 97 25.30 19.32 -17.25
CA VAL B 97 25.11 20.11 -16.04
C VAL B 97 24.01 21.16 -16.26
N ARG B 98 23.02 20.75 -17.04
CA ARG B 98 22.01 21.63 -17.61
C ARG B 98 20.64 21.00 -17.40
N TYR B 99 19.79 21.70 -16.66
CA TYR B 99 18.38 21.34 -16.48
C TYR B 99 17.53 22.51 -16.95
N ASN B 100 16.52 22.23 -17.77
CA ASN B 100 15.64 23.26 -18.38
C ASN B 100 16.41 24.27 -19.23
N GLY B 101 17.54 23.88 -19.77
CA GLY B 101 18.44 24.85 -20.34
C GLY B 101 19.34 25.60 -19.35
N LYS B 102 18.88 25.85 -18.10
CA LYS B 102 19.70 26.59 -17.13
C LYS B 102 20.92 25.76 -16.70
N LEU B 103 22.12 26.35 -16.73
CA LEU B 103 23.29 25.65 -16.15
C LEU B 103 23.15 25.57 -14.62
N ILE B 104 23.79 24.58 -14.02
CA ILE B 104 23.51 24.15 -12.65
C ILE B 104 24.74 23.75 -11.86
N ALA B 105 25.65 23.04 -12.54
CA ALA B 105 26.81 22.46 -11.90
C ALA B 105 28.10 22.64 -12.71
N TYR B 106 29.25 22.55 -12.04
CA TYR B 106 30.53 22.58 -12.73
C TYR B 106 31.00 21.15 -13.09
N PRO B 107 31.13 20.85 -14.39
CA PRO B 107 31.59 19.52 -14.78
C PRO B 107 33.06 19.35 -14.42
N ILE B 108 33.49 18.14 -14.07
CA ILE B 108 34.88 17.92 -13.68
C ILE B 108 35.63 16.94 -14.58
N ALA B 109 34.97 15.82 -14.89
CA ALA B 109 35.60 14.74 -15.63
C ALA B 109 34.56 13.72 -16.12
N VAL B 110 34.82 13.10 -17.26
CA VAL B 110 33.93 12.12 -17.86
C VAL B 110 34.30 10.70 -17.39
N GLU B 111 33.32 9.99 -16.84
CA GLU B 111 33.49 8.62 -16.34
C GLU B 111 32.65 7.64 -17.15
N ALA B 112 33.17 6.42 -17.29
CA ALA B 112 32.49 5.36 -18.01
C ALA B 112 33.15 4.02 -17.68
N LEU B 113 32.30 3.02 -17.42
CA LEU B 113 32.73 1.64 -17.12
C LEU B 113 33.42 0.93 -18.31
N SER B 114 34.63 0.42 -18.05
CA SER B 114 35.35 -0.39 -19.02
C SER B 114 35.57 -1.82 -18.51
N LEU B 115 36.02 -2.68 -19.42
CA LEU B 115 36.44 -4.03 -19.07
C LEU B 115 37.90 -4.03 -18.63
N ILE B 116 38.16 -4.44 -17.39
CA ILE B 116 39.54 -4.54 -16.92
C ILE B 116 39.92 -6.01 -16.79
N TYR B 117 41.05 -6.38 -17.38
CA TYR B 117 41.45 -7.79 -17.44
C TYR B 117 42.92 -7.98 -17.05
N ASN B 118 43.24 -9.21 -16.68
CA ASN B 118 44.58 -9.59 -16.26
C ASN B 118 45.32 -10.13 -17.49
N LYS B 119 46.33 -9.40 -17.99
CA LYS B 119 47.09 -9.85 -19.15
C LYS B 119 47.76 -11.20 -18.88
N ASP B 120 48.51 -11.26 -17.78
CA ASP B 120 49.23 -12.47 -17.36
C ASP B 120 48.35 -13.72 -17.45
N LEU B 121 47.15 -13.65 -16.87
CA LEU B 121 46.21 -14.78 -16.91
C LEU B 121 45.59 -14.89 -18.30
N LEU B 122 45.20 -13.74 -18.83
CA LEU B 122 44.37 -13.66 -20.01
C LEU B 122 44.83 -12.53 -20.93
N PRO B 123 45.83 -12.81 -21.78
CA PRO B 123 46.44 -11.85 -22.71
C PRO B 123 45.55 -11.47 -23.89
N ASN B 124 44.48 -12.24 -24.07
CA ASN B 124 43.49 -11.95 -25.11
C ASN B 124 42.08 -12.02 -24.54
N PRO B 125 41.62 -10.92 -23.91
CA PRO B 125 40.30 -10.86 -23.30
C PRO B 125 39.18 -11.12 -24.29
N PRO B 126 38.12 -11.80 -23.86
CA PRO B 126 36.97 -12.08 -24.73
C PRO B 126 36.30 -10.79 -25.18
N LYS B 127 35.70 -10.82 -26.38
CA LYS B 127 34.98 -9.67 -26.90
C LYS B 127 33.48 -9.97 -26.99
N THR B 128 33.10 -11.21 -26.73
CA THR B 128 31.68 -11.52 -26.55
C THR B 128 31.40 -11.90 -25.10
N TRP B 129 30.19 -11.63 -24.64
CA TRP B 129 29.74 -12.12 -23.33
C TRP B 129 29.65 -13.64 -23.35
N GLU B 130 28.95 -14.17 -24.36
CA GLU B 130 28.72 -15.62 -24.56
C GLU B 130 30.00 -16.46 -24.49
N GLU B 131 31.14 -15.79 -24.69
CA GLU B 131 32.47 -16.33 -24.47
C GLU B 131 32.82 -16.64 -23.01
N ILE B 132 32.12 -16.01 -22.06
CA ILE B 132 32.54 -16.01 -20.65
C ILE B 132 32.33 -17.38 -19.95
N PRO B 133 31.09 -17.94 -20.00
CA PRO B 133 30.90 -19.22 -19.29
C PRO B 133 31.96 -20.29 -19.55
N ALA B 134 32.57 -20.28 -20.73
CA ALA B 134 33.59 -21.26 -21.08
C ALA B 134 34.91 -20.93 -20.39
N LEU B 135 35.15 -19.64 -20.22
CA LEU B 135 36.48 -19.14 -19.85
C LEU B 135 36.92 -19.47 -18.39
N ASP B 136 35.98 -19.56 -17.45
CA ASP B 136 36.35 -19.94 -16.09
C ASP B 136 36.64 -21.44 -16.04
N LYS B 137 35.87 -22.26 -16.77
CA LYS B 137 36.16 -23.69 -16.81
C LYS B 137 37.66 -24.03 -16.97
N GLU B 138 38.37 -23.36 -17.89
CA GLU B 138 39.81 -23.63 -18.11
C GLU B 138 40.63 -22.94 -17.02
N LEU B 139 39.91 -22.13 -16.23
CA LEU B 139 40.55 -21.18 -15.37
C LEU B 139 40.06 -21.40 -13.93
N LYS B 140 38.80 -21.84 -13.78
CA LYS B 140 38.25 -22.29 -12.50
C LYS B 140 38.94 -23.54 -12.02
N ALA B 141 38.88 -24.57 -12.84
CA ALA B 141 39.74 -25.74 -12.67
C ALA B 141 41.23 -25.33 -12.61
N LYS B 142 41.59 -24.08 -12.87
CA LYS B 142 42.99 -23.67 -12.63
C LYS B 142 43.15 -22.98 -11.25
N GLY B 143 42.03 -22.75 -10.56
CA GLY B 143 42.06 -22.15 -9.22
C GLY B 143 41.63 -20.68 -9.11
N LYS B 144 40.83 -20.25 -10.07
CA LYS B 144 40.55 -18.82 -10.27
C LYS B 144 39.13 -18.71 -10.92
N SER B 145 38.59 -17.51 -11.13
CA SER B 145 37.35 -17.41 -11.89
C SER B 145 37.49 -16.52 -13.11
N ALA B 146 36.44 -16.49 -13.92
CA ALA B 146 36.46 -15.72 -15.14
C ALA B 146 36.32 -14.23 -14.85
N LEU B 147 35.13 -13.87 -14.37
CA LEU B 147 34.72 -12.47 -14.24
C LEU B 147 33.95 -12.15 -12.95
N MET B 148 34.55 -11.29 -12.12
CA MET B 148 33.88 -10.76 -10.94
C MET B 148 33.72 -9.24 -11.01
N PHE B 149 32.51 -8.77 -10.72
CA PHE B 149 32.24 -7.35 -10.60
C PHE B 149 30.96 -7.13 -9.81
N ASN B 150 30.85 -5.92 -9.25
CA ASN B 150 29.78 -5.55 -8.34
C ASN B 150 28.37 -5.73 -8.89
N LEU B 151 27.65 -6.68 -8.29
CA LEU B 151 26.27 -7.00 -8.65
C LEU B 151 25.30 -6.44 -7.64
N GLN B 152 25.70 -5.41 -6.89
CA GLN B 152 24.79 -4.80 -5.91
C GLN B 152 24.28 -3.42 -6.36
N GLU B 153 25.05 -2.76 -7.22
CA GLU B 153 24.63 -1.50 -7.85
C GLU B 153 24.34 -1.70 -9.33
N PRO B 154 23.12 -1.34 -9.78
CA PRO B 154 22.65 -1.47 -11.17
C PRO B 154 23.53 -0.76 -12.23
N TYR B 155 24.41 0.13 -11.79
CA TYR B 155 25.39 0.82 -12.63
C TYR B 155 26.24 -0.19 -13.36
N PHE B 156 26.67 -1.22 -12.64
CA PHE B 156 27.62 -2.16 -13.24
C PHE B 156 26.98 -3.23 -14.11
N THR B 157 25.68 -3.47 -13.93
CA THR B 157 25.04 -4.54 -14.69
C THR B 157 24.20 -3.99 -15.83
N TRP B 158 24.04 -2.67 -15.84
CA TRP B 158 23.24 -2.01 -16.86
C TRP B 158 23.79 -2.09 -18.31
N PRO B 159 25.11 -1.86 -18.53
CA PRO B 159 25.67 -2.03 -19.87
C PRO B 159 25.20 -3.27 -20.62
N LEU B 160 24.83 -4.30 -19.87
CA LEU B 160 24.47 -5.59 -20.42
C LEU B 160 22.98 -5.65 -20.67
N ILE B 161 22.25 -4.88 -19.86
CA ILE B 161 20.81 -4.81 -19.93
C ILE B 161 20.39 -3.88 -21.06
N ALA B 162 21.20 -2.85 -21.29
CA ALA B 162 20.94 -1.95 -22.40
C ALA B 162 21.54 -2.47 -23.72
N ALA B 163 22.38 -3.51 -23.63
CA ALA B 163 23.08 -4.05 -24.80
C ALA B 163 22.13 -4.58 -25.91
N ASP B 164 21.18 -5.46 -25.56
CA ASP B 164 20.27 -6.01 -26.57
C ASP B 164 18.94 -5.22 -26.69
N GLY B 165 18.95 -3.95 -26.30
CA GLY B 165 17.82 -3.10 -26.59
C GLY B 165 17.16 -2.43 -25.41
N GLY B 166 17.71 -2.67 -24.22
CA GLY B 166 17.25 -2.02 -23.02
C GLY B 166 17.60 -0.56 -22.96
N TYR B 167 16.84 0.19 -22.16
CA TYR B 167 17.05 1.63 -22.04
C TYR B 167 16.28 2.24 -20.91
N ALA B 168 16.81 3.35 -20.39
CA ALA B 168 16.21 3.92 -19.20
C ALA B 168 14.92 4.65 -19.49
N PHE B 169 15.10 5.73 -20.21
CA PHE B 169 13.99 6.43 -20.86
C PHE B 169 14.34 6.51 -22.33
N LYS B 170 13.36 6.74 -23.19
CA LYS B 170 13.74 6.99 -24.57
C LYS B 170 13.60 8.47 -24.85
N TYR B 171 14.63 9.11 -25.42
CA TYR B 171 14.39 10.47 -25.90
C TYR B 171 14.25 10.47 -27.42
N GLU B 172 13.00 10.64 -27.85
CA GLU B 172 12.61 10.77 -29.24
C GLU B 172 11.87 12.12 -29.41
N ASN B 173 12.32 12.96 -30.35
CA ASN B 173 13.71 13.05 -30.70
C ASN B 173 14.23 14.37 -30.09
N GLY B 174 14.37 14.38 -28.77
CA GLY B 174 14.66 15.61 -28.06
C GLY B 174 14.78 15.39 -26.57
N LYS B 175 13.73 15.75 -25.84
CA LYS B 175 13.64 15.44 -24.41
C LYS B 175 13.03 14.05 -24.17
N TYR B 176 13.20 13.55 -22.95
CA TYR B 176 12.75 12.22 -22.54
C TYR B 176 11.29 12.23 -22.11
N ASP B 177 10.50 11.25 -22.56
CA ASP B 177 9.19 11.05 -21.91
C ASP B 177 9.28 9.86 -20.96
N ILE B 178 8.66 10.02 -19.80
CA ILE B 178 8.84 9.09 -18.69
C ILE B 178 7.81 7.96 -18.78
N LYS B 179 7.14 7.86 -19.93
CA LYS B 179 6.25 6.75 -20.17
C LYS B 179 6.78 5.79 -21.23
N ASP B 180 7.91 6.11 -21.83
CA ASP B 180 8.59 5.07 -22.59
C ASP B 180 9.82 4.72 -21.78
N VAL B 181 9.60 3.76 -20.88
CA VAL B 181 10.63 3.10 -20.12
C VAL B 181 10.86 1.72 -20.75
N GLY B 182 12.12 1.37 -20.97
CA GLY B 182 12.43 0.10 -21.60
C GLY B 182 13.30 -0.77 -20.71
N VAL B 183 12.82 -1.09 -19.51
CA VAL B 183 13.58 -1.94 -18.61
C VAL B 183 13.06 -3.36 -18.57
N ASP B 184 11.95 -3.64 -19.26
CA ASP B 184 11.39 -4.99 -19.32
C ASP B 184 11.02 -5.42 -20.75
N ASN B 185 11.58 -4.72 -21.73
CA ASN B 185 11.49 -5.15 -23.13
C ASN B 185 12.30 -6.42 -23.31
N ALA B 186 12.31 -6.93 -24.55
CA ALA B 186 13.02 -8.17 -24.87
C ALA B 186 14.50 -8.13 -24.48
N GLY B 187 15.15 -6.98 -24.71
CA GLY B 187 16.58 -6.89 -24.54
C GLY B 187 16.95 -6.90 -23.08
N ALA B 188 16.16 -6.17 -22.29
CA ALA B 188 16.39 -6.11 -20.87
C ALA B 188 16.34 -7.51 -20.31
N LYS B 189 15.24 -8.20 -20.60
CA LYS B 189 15.08 -9.60 -20.22
C LYS B 189 16.28 -10.45 -20.62
N ALA B 190 16.69 -10.31 -21.88
CA ALA B 190 17.80 -11.07 -22.45
C ALA B 190 19.09 -10.94 -21.65
N GLY B 191 19.54 -9.71 -21.42
CA GLY B 191 20.79 -9.46 -20.71
C GLY B 191 20.76 -9.82 -19.24
N LEU B 192 19.77 -9.32 -18.51
CA LEU B 192 19.57 -9.68 -17.11
C LEU B 192 19.53 -11.18 -16.91
N THR B 193 18.82 -11.87 -17.81
CA THR B 193 18.80 -13.35 -17.81
C THR B 193 20.21 -13.93 -17.99
N PHE B 194 20.97 -13.39 -18.94
CA PHE B 194 22.32 -13.91 -19.21
C PHE B 194 23.19 -13.79 -17.96
N LEU B 195 22.94 -12.74 -17.18
CA LEU B 195 23.67 -12.46 -15.94
C LEU B 195 23.27 -13.46 -14.87
N VAL B 196 21.96 -13.62 -14.67
CA VAL B 196 21.41 -14.58 -13.71
C VAL B 196 21.91 -16.01 -13.99
N ASP B 197 21.90 -16.39 -15.27
CA ASP B 197 22.36 -17.71 -15.72
C ASP B 197 23.87 -17.89 -15.58
N LEU B 198 24.58 -16.78 -15.48
CA LEU B 198 25.99 -16.78 -15.16
C LEU B 198 26.19 -17.08 -13.67
N ILE B 199 25.24 -16.61 -12.86
CA ILE B 199 25.34 -16.84 -11.42
C ILE B 199 24.80 -18.24 -11.14
N LYS B 200 23.88 -18.68 -11.96
CA LYS B 200 23.22 -19.97 -11.74
C LYS B 200 24.08 -21.14 -12.20
N ASN B 201 25.01 -20.87 -13.13
CA ASN B 201 26.01 -21.86 -13.44
C ASN B 201 27.21 -21.65 -12.49
N LYS B 202 26.97 -20.88 -11.44
CA LYS B 202 27.97 -20.50 -10.44
C LYS B 202 29.28 -20.05 -11.09
N HIS B 203 29.16 -19.10 -12.03
CA HIS B 203 30.31 -18.49 -12.68
C HIS B 203 30.59 -17.19 -11.94
N MET B 204 29.54 -16.63 -11.34
CA MET B 204 29.69 -15.49 -10.45
C MET B 204 28.95 -15.77 -9.14
N ASN B 205 28.60 -14.73 -8.40
CA ASN B 205 27.97 -14.89 -7.09
C ASN B 205 27.04 -13.72 -6.84
N ALA B 206 25.76 -14.00 -6.56
CA ALA B 206 24.74 -12.96 -6.50
C ALA B 206 24.97 -11.97 -5.37
N ASP B 207 25.90 -12.32 -4.48
CA ASP B 207 26.22 -11.51 -3.30
C ASP B 207 27.58 -10.83 -3.44
N THR B 208 28.15 -10.86 -4.65
CA THR B 208 29.41 -10.20 -4.97
C THR B 208 29.25 -8.69 -5.01
N ASP B 209 30.09 -7.98 -4.26
CA ASP B 209 29.98 -6.53 -4.24
C ASP B 209 31.27 -5.86 -4.74
N TYR B 210 31.32 -4.53 -4.58
CA TYR B 210 32.45 -3.75 -5.06
C TYR B 210 33.74 -4.31 -4.47
N SER B 211 33.90 -4.20 -3.15
CA SER B 211 35.15 -4.60 -2.47
C SER B 211 35.54 -6.05 -2.74
N ILE B 212 34.57 -6.94 -2.70
CA ILE B 212 34.80 -8.35 -3.02
C ILE B 212 35.44 -8.49 -4.41
N ALA B 213 34.82 -7.86 -5.40
CA ALA B 213 35.34 -7.88 -6.76
C ALA B 213 36.72 -7.27 -6.81
N GLU B 214 36.84 -6.08 -6.21
CA GLU B 214 38.11 -5.38 -6.20
C GLU B 214 39.21 -6.23 -5.59
N ALA B 215 38.94 -6.82 -4.42
CA ALA B 215 39.97 -7.58 -3.73
C ALA B 215 40.34 -8.82 -4.52
N ALA B 216 39.34 -9.50 -5.05
CA ALA B 216 39.61 -10.66 -5.89
C ALA B 216 40.52 -10.28 -7.05
N PHE B 217 40.12 -9.28 -7.83
CA PHE B 217 40.90 -8.96 -9.01
C PHE B 217 42.32 -8.52 -8.68
N ASN B 218 42.52 -7.79 -7.60
CA ASN B 218 43.86 -7.25 -7.32
C ASN B 218 44.80 -8.25 -6.63
N LYS B 219 44.25 -9.29 -6.00
CA LYS B 219 45.07 -10.42 -5.52
C LYS B 219 45.38 -11.43 -6.65
N GLY B 220 44.50 -11.49 -7.65
CA GLY B 220 44.72 -12.27 -8.86
C GLY B 220 43.67 -13.36 -9.11
N GLU B 221 42.77 -13.55 -8.13
CA GLU B 221 41.76 -14.61 -8.10
C GLU B 221 40.84 -14.60 -9.33
N THR B 222 40.61 -13.43 -9.92
CA THR B 222 39.77 -13.32 -11.15
C THR B 222 40.54 -12.64 -12.27
N ALA B 223 40.24 -13.08 -13.50
CA ALA B 223 40.89 -12.58 -14.71
C ALA B 223 40.20 -11.32 -15.25
N MET B 224 38.89 -11.18 -15.04
CA MET B 224 38.19 -9.98 -15.50
C MET B 224 37.25 -9.28 -14.50
N THR B 225 37.33 -7.95 -14.44
CA THR B 225 36.45 -7.16 -13.60
C THR B 225 35.84 -6.03 -14.46
N ILE B 226 34.89 -5.28 -13.89
CA ILE B 226 34.27 -4.16 -14.57
C ILE B 226 34.26 -2.96 -13.65
N ASN B 227 35.02 -1.93 -13.99
CA ASN B 227 35.08 -0.75 -13.14
C ASN B 227 35.36 0.53 -13.92
N GLY B 228 35.27 1.67 -13.24
CA GLY B 228 35.62 2.95 -13.81
C GLY B 228 37.05 3.24 -13.42
N PRO B 229 37.56 4.41 -13.85
CA PRO B 229 38.96 4.85 -13.72
C PRO B 229 39.45 5.04 -12.27
N TRP B 230 38.52 5.14 -11.32
CA TRP B 230 38.87 5.36 -9.93
C TRP B 230 39.43 4.09 -9.26
N ALA B 231 39.23 2.94 -9.91
CA ALA B 231 39.74 1.68 -9.39
C ALA B 231 41.15 1.37 -9.89
N TRP B 232 41.66 2.22 -10.78
CA TRP B 232 42.96 1.98 -11.40
C TRP B 232 44.09 2.29 -10.46
N SER B 233 43.80 3.15 -9.49
CA SER B 233 44.81 3.56 -8.53
C SER B 233 45.18 2.36 -7.65
N ASN B 234 44.18 1.56 -7.29
CA ASN B 234 44.41 0.41 -6.41
C ASN B 234 45.00 -0.78 -7.16
N ILE B 235 44.80 -0.85 -8.47
CA ILE B 235 45.38 -1.94 -9.24
C ILE B 235 46.86 -1.65 -9.52
N ASP B 236 47.23 -0.37 -9.54
CA ASP B 236 48.61 0.06 -9.75
C ASP B 236 49.51 -0.31 -8.56
N THR B 237 48.89 -0.51 -7.39
CA THR B 237 49.63 -0.83 -6.18
C THR B 237 49.52 -2.32 -5.93
N SER B 238 48.57 -2.95 -6.62
CA SER B 238 48.65 -4.36 -6.87
C SER B 238 49.72 -4.35 -7.90
N LYS B 239 50.51 -5.41 -8.06
CA LYS B 239 51.48 -5.35 -9.13
C LYS B 239 50.95 -5.93 -10.44
N VAL B 240 49.70 -6.38 -10.40
CA VAL B 240 49.03 -7.05 -11.52
C VAL B 240 49.18 -6.33 -12.86
N ASN B 241 49.51 -7.13 -13.89
CA ASN B 241 49.64 -6.67 -15.26
C ASN B 241 48.26 -6.61 -15.91
N TYR B 242 47.62 -5.45 -15.82
CA TYR B 242 46.25 -5.31 -16.25
C TYR B 242 46.10 -4.43 -17.48
N GLY B 243 45.04 -4.67 -18.22
CA GLY B 243 44.69 -3.84 -19.36
C GLY B 243 43.26 -3.34 -19.23
N VAL B 244 43.00 -2.20 -19.84
CA VAL B 244 41.66 -1.62 -19.85
C VAL B 244 41.20 -1.62 -21.30
N THR B 245 40.06 -2.26 -21.56
CA THR B 245 39.59 -2.51 -22.93
C THR B 245 38.06 -2.38 -23.03
N VAL B 246 37.55 -2.66 -24.22
CA VAL B 246 36.14 -2.38 -24.50
C VAL B 246 35.31 -3.52 -23.95
N LEU B 247 34.19 -3.19 -23.32
CA LEU B 247 33.27 -4.20 -22.82
C LEU B 247 33.00 -5.25 -23.88
N PRO B 248 32.80 -6.50 -23.43
CA PRO B 248 32.34 -7.57 -24.34
C PRO B 248 30.99 -7.25 -24.98
N THR B 249 30.73 -7.86 -26.14
CA THR B 249 29.44 -7.71 -26.82
C THR B 249 28.45 -8.69 -26.24
N PHE B 250 27.17 -8.42 -26.44
CA PHE B 250 26.13 -9.37 -26.07
C PHE B 250 25.20 -9.50 -27.24
N LYS B 251 25.19 -10.69 -27.85
CA LYS B 251 24.41 -10.91 -29.07
C LYS B 251 24.74 -9.86 -30.13
N GLY B 252 26.02 -9.79 -30.49
CA GLY B 252 26.46 -8.98 -31.60
C GLY B 252 26.43 -7.48 -31.41
N GLN B 253 25.66 -7.00 -30.45
CA GLN B 253 25.57 -5.57 -30.18
C GLN B 253 26.67 -5.11 -29.19
N PRO B 254 26.87 -3.78 -29.04
CA PRO B 254 27.80 -3.31 -28.02
C PRO B 254 27.16 -3.21 -26.64
N SER B 255 27.97 -3.33 -25.60
CA SER B 255 27.52 -3.06 -24.24
C SER B 255 27.40 -1.55 -24.09
N LYS B 256 26.32 -1.09 -23.46
CA LYS B 256 25.98 0.32 -23.50
C LYS B 256 25.96 1.03 -22.14
N PRO B 257 27.14 1.19 -21.51
CA PRO B 257 27.28 1.84 -20.21
C PRO B 257 26.66 3.23 -20.13
N PHE B 258 26.09 3.53 -18.98
CA PHE B 258 25.63 4.87 -18.66
C PHE B 258 26.81 5.73 -18.33
N VAL B 259 26.91 6.88 -18.99
CA VAL B 259 28.11 7.67 -18.84
C VAL B 259 27.83 8.84 -17.92
N GLY B 260 28.73 9.07 -17.00
CA GLY B 260 28.52 10.14 -16.06
C GLY B 260 29.60 11.18 -16.16
N VAL B 261 29.17 12.42 -16.01
CA VAL B 261 30.06 13.51 -15.74
C VAL B 261 30.05 13.75 -14.23
N LEU B 262 31.16 13.44 -13.57
CA LEU B 262 31.36 13.90 -12.21
C LEU B 262 31.21 15.41 -12.24
N SER B 263 30.09 15.90 -11.71
CA SER B 263 29.81 17.33 -11.68
C SER B 263 29.99 17.91 -10.28
N ALA B 264 29.66 19.18 -10.11
CA ALA B 264 29.63 19.81 -8.78
C ALA B 264 28.60 20.94 -8.77
N GLY B 265 27.54 20.77 -7.98
CA GLY B 265 26.54 21.80 -7.80
C GLY B 265 26.83 22.58 -6.54
N ILE B 266 26.34 23.82 -6.45
CA ILE B 266 26.49 24.62 -5.23
C ILE B 266 25.14 24.81 -4.55
N ASN B 267 25.06 24.43 -3.27
CA ASN B 267 23.80 24.48 -2.52
C ASN B 267 23.14 25.83 -2.64
N ALA B 268 21.87 25.85 -3.00
CA ALA B 268 21.10 27.10 -3.02
C ALA B 268 21.02 27.69 -1.61
N ALA B 269 20.89 26.82 -0.61
CA ALA B 269 20.84 27.24 0.78
C ALA B 269 22.18 27.79 1.27
N SER B 270 23.26 27.46 0.56
CA SER B 270 24.61 27.86 0.98
C SER B 270 24.82 29.37 0.98
N PRO B 271 25.60 29.86 1.96
CA PRO B 271 25.90 31.29 2.08
C PRO B 271 27.27 31.71 1.54
N ASN B 272 27.96 30.84 0.80
CA ASN B 272 29.34 31.11 0.37
C ASN B 272 29.55 30.95 -1.13
N LYS B 273 28.47 31.04 -1.89
CA LYS B 273 28.45 30.72 -3.31
C LYS B 273 29.52 31.40 -4.15
N GLU B 274 29.92 32.61 -3.75
CA GLU B 274 30.93 33.35 -4.48
C GLU B 274 32.36 32.92 -4.08
N LEU B 275 32.45 31.96 -3.15
CA LEU B 275 33.72 31.35 -2.76
C LEU B 275 33.85 29.95 -3.32
N ALA B 276 32.72 29.25 -3.37
CA ALA B 276 32.62 28.01 -4.12
C ALA B 276 33.13 28.28 -5.54
N LYS B 277 32.52 29.26 -6.19
CA LYS B 277 32.84 29.59 -7.57
C LYS B 277 34.33 29.85 -7.79
N GLU B 278 35.02 30.38 -6.77
CA GLU B 278 36.45 30.62 -6.91
C GLU B 278 37.20 29.28 -6.92
N PHE B 279 36.88 28.42 -5.94
CA PHE B 279 37.49 27.09 -5.80
C PHE B 279 37.34 26.23 -7.07
N LEU B 280 36.08 26.04 -7.46
CA LEU B 280 35.77 25.31 -8.68
C LEU B 280 36.50 25.88 -9.89
N GLU B 281 36.38 27.18 -10.13
CA GLU B 281 36.82 27.77 -11.40
C GLU B 281 38.35 27.98 -11.51
N ASN B 282 38.99 28.38 -10.41
CA ASN B 282 40.40 28.77 -10.46
C ASN B 282 41.32 28.02 -9.52
N TYR B 283 40.81 26.99 -8.87
CA TYR B 283 41.68 26.21 -7.98
C TYR B 283 41.58 24.72 -8.30
N LEU B 284 40.35 24.26 -8.57
CA LEU B 284 40.12 22.87 -8.95
C LEU B 284 40.25 22.72 -10.45
N LEU B 285 39.31 23.27 -11.19
CA LEU B 285 39.33 23.16 -12.63
C LEU B 285 40.52 23.92 -13.25
N THR B 286 41.74 23.46 -12.93
CA THR B 286 43.00 23.88 -13.55
C THR B 286 43.98 22.70 -13.65
N ASP B 287 44.94 22.74 -14.58
CA ASP B 287 45.96 21.68 -14.68
C ASP B 287 46.57 21.40 -13.30
N GLU B 288 46.55 22.40 -12.44
CA GLU B 288 47.19 22.33 -11.14
C GLU B 288 46.35 21.51 -10.16
N GLY B 289 45.05 21.79 -10.13
CA GLY B 289 44.09 21.11 -9.27
C GLY B 289 43.64 19.72 -9.72
N LEU B 290 43.25 19.57 -10.98
CA LEU B 290 42.82 18.28 -11.52
C LEU B 290 43.93 17.26 -11.44
N GLU B 291 45.17 17.71 -11.48
CA GLU B 291 46.27 16.77 -11.41
C GLU B 291 46.27 16.19 -10.01
N ALA B 292 46.18 17.07 -9.01
CA ALA B 292 46.18 16.73 -7.58
C ALA B 292 45.27 15.54 -7.29
N VAL B 293 44.03 15.68 -7.73
CA VAL B 293 43.04 14.61 -7.62
C VAL B 293 43.52 13.36 -8.39
N ASN B 294 43.67 13.50 -9.71
CA ASN B 294 43.94 12.37 -10.61
C ASN B 294 45.09 11.46 -10.19
N LYS B 295 46.07 12.01 -9.47
CA LYS B 295 47.16 11.17 -8.96
C LYS B 295 46.73 10.35 -7.74
N ASP B 296 45.72 10.82 -7.02
CA ASP B 296 45.14 10.00 -5.97
C ASP B 296 44.36 8.90 -6.65
N LYS B 297 43.18 9.25 -7.13
CA LYS B 297 42.37 8.30 -7.86
C LYS B 297 41.93 8.96 -9.15
N PRO B 298 42.30 8.36 -10.30
CA PRO B 298 42.04 8.87 -11.65
C PRO B 298 40.57 9.22 -11.92
N LEU B 299 40.35 10.42 -12.45
CA LEU B 299 39.02 10.92 -12.75
C LEU B 299 38.45 10.42 -14.06
N GLY B 300 39.29 9.87 -14.93
CA GLY B 300 38.87 9.52 -16.26
C GLY B 300 39.28 10.60 -17.23
N ALA B 301 38.36 11.02 -18.09
CA ALA B 301 38.64 12.07 -19.07
C ALA B 301 38.14 13.45 -18.58
N VAL B 302 39.07 14.30 -18.15
CA VAL B 302 38.70 15.57 -17.51
C VAL B 302 38.09 16.55 -18.49
N ALA B 303 37.15 17.35 -17.99
CA ALA B 303 36.41 18.27 -18.84
C ALA B 303 37.29 19.46 -19.28
N LEU B 304 38.27 19.81 -18.43
CA LEU B 304 39.20 20.89 -18.79
C LEU B 304 40.13 20.51 -19.96
N LYS B 305 39.82 21.00 -21.15
CA LYS B 305 40.59 20.70 -22.37
C LYS B 305 42.08 20.73 -22.10
N SER B 306 42.51 21.74 -21.32
CA SER B 306 43.93 21.99 -21.06
C SER B 306 44.63 20.73 -20.57
N TYR B 307 44.01 20.05 -19.62
CA TYR B 307 44.59 18.88 -18.98
C TYR B 307 44.12 17.55 -19.63
N GLU B 308 42.91 17.54 -20.19
CA GLU B 308 42.41 16.39 -20.96
C GLU B 308 43.39 16.00 -22.04
N GLU B 309 43.83 17.03 -22.77
CA GLU B 309 44.64 16.83 -23.96
C GLU B 309 45.99 16.26 -23.56
N GLU B 310 46.40 16.60 -22.33
CA GLU B 310 47.69 16.17 -21.80
C GLU B 310 47.68 14.71 -21.33
N LEU B 311 46.51 14.11 -21.15
CA LEU B 311 46.43 12.72 -20.68
C LEU B 311 45.84 11.75 -21.71
N ALA B 312 45.20 12.28 -22.74
CA ALA B 312 44.40 11.49 -23.70
C ALA B 312 45.12 10.31 -24.41
N LYS B 313 46.45 10.24 -24.28
CA LYS B 313 47.25 9.17 -24.87
C LYS B 313 47.50 8.05 -23.87
N ASP B 314 46.63 8.03 -22.86
CA ASP B 314 46.52 6.93 -21.94
C ASP B 314 45.61 5.86 -22.56
N PRO B 315 46.17 4.66 -22.83
CA PRO B 315 45.42 3.55 -23.41
C PRO B 315 44.15 3.26 -22.62
N ARG B 316 44.20 3.55 -21.32
CA ARG B 316 43.07 3.35 -20.43
C ARG B 316 41.95 4.34 -20.66
N ILE B 317 42.31 5.60 -20.86
CA ILE B 317 41.32 6.65 -21.05
C ILE B 317 40.73 6.53 -22.43
N ALA B 318 41.58 6.21 -23.41
CA ALA B 318 41.09 5.88 -24.73
C ALA B 318 40.06 4.76 -24.60
N ALA B 319 40.39 3.73 -23.83
CA ALA B 319 39.48 2.61 -23.62
C ALA B 319 38.19 3.09 -22.97
N THR B 320 38.35 3.98 -21.99
CA THR B 320 37.25 4.57 -21.26
C THR B 320 36.36 5.43 -22.17
N MET B 321 36.98 6.24 -23.03
CA MET B 321 36.20 7.09 -23.94
C MET B 321 35.52 6.27 -25.03
N GLU B 322 36.16 5.18 -25.44
CA GLU B 322 35.54 4.28 -26.43
C GLU B 322 34.22 3.69 -25.94
N ASN B 323 34.20 3.21 -24.69
CA ASN B 323 32.97 2.63 -24.17
C ASN B 323 31.94 3.70 -23.87
N ALA B 324 32.39 4.89 -23.51
CA ALA B 324 31.47 6.00 -23.32
C ALA B 324 30.73 6.29 -24.63
N GLN B 325 31.46 6.24 -25.74
CA GLN B 325 30.86 6.49 -27.04
C GLN B 325 29.82 5.40 -27.42
N LYS B 326 30.18 4.12 -27.26
CA LYS B 326 29.25 3.03 -27.55
C LYS B 326 28.04 3.05 -26.60
N GLY B 327 28.27 3.64 -25.44
CA GLY B 327 27.23 3.80 -24.43
C GLY B 327 26.42 5.08 -24.56
N GLU B 328 25.61 5.32 -23.54
CA GLU B 328 24.69 6.44 -23.47
C GLU B 328 25.03 7.36 -22.30
N ILE B 329 24.87 8.67 -22.50
CA ILE B 329 25.00 9.59 -21.37
C ILE B 329 23.74 9.59 -20.50
N MET B 330 23.95 9.60 -19.20
CA MET B 330 22.85 9.65 -18.25
C MET B 330 22.04 10.94 -18.34
N PRO B 331 20.72 10.81 -18.53
CA PRO B 331 19.83 11.95 -18.33
C PRO B 331 19.94 12.47 -16.90
N ASN B 332 19.43 13.67 -16.65
CA ASN B 332 19.57 14.28 -15.33
C ASN B 332 18.22 14.70 -14.75
N ILE B 333 17.14 14.42 -15.48
CA ILE B 333 15.76 14.62 -14.99
C ILE B 333 15.55 13.93 -13.63
N PRO B 334 14.67 14.49 -12.79
CA PRO B 334 14.57 13.99 -11.41
C PRO B 334 14.16 12.52 -11.32
N GLN B 335 13.25 12.10 -12.18
CA GLN B 335 12.78 10.71 -12.27
C GLN B 335 13.91 9.66 -12.37
N MET B 336 15.12 10.13 -12.64
CA MET B 336 16.27 9.27 -12.87
C MET B 336 16.70 8.56 -11.59
N SER B 337 16.41 9.20 -10.46
CA SER B 337 16.64 8.59 -9.17
C SER B 337 15.78 7.35 -9.02
N ALA B 338 14.51 7.47 -9.39
CA ALA B 338 13.56 6.37 -9.33
C ALA B 338 14.00 5.20 -10.20
N PHE B 339 14.58 5.54 -11.34
CA PHE B 339 15.01 4.55 -12.31
C PHE B 339 16.03 3.63 -11.66
N TRP B 340 17.02 4.23 -11.01
CA TRP B 340 18.10 3.44 -10.40
C TRP B 340 17.60 2.54 -9.26
N TYR B 341 16.75 3.10 -8.40
CA TYR B 341 16.09 2.32 -7.35
C TYR B 341 15.38 1.10 -7.91
N ALA B 342 14.47 1.31 -8.86
CA ALA B 342 13.69 0.21 -9.43
C ALA B 342 14.58 -0.89 -10.01
N VAL B 343 15.70 -0.51 -10.63
CA VAL B 343 16.57 -1.46 -11.31
C VAL B 343 17.51 -2.16 -10.34
N ARG B 344 17.95 -1.44 -9.32
CA ARG B 344 18.77 -1.99 -8.24
C ARG B 344 18.10 -3.22 -7.63
N THR B 345 16.93 -2.98 -7.02
CA THR B 345 16.05 -4.02 -6.52
C THR B 345 15.88 -5.16 -7.54
N ALA B 346 15.50 -4.82 -8.78
CA ALA B 346 15.26 -5.82 -9.81
C ALA B 346 16.40 -6.82 -10.00
N VAL B 347 17.62 -6.33 -10.13
CA VAL B 347 18.77 -7.19 -10.42
C VAL B 347 19.18 -8.01 -9.19
N ILE B 348 18.94 -7.46 -8.01
CA ILE B 348 19.22 -8.20 -6.78
C ILE B 348 18.21 -9.30 -6.51
N ASN B 349 16.93 -9.04 -6.77
CA ASN B 349 15.91 -10.09 -6.66
C ASN B 349 16.18 -11.24 -7.62
N ALA B 350 16.32 -10.92 -8.90
CA ALA B 350 16.62 -11.92 -9.92
C ALA B 350 17.87 -12.74 -9.61
N ALA B 351 18.92 -12.06 -9.15
CA ALA B 351 20.20 -12.73 -8.90
C ALA B 351 20.16 -13.66 -7.68
N SER B 352 19.45 -13.21 -6.65
CA SER B 352 19.29 -13.94 -5.40
C SER B 352 18.35 -15.12 -5.56
N GLY B 353 17.58 -15.09 -6.65
CA GLY B 353 16.71 -16.18 -7.03
C GLY B 353 15.36 -16.08 -6.35
N ARG B 354 15.10 -14.92 -5.74
CA ARG B 354 13.82 -14.68 -5.07
C ARG B 354 12.76 -14.24 -6.11
N GLN B 355 13.14 -13.44 -7.10
CA GLN B 355 12.24 -13.09 -8.21
C GLN B 355 12.82 -13.56 -9.55
N THR B 356 11.99 -13.79 -10.56
CA THR B 356 12.52 -14.04 -11.90
C THR B 356 12.91 -12.77 -12.67
N VAL B 357 13.73 -12.93 -13.73
CA VAL B 357 14.13 -11.82 -14.59
C VAL B 357 12.89 -11.09 -15.15
N ASP B 358 11.84 -11.83 -15.46
CA ASP B 358 10.62 -11.22 -15.97
C ASP B 358 9.83 -10.46 -14.90
N GLU B 359 9.55 -11.12 -13.77
CA GLU B 359 8.78 -10.47 -12.74
C GLU B 359 9.58 -9.36 -12.09
N ALA B 360 10.88 -9.55 -11.94
CA ALA B 360 11.73 -8.50 -11.40
C ALA B 360 11.73 -7.25 -12.30
N LEU B 361 11.80 -7.46 -13.63
CA LEU B 361 11.83 -6.36 -14.59
C LEU B 361 10.45 -5.77 -14.82
N ALA B 362 9.44 -6.63 -14.82
CA ALA B 362 8.07 -6.18 -14.95
C ALA B 362 7.72 -5.20 -13.84
N ALA B 363 8.11 -5.55 -12.60
CA ALA B 363 7.82 -4.74 -11.42
C ALA B 363 8.63 -3.45 -11.43
N ALA B 364 9.84 -3.52 -11.96
CA ALA B 364 10.69 -2.35 -12.15
C ALA B 364 10.17 -1.45 -13.29
N GLN B 365 9.56 -2.06 -14.30
CA GLN B 365 8.94 -1.32 -15.39
C GLN B 365 7.86 -0.38 -14.83
N THR B 366 6.99 -0.93 -13.99
CA THR B 366 5.90 -0.15 -13.38
C THR B 366 6.41 0.96 -12.44
N ASN B 367 7.55 0.72 -11.80
CA ASN B 367 8.05 1.60 -10.73
C ASN B 367 9.22 2.50 -11.05
N ALA B 368 9.69 2.45 -12.29
CA ALA B 368 10.84 3.24 -12.72
C ALA B 368 10.49 4.70 -12.93
N ALA B 369 9.19 4.99 -12.90
CA ALA B 369 8.72 6.35 -13.10
C ALA B 369 8.05 6.86 -11.83
N ALA B 370 8.17 6.09 -10.76
CA ALA B 370 7.42 6.32 -9.53
C ALA B 370 8.18 7.30 -8.61
N GLU B 371 7.49 7.90 -7.65
CA GLU B 371 8.12 8.81 -6.71
C GLU B 371 9.05 8.00 -5.80
N PHE B 372 9.50 8.58 -4.69
CA PHE B 372 10.38 7.93 -3.72
C PHE B 372 9.54 7.24 -2.66
N ALA B 373 9.70 5.92 -2.50
CA ALA B 373 8.85 5.12 -1.59
C ALA B 373 8.48 5.80 -0.26
N GLU B 374 9.47 6.10 0.59
CA GLU B 374 9.18 6.71 1.90
C GLU B 374 8.70 8.16 1.80
N ALA B 375 8.84 8.75 0.61
CA ALA B 375 8.27 10.06 0.32
C ALA B 375 6.84 9.93 -0.17
N ALA B 376 6.60 8.93 -1.00
CA ALA B 376 5.26 8.65 -1.48
C ALA B 376 4.39 8.29 -0.29
N LEU B 377 4.77 7.22 0.40
CA LEU B 377 4.05 6.70 1.56
C LEU B 377 3.73 7.78 2.59
N GLU B 378 4.55 8.82 2.65
CA GLU B 378 4.26 9.87 3.61
C GLU B 378 3.31 10.93 3.03
N ALA B 379 3.41 11.17 1.72
CA ALA B 379 2.47 12.04 1.00
C ALA B 379 1.08 11.38 0.90
N VAL B 380 1.07 10.05 0.86
CA VAL B 380 -0.16 9.28 0.95
C VAL B 380 -0.73 9.31 2.36
N ARG B 381 0.13 9.17 3.37
CA ARG B 381 -0.31 9.30 4.76
C ARG B 381 -0.83 10.70 5.05
N ARG B 382 -0.14 11.68 4.50
CA ARG B 382 -0.56 13.07 4.58
C ARG B 382 -2.00 13.26 4.03
N ALA B 383 -2.24 12.67 2.87
CA ALA B 383 -3.54 12.74 2.23
C ALA B 383 -4.65 12.21 3.11
N LEU B 384 -4.38 11.10 3.81
CA LEU B 384 -5.39 10.44 4.64
C LEU B 384 -5.67 11.16 5.92
N GLN B 385 -4.71 11.97 6.34
CA GLN B 385 -4.80 12.63 7.63
C GLN B 385 -5.34 14.04 7.48
N GLU B 386 -5.32 14.55 6.25
CA GLU B 386 -5.95 15.84 6.02
C GLU B 386 -7.42 15.64 5.72
N PHE B 387 -7.76 14.40 5.40
CA PHE B 387 -9.09 14.08 4.93
C PHE B 387 -10.21 14.24 5.99
N PRO B 388 -10.01 13.76 7.24
CA PRO B 388 -11.17 13.95 8.14
C PRO B 388 -11.62 15.40 8.32
N ALA B 389 -10.69 16.36 8.19
CA ALA B 389 -10.97 17.78 8.44
C ALA B 389 -11.48 18.43 7.17
N ALA B 390 -10.92 18.01 6.06
CA ALA B 390 -11.44 18.33 4.74
C ALA B 390 -12.92 17.93 4.60
N ALA B 391 -13.27 16.76 5.15
CA ALA B 391 -14.62 16.23 4.97
C ALA B 391 -15.63 16.86 5.91
N ARG B 392 -15.21 17.18 7.13
CA ARG B 392 -16.14 17.81 8.08
C ARG B 392 -16.28 19.30 7.78
N ASP B 393 -15.29 19.89 7.13
CA ASP B 393 -15.38 21.31 6.87
C ASP B 393 -16.33 21.69 5.73
N LEU B 394 -16.78 20.75 4.89
CA LEU B 394 -17.87 21.15 3.99
C LEU B 394 -19.20 20.41 4.17
N ASN B 395 -19.29 19.51 5.14
CA ASN B 395 -20.60 18.90 5.34
C ASN B 395 -21.05 18.60 6.76
N VAL B 396 -20.14 18.01 7.54
CA VAL B 396 -20.44 17.71 8.96
C VAL B 396 -20.49 19.00 9.75
N PRO B 397 -21.65 19.33 10.32
CA PRO B 397 -21.65 20.59 11.10
C PRO B 397 -21.02 20.37 12.46
N ARG B 398 -20.63 21.43 13.16
CA ARG B 398 -19.94 21.27 14.43
C ARG B 398 -20.91 21.22 15.60
N VAL B 399 -22.20 21.42 15.28
CA VAL B 399 -23.26 21.31 16.27
C VAL B 399 -24.33 20.37 15.72
N VAL B 400 -24.99 19.59 16.56
CA VAL B 400 -26.08 18.75 16.05
C VAL B 400 -27.31 19.60 15.86
N PRO B 401 -27.70 19.84 14.60
CA PRO B 401 -28.84 20.76 14.43
C PRO B 401 -30.14 20.10 14.87
N TYR B 402 -31.13 20.93 15.23
CA TYR B 402 -32.47 20.49 15.61
C TYR B 402 -33.49 20.73 14.47
N LEU B 403 -34.55 19.93 14.45
CA LEU B 403 -35.70 20.19 13.57
C LEU B 403 -36.96 20.45 14.43
N ASP B 404 -37.71 21.51 14.13
CA ASP B 404 -38.82 21.93 14.99
C ASP B 404 -40.08 21.05 14.79
N GLU B 405 -40.01 20.15 13.82
CA GLU B 405 -41.09 19.20 13.57
C GLU B 405 -40.60 18.12 12.60
N PRO B 406 -41.30 16.98 12.56
CA PRO B 406 -40.83 15.88 11.70
C PRO B 406 -40.74 16.29 10.23
N PRO B 407 -39.62 15.97 9.59
CA PRO B 407 -39.41 16.27 8.17
C PRO B 407 -40.31 15.44 7.26
N SER B 408 -40.55 15.95 6.05
CA SER B 408 -41.17 15.12 5.04
C SER B 408 -40.15 14.06 4.68
N PRO B 409 -40.60 12.86 4.27
CA PRO B 409 -39.66 11.86 3.79
C PRO B 409 -38.59 12.41 2.82
N LEU B 410 -38.99 13.25 1.86
CA LEU B 410 -38.02 13.83 0.90
C LEU B 410 -36.95 14.60 1.65
N CYS B 411 -37.38 15.63 2.37
CA CYS B 411 -36.47 16.45 3.15
C CYS B 411 -35.57 15.61 4.08
N PHE B 412 -36.12 14.54 4.68
CA PHE B 412 -35.29 13.72 5.56
C PHE B 412 -34.18 12.99 4.81
N TYR B 413 -34.53 12.42 3.67
CA TYR B 413 -33.57 11.66 2.90
C TYR B 413 -32.48 12.56 2.33
N ARG B 414 -32.90 13.61 1.64
CA ARG B 414 -31.96 14.57 1.03
C ARG B 414 -31.08 15.28 2.08
N ASP B 415 -31.69 15.82 3.14
CA ASP B 415 -30.95 16.70 4.04
C ASP B 415 -30.21 15.99 5.16
N TRP B 416 -30.51 14.70 5.40
CA TRP B 416 -29.96 14.02 6.59
C TRP B 416 -29.44 12.62 6.35
N VAL B 417 -30.26 11.75 5.77
CA VAL B 417 -29.83 10.38 5.55
C VAL B 417 -28.70 10.29 4.55
N CYS B 418 -28.91 10.89 3.39
CA CYS B 418 -27.95 10.82 2.32
C CYS B 418 -26.64 11.50 2.69
N PRO B 419 -26.67 12.78 3.14
CA PRO B 419 -25.35 13.32 3.48
C PRO B 419 -24.79 12.75 4.76
N ASN B 420 -25.57 11.93 5.46
CA ASN B 420 -25.05 11.14 6.56
C ASN B 420 -24.69 12.02 7.76
N ARG B 421 -25.59 12.94 8.06
CA ARG B 421 -25.35 13.83 9.19
C ARG B 421 -26.50 13.82 10.19
N PRO B 422 -26.18 13.95 11.48
CA PRO B 422 -27.21 13.82 12.49
C PRO B 422 -28.07 15.07 12.64
N CYS B 423 -29.26 14.85 13.17
CA CYS B 423 -30.12 15.91 13.65
C CYS B 423 -31.04 15.36 14.74
N ILE B 424 -31.50 16.27 15.58
CA ILE B 424 -32.54 15.97 16.55
C ILE B 424 -33.87 16.50 16.02
N ILE B 425 -34.92 15.66 16.10
CA ILE B 425 -36.25 16.07 15.69
C ILE B 425 -37.10 16.37 16.92
N ARG B 426 -37.60 17.61 16.99
CA ARG B 426 -38.48 17.97 18.09
C ARG B 426 -39.90 17.72 17.68
N ASN B 427 -40.80 17.67 18.66
CA ASN B 427 -42.23 17.53 18.37
C ASN B 427 -42.57 16.36 17.46
N ALA B 428 -41.88 15.24 17.70
CA ALA B 428 -41.99 14.10 16.83
C ALA B 428 -42.46 12.90 17.61
N LEU B 429 -42.73 13.12 18.90
CA LEU B 429 -43.13 12.01 19.77
C LEU B 429 -44.38 12.27 20.60
N GLN B 430 -44.91 13.48 20.56
CA GLN B 430 -45.99 13.85 21.47
C GLN B 430 -47.32 13.08 21.30
N HIS B 431 -47.45 12.29 20.24
CA HIS B 431 -48.63 11.45 20.10
C HIS B 431 -48.50 10.10 20.79
N TRP B 432 -47.27 9.75 21.18
CA TRP B 432 -47.03 8.55 21.96
C TRP B 432 -47.63 8.72 23.33
N PRO B 433 -48.52 7.80 23.72
CA PRO B 433 -49.06 7.79 25.09
C PRO B 433 -47.95 7.61 26.13
N ALA B 434 -46.81 7.09 25.70
CA ALA B 434 -45.71 6.77 26.61
C ALA B 434 -45.12 8.02 27.26
N LEU B 435 -45.27 9.16 26.58
CA LEU B 435 -44.64 10.40 27.03
C LEU B 435 -45.29 10.93 28.26
N GLN B 436 -46.59 10.64 28.40
CA GLN B 436 -47.39 11.11 29.53
C GLN B 436 -47.63 10.04 30.59
N LYS B 437 -47.40 8.78 30.22
CA LYS B 437 -47.73 7.62 31.04
C LYS B 437 -46.54 6.92 31.70
N TRP B 438 -45.39 6.92 31.04
CA TRP B 438 -44.27 6.08 31.48
C TRP B 438 -43.43 6.64 32.64
N SER B 439 -44.05 6.71 33.82
CA SER B 439 -43.32 6.85 35.08
C SER B 439 -42.79 5.47 35.47
N LEU B 440 -41.95 5.41 36.50
CA LEU B 440 -41.51 4.10 36.99
C LEU B 440 -42.62 3.40 37.79
N SER B 441 -43.61 4.15 38.27
CA SER B 441 -44.77 3.53 38.88
C SER B 441 -45.50 2.73 37.82
N TYR B 442 -45.71 3.39 36.68
CA TYR B 442 -46.43 2.78 35.59
C TYR B 442 -45.73 1.51 35.10
N LEU B 443 -44.40 1.56 34.96
CA LEU B 443 -43.67 0.39 34.47
C LEU B 443 -43.86 -0.77 35.42
N ARG B 444 -43.91 -0.46 36.71
CA ARG B 444 -44.10 -1.46 37.75
C ARG B 444 -45.48 -2.10 37.67
N ALA B 445 -46.51 -1.26 37.47
CA ALA B 445 -47.90 -1.69 37.48
C ALA B 445 -48.31 -2.41 36.18
N THR B 446 -47.46 -2.30 35.17
CA THR B 446 -47.81 -2.76 33.84
C THR B 446 -46.96 -3.92 33.42
N VAL B 447 -45.65 -3.79 33.65
CA VAL B 447 -44.75 -4.86 33.26
C VAL B 447 -43.77 -5.20 34.37
N GLY B 448 -44.16 -4.88 35.60
CA GLY B 448 -43.35 -5.23 36.78
C GLY B 448 -42.97 -6.69 36.95
N SER B 449 -43.94 -7.60 36.79
CA SER B 449 -43.71 -9.03 37.02
C SER B 449 -43.23 -9.73 35.77
N THR B 450 -42.99 -8.95 34.72
CA THR B 450 -42.47 -9.53 33.49
C THR B 450 -40.97 -9.73 33.63
N GLU B 451 -40.51 -10.96 33.38
CA GLU B 451 -39.09 -11.29 33.44
C GLU B 451 -38.40 -10.85 32.15
N VAL B 452 -37.25 -10.22 32.33
CA VAL B 452 -36.44 -9.75 31.23
C VAL B 452 -35.01 -10.25 31.42
N SER B 453 -34.17 -10.07 30.41
CA SER B 453 -32.74 -10.30 30.57
C SER B 453 -32.03 -8.99 30.94
N VAL B 454 -31.37 -8.95 32.11
CA VAL B 454 -30.75 -7.72 32.60
C VAL B 454 -29.23 -7.76 32.41
N ALA B 455 -28.61 -6.65 32.02
CA ALA B 455 -27.17 -6.68 31.84
C ALA B 455 -26.48 -6.17 33.10
N VAL B 456 -25.54 -6.95 33.61
CA VAL B 456 -24.82 -6.60 34.83
C VAL B 456 -23.31 -6.44 34.59
N THR B 457 -22.77 -5.25 34.85
CA THR B 457 -21.32 -5.09 34.91
C THR B 457 -20.93 -4.54 36.28
N PRO B 458 -19.67 -4.78 36.68
CA PRO B 458 -19.20 -4.22 37.96
C PRO B 458 -19.10 -2.69 37.97
N ASP B 459 -18.75 -2.08 36.85
CA ASP B 459 -18.48 -0.63 36.82
C ASP B 459 -19.42 0.17 35.92
N GLY B 460 -20.14 -0.49 35.03
CA GLY B 460 -21.10 0.21 34.19
C GLY B 460 -20.69 0.20 32.73
N TYR B 461 -19.54 -0.42 32.47
CA TYR B 461 -19.01 -0.54 31.13
C TYR B 461 -19.22 -1.94 30.55
N ALA B 462 -20.38 -2.16 29.93
CA ALA B 462 -20.57 -3.35 29.11
C ALA B 462 -19.98 -3.11 27.75
N ASP B 463 -19.63 -4.21 27.08
CA ASP B 463 -19.03 -4.17 25.75
C ASP B 463 -17.91 -3.13 25.67
N ALA B 464 -17.00 -3.21 26.63
CA ALA B 464 -15.86 -2.31 26.68
C ALA B 464 -14.57 -3.10 26.77
N VAL B 465 -13.47 -2.48 26.35
CA VAL B 465 -12.16 -3.00 26.68
C VAL B 465 -11.93 -2.83 28.21
N ARG B 466 -11.46 -3.89 28.85
CA ARG B 466 -11.02 -3.76 30.23
C ARG B 466 -9.74 -4.59 30.38
N GLY B 467 -8.61 -3.88 30.42
CA GLY B 467 -7.29 -4.46 30.31
C GLY B 467 -6.83 -4.98 28.94
N ASP B 468 -6.88 -6.30 28.80
CA ASP B 468 -6.38 -7.01 27.63
C ASP B 468 -7.49 -7.81 26.99
N ARG B 469 -8.72 -7.47 27.33
CA ARG B 469 -9.88 -8.24 26.94
C ARG B 469 -11.01 -7.31 26.59
N PHE B 470 -11.73 -7.65 25.53
CA PHE B 470 -13.03 -7.09 25.24
C PHE B 470 -14.04 -7.86 26.10
N VAL B 471 -14.73 -7.17 27.00
CA VAL B 471 -15.60 -7.86 27.94
C VAL B 471 -17.06 -7.56 27.69
N MET B 472 -17.87 -8.62 27.72
CA MET B 472 -19.29 -8.52 27.47
C MET B 472 -20.00 -8.65 28.80
N PRO B 473 -21.21 -8.08 28.91
CA PRO B 473 -21.89 -7.95 30.20
C PRO B 473 -22.29 -9.27 30.84
N ALA B 474 -22.49 -9.27 32.16
CA ALA B 474 -23.06 -10.46 32.78
C ALA B 474 -24.55 -10.45 32.49
N GLU B 475 -25.18 -11.62 32.44
CA GLU B 475 -26.62 -11.68 32.18
C GLU B 475 -27.42 -12.25 33.37
N ARG B 476 -28.30 -11.45 33.96
CA ARG B 476 -29.23 -11.94 34.97
C ARG B 476 -30.73 -11.80 34.58
N ARG B 477 -31.49 -12.87 34.77
CA ARG B 477 -32.92 -12.88 34.48
C ARG B 477 -33.74 -12.50 35.70
N LEU B 478 -34.26 -11.28 35.68
CA LEU B 478 -35.01 -10.71 36.79
C LEU B 478 -36.30 -10.07 36.29
N PRO B 479 -37.30 -9.88 37.17
CA PRO B 479 -38.45 -9.09 36.74
C PRO B 479 -38.09 -7.62 36.64
N ILE B 480 -38.91 -6.81 36.00
CA ILE B 480 -38.56 -5.42 35.83
C ILE B 480 -38.64 -4.70 37.17
N SER B 481 -39.57 -5.14 38.03
CA SER B 481 -39.67 -4.61 39.40
C SER B 481 -38.32 -4.61 40.14
N HIS B 482 -37.55 -5.69 39.98
CA HIS B 482 -36.26 -5.80 40.65
C HIS B 482 -35.26 -4.72 40.14
N VAL B 483 -35.21 -4.48 38.83
CA VAL B 483 -34.42 -3.39 38.27
C VAL B 483 -34.94 -2.04 38.78
N LEU B 484 -36.27 -1.91 38.88
CA LEU B 484 -36.89 -0.68 39.40
C LEU B 484 -36.59 -0.50 40.89
N ASP B 485 -36.39 -1.60 41.60
CA ASP B 485 -36.13 -1.52 43.03
C ASP B 485 -34.78 -0.93 43.27
N VAL B 486 -33.78 -1.42 42.52
CA VAL B 486 -32.44 -0.87 42.54
C VAL B 486 -32.41 0.63 42.18
N LEU B 487 -33.00 0.99 41.04
CA LEU B 487 -33.05 2.36 40.54
C LEU B 487 -33.67 3.34 41.54
N GLU B 488 -34.75 2.91 42.19
CA GLU B 488 -35.42 3.71 43.22
C GLU B 488 -34.69 3.60 44.59
N GLY B 489 -33.67 2.75 44.66
CA GLY B 489 -32.86 2.63 45.86
C GLY B 489 -33.46 1.72 46.90
N ARG B 490 -34.60 1.12 46.54
CA ARG B 490 -35.33 0.21 47.43
C ARG B 490 -34.59 -1.10 47.63
N ALA B 491 -33.60 -1.39 46.77
CA ALA B 491 -32.83 -2.62 46.85
C ALA B 491 -31.43 -2.44 46.30
N GLN B 492 -30.51 -3.27 46.73
CA GLN B 492 -29.12 -3.12 46.35
C GLN B 492 -28.77 -4.26 45.44
N HIS B 493 -27.85 -4.02 44.51
CA HIS B 493 -27.48 -5.08 43.63
C HIS B 493 -26.04 -4.96 43.26
N PRO B 494 -25.33 -6.09 43.16
CA PRO B 494 -23.92 -6.03 42.76
C PRO B 494 -23.77 -5.20 41.50
N GLY B 495 -22.92 -4.19 41.53
CA GLY B 495 -22.52 -3.51 40.31
C GLY B 495 -23.60 -2.62 39.72
N VAL B 496 -23.65 -2.57 38.40
CA VAL B 496 -24.50 -1.64 37.65
C VAL B 496 -25.46 -2.37 36.69
N LEU B 497 -26.70 -1.89 36.65
CA LEU B 497 -27.79 -2.51 35.89
C LEU B 497 -28.30 -1.68 34.71
N TYR B 498 -28.61 -2.36 33.61
CA TYR B 498 -29.47 -1.79 32.56
C TYR B 498 -30.22 -2.91 31.84
N VAL B 499 -31.45 -2.61 31.41
CA VAL B 499 -32.24 -3.53 30.60
C VAL B 499 -32.18 -3.04 29.16
N GLN B 500 -31.93 -3.94 28.23
CA GLN B 500 -32.13 -3.59 26.82
C GLN B 500 -32.90 -4.70 26.15
N LYS B 501 -34.19 -4.47 25.93
CA LYS B 501 -35.10 -5.52 25.43
C LYS B 501 -35.69 -5.15 24.06
N GLN B 502 -35.83 -6.15 23.21
CA GLN B 502 -36.55 -6.01 21.96
C GLN B 502 -38.03 -6.09 22.27
N CYS B 503 -38.83 -5.07 21.93
CA CYS B 503 -40.26 -5.24 22.15
C CYS B 503 -41.10 -5.21 20.86
N SER B 504 -42.12 -6.09 20.83
CA SER B 504 -43.02 -6.21 19.69
C SER B 504 -44.46 -6.49 20.11
N ASN B 505 -45.14 -7.30 19.30
CA ASN B 505 -46.47 -7.82 19.55
C ASN B 505 -46.41 -9.16 20.28
N LEU B 506 -45.27 -9.84 20.10
CA LEU B 506 -44.96 -11.13 20.73
C LEU B 506 -44.97 -11.10 22.26
N PRO B 507 -45.47 -12.17 22.89
CA PRO B 507 -45.53 -12.27 24.36
C PRO B 507 -44.16 -12.16 25.05
N THR B 508 -43.18 -12.90 24.53
CA THR B 508 -41.80 -12.87 24.99
C THR B 508 -41.25 -11.44 25.15
N GLU B 509 -41.70 -10.53 24.29
CA GLU B 509 -41.19 -9.17 24.21
C GLU B 509 -42.06 -8.34 25.14
N LEU B 510 -42.37 -7.10 24.77
CA LEU B 510 -43.08 -6.31 25.76
C LEU B 510 -44.37 -5.70 25.19
N PRO B 511 -45.36 -6.56 24.88
CA PRO B 511 -46.59 -6.12 24.19
C PRO B 511 -47.47 -5.13 24.94
N GLN B 512 -47.37 -5.18 26.27
CA GLN B 512 -48.13 -4.29 27.11
C GLN B 512 -47.65 -2.85 26.88
N LEU B 513 -46.39 -2.71 26.46
CA LEU B 513 -45.79 -1.39 26.23
C LEU B 513 -45.84 -0.92 24.78
N LEU B 514 -46.00 -1.87 23.83
CA LEU B 514 -46.05 -1.50 22.42
C LEU B 514 -47.25 -0.59 22.09
N SER B 515 -48.27 -0.67 22.91
CA SER B 515 -49.49 0.09 22.75
C SER B 515 -49.27 1.58 22.88
N ASP B 516 -48.22 1.94 23.64
CA ASP B 516 -47.93 3.33 24.03
C ASP B 516 -46.86 3.96 23.15
N ILE B 517 -46.41 3.24 22.13
CA ILE B 517 -45.42 3.76 21.21
C ILE B 517 -45.86 3.38 19.82
N GLU B 518 -44.90 3.25 18.91
CA GLU B 518 -45.19 2.87 17.55
C GLU B 518 -44.27 1.73 17.14
N SER B 519 -44.73 0.88 16.23
CA SER B 519 -43.89 -0.22 15.73
C SER B 519 -42.82 0.27 14.76
N HIS B 520 -42.96 1.52 14.31
CA HIS B 520 -42.02 2.14 13.40
C HIS B 520 -42.32 3.64 13.25
N VAL B 521 -41.32 4.41 12.83
CA VAL B 521 -41.52 5.82 12.51
C VAL B 521 -41.90 5.99 11.05
N PRO B 522 -43.22 6.15 10.78
CA PRO B 522 -43.82 6.15 9.45
C PRO B 522 -43.05 7.03 8.47
N TRP B 523 -42.66 8.24 8.88
CA TRP B 523 -41.96 9.11 7.94
C TRP B 523 -40.57 8.57 7.64
N ALA B 524 -39.92 7.96 8.61
CA ALA B 524 -38.62 7.37 8.36
C ALA B 524 -38.74 6.17 7.45
N SER B 525 -39.67 5.27 7.78
CA SER B 525 -39.86 4.03 7.02
C SER B 525 -40.07 4.33 5.54
N GLU B 526 -40.88 5.36 5.31
CA GLU B 526 -41.21 5.79 3.98
C GLU B 526 -39.99 6.39 3.28
N SER B 527 -39.26 7.21 4.02
CA SER B 527 -38.06 7.88 3.54
C SER B 527 -36.96 6.88 3.13
N LEU B 528 -36.84 5.81 3.92
CA LEU B 528 -35.74 4.86 3.81
C LEU B 528 -36.14 3.67 2.98
N GLY B 529 -37.46 3.49 2.86
CA GLY B 529 -38.03 2.53 1.95
C GLY B 529 -38.17 1.14 2.52
N LYS B 530 -38.29 1.04 3.83
CA LYS B 530 -38.17 -0.25 4.48
C LYS B 530 -38.56 -0.08 5.94
N MET B 531 -38.85 -1.19 6.59
CA MET B 531 -39.26 -1.18 7.98
C MET B 531 -38.09 -1.43 8.92
N PRO B 532 -38.22 -1.02 10.19
CA PRO B 532 -37.17 -1.29 11.15
C PRO B 532 -36.89 -2.78 11.23
N ASP B 533 -35.65 -3.18 11.51
CA ASP B 533 -35.33 -4.59 11.75
C ASP B 533 -35.68 -4.90 13.21
N ALA B 534 -35.43 -3.94 14.09
CA ALA B 534 -35.61 -4.14 15.54
C ALA B 534 -36.14 -2.87 16.22
N VAL B 535 -37.05 -3.04 17.18
CA VAL B 535 -37.42 -1.92 18.06
C VAL B 535 -36.93 -2.24 19.48
N ASN B 536 -36.26 -1.30 20.14
CA ASN B 536 -35.68 -1.66 21.43
C ASN B 536 -36.16 -0.78 22.58
N PHE B 537 -36.44 -1.43 23.70
CA PHE B 537 -36.81 -0.73 24.92
C PHE B 537 -35.53 -0.59 25.74
N TRP B 538 -35.26 0.61 26.23
CA TRP B 538 -34.09 0.84 27.09
C TRP B 538 -34.45 1.54 28.40
N LEU B 539 -34.04 0.91 29.49
CA LEU B 539 -34.16 1.42 30.85
C LEU B 539 -32.84 1.14 31.54
N GLY B 540 -32.20 2.14 32.16
CA GLY B 540 -30.94 1.84 32.80
C GLY B 540 -30.44 2.74 33.92
N ASP B 541 -29.31 2.35 34.50
CA ASP B 541 -28.66 3.09 35.57
C ASP B 541 -27.86 4.27 34.99
N ALA B 542 -27.71 5.33 35.78
CA ALA B 542 -26.94 6.50 35.34
C ALA B 542 -25.45 6.21 35.25
N SER B 543 -25.01 5.08 35.79
CA SER B 543 -23.60 4.74 35.74
C SER B 543 -23.28 3.86 34.55
N ALA B 544 -24.32 3.53 33.77
CA ALA B 544 -24.17 2.70 32.58
C ALA B 544 -23.61 3.49 31.40
N VAL B 545 -22.53 3.01 30.82
CA VAL B 545 -21.91 3.69 29.70
C VAL B 545 -21.63 2.77 28.54
N THR B 546 -22.24 3.04 27.40
CA THR B 546 -21.93 2.25 26.23
C THR B 546 -20.75 2.92 25.56
N SER B 547 -19.67 2.17 25.37
CA SER B 547 -18.40 2.76 24.91
C SER B 547 -18.39 3.00 23.39
N LEU B 548 -17.42 3.79 22.94
CA LEU B 548 -17.33 4.22 21.54
C LEU B 548 -17.33 3.07 20.54
N HIS B 549 -18.28 3.10 19.62
CA HIS B 549 -18.40 2.11 18.55
C HIS B 549 -19.22 2.68 17.41
N LYS B 550 -19.31 1.96 16.31
CA LYS B 550 -20.22 2.38 15.25
C LYS B 550 -21.19 1.24 14.90
N ASP B 551 -22.30 1.61 14.26
CA ASP B 551 -23.27 0.60 13.86
C ASP B 551 -23.47 0.63 12.37
N HIS B 552 -23.93 -0.50 11.81
CA HIS B 552 -24.25 -0.57 10.40
C HIS B 552 -25.74 -0.40 10.19
N TYR B 553 -26.31 0.58 10.88
CA TYR B 553 -27.75 0.80 10.84
C TYR B 553 -28.04 2.29 10.83
N GLU B 554 -29.22 2.67 10.34
CA GLU B 554 -29.78 3.98 10.65
C GLU B 554 -30.49 3.85 11.99
N ASN B 555 -30.23 4.80 12.89
CA ASN B 555 -30.76 4.72 14.25
C ASN B 555 -31.68 5.87 14.60
N LEU B 556 -32.90 5.59 15.04
CA LEU B 556 -33.75 6.67 15.52
C LEU B 556 -33.86 6.56 17.04
N TYR B 557 -33.00 7.28 17.76
CA TYR B 557 -32.98 7.19 19.21
C TYR B 557 -34.00 8.13 19.82
N CYS B 558 -35.07 7.54 20.38
CA CYS B 558 -36.22 8.28 20.97
C CYS B 558 -36.24 8.27 22.49
N VAL B 559 -35.98 9.41 23.14
CA VAL B 559 -35.98 9.47 24.60
C VAL B 559 -37.36 9.78 25.16
N VAL B 560 -37.84 8.93 26.09
CA VAL B 560 -39.18 9.13 26.66
C VAL B 560 -39.12 9.81 28.02
N SER B 561 -38.05 9.53 28.78
CA SER B 561 -37.92 10.03 30.13
C SER B 561 -36.44 10.15 30.56
N GLY B 562 -36.12 11.32 31.12
CA GLY B 562 -34.73 11.63 31.45
C GLY B 562 -33.97 12.18 30.25
N GLU B 563 -32.69 11.84 30.17
CA GLU B 563 -31.82 12.37 29.10
C GLU B 563 -30.75 11.38 28.65
N LYS B 564 -30.33 11.54 27.40
CA LYS B 564 -29.28 10.72 26.82
C LYS B 564 -28.19 11.65 26.32
N HIS B 565 -26.91 11.30 26.56
CA HIS B 565 -25.81 12.18 26.18
C HIS B 565 -24.85 11.54 25.19
N PHE B 566 -24.88 12.01 23.96
CA PHE B 566 -24.06 11.41 22.94
C PHE B 566 -22.80 12.18 22.68
N LEU B 567 -21.69 11.44 22.59
CA LEU B 567 -20.43 11.93 22.03
C LEU B 567 -20.20 11.31 20.66
N LEU B 568 -20.15 12.09 19.59
CA LEU B 568 -20.14 11.46 18.26
C LEU B 568 -18.87 11.67 17.44
N HIS B 569 -18.58 10.70 16.57
CA HIS B 569 -17.59 10.89 15.52
C HIS B 569 -18.14 10.43 14.19
N PRO B 570 -17.99 11.27 13.17
CA PRO B 570 -18.39 10.92 11.81
C PRO B 570 -17.55 9.79 11.27
N PRO B 571 -18.08 9.02 10.31
CA PRO B 571 -17.31 7.93 9.69
C PRO B 571 -15.93 8.39 9.20
N SER B 572 -15.85 9.59 8.62
CA SER B 572 -14.59 10.12 8.11
C SER B 572 -13.51 10.42 9.18
N ASP B 573 -13.85 10.44 10.47
CA ASP B 573 -12.82 10.63 11.51
C ASP B 573 -12.00 9.36 11.74
N ARG B 574 -12.40 8.29 11.08
CA ARG B 574 -11.80 6.97 11.28
C ARG B 574 -10.27 6.92 11.30
N PRO B 575 -9.54 7.57 10.35
CA PRO B 575 -8.07 7.47 10.44
C PRO B 575 -7.45 7.85 11.78
N PHE B 576 -8.08 8.77 12.51
CA PHE B 576 -7.56 9.19 13.81
C PHE B 576 -8.14 8.41 14.96
N ILE B 577 -9.02 7.46 14.65
CA ILE B 577 -9.70 6.61 15.65
C ILE B 577 -9.06 5.22 15.71
N PRO B 578 -8.33 4.95 16.80
CA PRO B 578 -7.59 3.69 16.98
C PRO B 578 -8.46 2.51 17.28
N TYR B 579 -8.03 1.38 16.73
CA TYR B 579 -8.68 0.08 16.90
C TYR B 579 -7.65 -0.96 17.31
N ASN B 580 -7.98 -1.81 18.28
CA ASN B 580 -7.10 -2.91 18.68
C ASN B 580 -7.78 -4.25 18.47
N LEU B 581 -7.12 -5.32 18.91
CA LEU B 581 -7.68 -6.68 18.77
C LEU B 581 -7.62 -7.42 20.11
N TYR B 582 -8.78 -7.66 20.71
CA TYR B 582 -8.83 -8.25 22.05
C TYR B 582 -9.48 -9.62 22.06
N THR B 583 -9.05 -10.43 22.99
CA THR B 583 -9.72 -11.70 23.24
C THR B 583 -11.05 -11.39 23.89
N PRO B 584 -12.15 -11.91 23.33
CA PRO B 584 -13.47 -11.61 23.89
C PRO B 584 -13.65 -12.31 25.23
N ALA B 585 -14.52 -11.78 26.07
CA ALA B 585 -14.77 -12.36 27.40
C ALA B 585 -16.21 -12.12 27.82
N THR B 586 -16.63 -12.80 28.89
CA THR B 586 -17.94 -12.52 29.43
C THR B 586 -17.81 -12.48 30.94
N TYR B 587 -18.50 -11.54 31.57
CA TYR B 587 -18.50 -11.50 33.02
C TYR B 587 -19.33 -12.65 33.53
N GLN B 588 -18.86 -13.28 34.61
CA GLN B 588 -19.72 -14.12 35.42
C GLN B 588 -19.89 -13.39 36.71
N LEU B 589 -21.11 -13.37 37.19
CA LEU B 589 -21.39 -12.84 38.51
C LEU B 589 -21.63 -14.01 39.44
N THR B 590 -20.74 -14.16 40.40
CA THR B 590 -20.88 -15.15 41.46
C THR B 590 -22.06 -14.85 42.39
N GLU B 591 -22.49 -15.85 43.15
CA GLU B 591 -23.53 -15.63 44.15
C GLU B 591 -22.88 -15.18 45.46
N GLU B 592 -21.61 -14.80 45.36
CA GLU B 592 -20.90 -14.17 46.45
C GLU B 592 -20.98 -12.65 46.28
N GLY B 593 -21.46 -12.24 45.11
CA GLY B 593 -21.57 -10.82 44.76
C GLY B 593 -20.33 -10.27 44.05
N THR B 594 -19.48 -11.16 43.57
CA THR B 594 -18.21 -10.75 42.96
C THR B 594 -18.20 -11.02 41.46
N PHE B 595 -17.49 -10.19 40.70
CA PHE B 595 -17.44 -10.36 39.26
C PHE B 595 -16.17 -11.09 38.83
N ARG B 596 -16.21 -11.81 37.72
CA ARG B 596 -14.99 -12.40 37.20
C ARG B 596 -15.05 -12.42 35.66
N VAL B 597 -13.88 -12.23 35.06
CA VAL B 597 -13.73 -12.18 33.62
C VAL B 597 -13.46 -13.61 33.18
N VAL B 598 -14.29 -14.11 32.27
CA VAL B 598 -14.12 -15.46 31.73
C VAL B 598 -13.96 -15.34 30.22
N ASP B 599 -12.79 -15.72 29.71
CA ASP B 599 -12.56 -15.67 28.28
C ASP B 599 -13.59 -16.57 27.59
N GLU B 600 -13.99 -16.15 26.39
CA GLU B 600 -14.73 -17.00 25.47
C GLU B 600 -13.74 -17.83 24.65
N GLU B 601 -13.70 -19.13 24.91
CA GLU B 601 -12.68 -20.03 24.39
C GLU B 601 -12.90 -20.50 22.96
N ALA B 602 -13.95 -20.02 22.32
CA ALA B 602 -14.30 -20.51 21.00
C ALA B 602 -14.78 -19.36 20.15
N MET B 603 -14.38 -18.15 20.55
CA MET B 603 -14.81 -16.94 19.90
C MET B 603 -13.60 -16.27 19.26
N GLU B 604 -13.82 -15.74 18.05
CA GLU B 604 -12.83 -15.00 17.28
C GLU B 604 -12.52 -13.67 17.98
N LYS B 605 -11.29 -13.17 17.87
CA LYS B 605 -10.96 -11.88 18.48
C LYS B 605 -11.83 -10.73 17.96
N VAL B 606 -12.06 -9.76 18.85
CA VAL B 606 -12.90 -8.59 18.57
C VAL B 606 -12.08 -7.35 18.26
N PRO B 607 -12.32 -6.71 17.11
CA PRO B 607 -11.71 -5.38 16.90
C PRO B 607 -12.44 -4.36 17.73
N TRP B 608 -11.74 -3.58 18.54
CA TRP B 608 -12.41 -2.63 19.40
C TRP B 608 -11.54 -1.43 19.75
N ILE B 609 -12.22 -0.33 20.07
CA ILE B 609 -11.59 0.98 20.26
C ILE B 609 -11.17 1.19 21.70
N PRO B 610 -9.84 1.32 21.90
CA PRO B 610 -9.25 1.38 23.23
C PRO B 610 -9.56 2.64 24.04
N LEU B 611 -9.52 3.83 23.45
CA LEU B 611 -9.53 5.03 24.28
C LEU B 611 -10.93 5.41 24.77
N ASP B 612 -10.97 6.08 25.92
CA ASP B 612 -12.18 6.64 26.51
C ASP B 612 -12.37 8.10 26.10
N PRO B 613 -13.25 8.36 25.12
CA PRO B 613 -13.30 9.66 24.44
C PRO B 613 -13.58 10.79 25.38
N LEU B 614 -13.97 10.48 26.61
CA LEU B 614 -14.24 11.47 27.64
C LEU B 614 -12.97 11.99 28.32
N ALA B 615 -11.94 11.14 28.35
CA ALA B 615 -10.65 11.45 28.95
C ALA B 615 -9.53 10.70 28.21
N PRO B 616 -9.29 11.07 26.93
CA PRO B 616 -8.42 10.28 26.05
C PRO B 616 -6.97 10.30 26.45
N ASP B 617 -6.31 9.14 26.47
CA ASP B 617 -4.86 9.13 26.70
C ASP B 617 -4.09 9.51 25.43
N LEU B 618 -3.82 10.80 25.28
CA LEU B 618 -3.16 11.31 24.07
C LEU B 618 -1.67 10.96 24.02
N THR B 619 -1.11 10.55 25.17
CA THR B 619 0.28 10.11 25.18
C THR B 619 0.36 8.75 24.50
N GLN B 620 -0.71 7.95 24.63
CA GLN B 620 -0.83 6.64 23.96
C GLN B 620 -1.49 6.69 22.55
N TYR B 621 -2.54 7.48 22.40
CA TYR B 621 -3.15 7.67 21.08
C TYR B 621 -3.15 9.16 20.74
N PRO B 622 -2.01 9.66 20.25
CA PRO B 622 -1.85 11.10 19.98
C PRO B 622 -2.59 11.59 18.73
N SER B 623 -2.92 10.66 17.84
CA SER B 623 -3.61 10.99 16.60
C SER B 623 -5.05 11.39 16.89
N TYR B 624 -5.60 10.90 18.01
CA TYR B 624 -7.02 11.07 18.30
C TYR B 624 -7.36 12.57 18.48
N SER B 625 -6.34 13.37 18.81
CA SER B 625 -6.59 14.76 19.10
C SER B 625 -6.85 15.55 17.81
N GLN B 626 -6.53 14.92 16.67
CA GLN B 626 -6.82 15.47 15.35
C GLN B 626 -8.26 15.18 14.93
N ALA B 627 -8.99 14.43 15.74
CA ALA B 627 -10.38 14.19 15.46
C ALA B 627 -11.14 15.33 16.12
N GLN B 628 -12.43 15.45 15.83
CA GLN B 628 -13.27 16.44 16.48
C GLN B 628 -14.63 15.84 16.81
N ALA B 629 -14.91 15.70 18.10
CA ALA B 629 -16.18 15.15 18.60
C ALA B 629 -17.37 16.11 18.43
N LEU B 630 -18.55 15.53 18.18
CA LEU B 630 -19.82 16.23 18.35
C LEU B 630 -20.44 15.80 19.68
N HIS B 631 -21.00 16.75 20.43
CA HIS B 631 -21.74 16.39 21.64
C HIS B 631 -23.18 16.83 21.50
N CYS B 632 -24.12 15.97 21.90
CA CYS B 632 -25.50 16.41 22.04
C CYS B 632 -26.22 15.69 23.18
N THR B 633 -27.32 16.29 23.62
CA THR B 633 -28.15 15.69 24.65
C THR B 633 -29.55 15.56 24.08
N VAL B 634 -30.06 14.34 24.12
CA VAL B 634 -31.41 14.08 23.69
C VAL B 634 -32.24 13.97 24.93
N ARG B 635 -33.25 14.82 25.06
CA ARG B 635 -34.05 14.81 26.27
C ARG B 635 -35.50 14.47 25.97
N ALA B 636 -36.28 14.16 27.03
CA ALA B 636 -37.59 13.54 26.90
C ALA B 636 -38.41 14.18 25.78
N GLY B 637 -38.89 13.33 24.85
CA GLY B 637 -39.72 13.78 23.75
C GLY B 637 -38.93 14.11 22.51
N GLU B 638 -37.61 14.05 22.60
CA GLU B 638 -36.79 14.33 21.42
C GLU B 638 -36.24 13.07 20.78
N MET B 639 -36.17 13.10 19.46
CA MET B 639 -35.67 11.98 18.69
C MET B 639 -34.32 12.32 18.05
N LEU B 640 -33.29 11.50 18.29
CA LEU B 640 -31.98 11.72 17.65
C LEU B 640 -31.80 10.83 16.43
N TYR B 641 -31.55 11.43 15.27
CA TYR B 641 -31.25 10.59 14.12
C TYR B 641 -29.75 10.38 14.11
N LEU B 642 -29.32 9.22 14.63
CA LEU B 642 -27.93 8.83 14.61
C LEU B 642 -27.63 8.03 13.34
N PRO B 643 -26.93 8.63 12.36
CA PRO B 643 -26.74 8.01 11.05
C PRO B 643 -25.82 6.79 11.06
N ALA B 644 -25.97 5.94 10.04
CA ALA B 644 -25.12 4.76 9.86
C ALA B 644 -23.63 5.09 9.88
N LEU B 645 -22.85 4.18 10.47
CA LEU B 645 -21.38 4.21 10.47
C LEU B 645 -20.81 5.26 11.40
N TRP B 646 -21.68 6.06 12.02
CA TRP B 646 -21.24 7.06 12.98
C TRP B 646 -20.81 6.45 14.32
N PHE B 647 -19.59 6.79 14.73
CA PHE B 647 -19.08 6.43 16.04
C PHE B 647 -19.88 7.19 17.12
N HIS B 648 -20.43 6.48 18.10
CA HIS B 648 -21.11 7.15 19.20
C HIS B 648 -20.74 6.55 20.56
N HIS B 649 -20.86 7.39 21.58
CA HIS B 649 -20.56 7.04 22.95
C HIS B 649 -21.71 7.61 23.77
N VAL B 650 -22.35 6.79 24.59
CA VAL B 650 -23.63 7.19 25.18
C VAL B 650 -23.66 7.11 26.70
N GLN B 651 -24.15 8.17 27.32
CA GLN B 651 -24.44 8.16 28.74
C GLN B 651 -25.90 8.55 28.91
N GLN B 652 -26.43 8.44 30.14
CA GLN B 652 -27.79 8.90 30.39
C GLN B 652 -28.07 9.25 31.86
N SER B 653 -29.20 9.94 32.08
CA SER B 653 -29.72 10.23 33.42
C SER B 653 -30.24 8.98 34.09
N HIS B 654 -30.35 9.03 35.41
CA HIS B 654 -30.74 7.84 36.20
C HIS B 654 -32.20 7.45 36.01
N GLY B 655 -32.42 6.22 35.56
CA GLY B 655 -33.77 5.73 35.34
C GLY B 655 -34.30 6.14 33.99
N CYS B 656 -33.37 6.60 33.14
CA CYS B 656 -33.71 7.07 31.81
C CYS B 656 -34.39 5.98 30.98
N ILE B 657 -35.47 6.33 30.31
CA ILE B 657 -36.22 5.38 29.47
C ILE B 657 -36.21 5.81 28.01
N ALA B 658 -35.73 4.92 27.14
CA ALA B 658 -35.63 5.23 25.71
C ALA B 658 -36.07 4.08 24.82
N VAL B 659 -36.46 4.42 23.60
CA VAL B 659 -36.93 3.46 22.62
C VAL B 659 -36.15 3.76 21.36
N ASN B 660 -35.61 2.74 20.69
CA ASN B 660 -34.93 3.04 19.44
C ASN B 660 -35.26 2.07 18.30
N PHE B 661 -35.22 2.61 17.08
CA PHE B 661 -35.61 1.90 15.88
C PHE B 661 -34.35 1.68 15.06
N TRP B 662 -34.03 0.43 14.76
CA TRP B 662 -32.86 0.16 13.92
C TRP B 662 -33.32 -0.11 12.51
N TYR B 663 -32.99 0.79 11.58
CA TYR B 663 -33.23 0.54 10.16
C TYR B 663 -31.92 0.13 9.50
N ASP B 664 -31.91 -0.96 8.75
CA ASP B 664 -30.70 -1.43 8.08
C ASP B 664 -30.21 -0.39 7.08
N MET B 665 -28.89 -0.18 7.07
CA MET B 665 -28.20 0.66 6.10
C MET B 665 -28.61 0.45 4.66
N GLU B 666 -28.21 1.40 3.83
CA GLU B 666 -28.07 1.18 2.40
C GLU B 666 -26.61 0.92 2.15
N TYR B 667 -26.31 -0.25 1.60
CA TYR B 667 -24.95 -0.58 1.30
C TYR B 667 -24.64 -0.08 -0.10
N ASP B 668 -24.13 1.15 -0.12
CA ASP B 668 -23.97 1.92 -1.31
C ASP B 668 -22.56 2.46 -1.35
N LEU B 669 -22.35 3.50 -2.16
CA LEU B 669 -21.01 4.06 -2.34
C LEU B 669 -20.40 4.57 -1.05
N LYS B 670 -21.23 5.03 -0.11
CA LYS B 670 -20.75 5.52 1.19
C LYS B 670 -20.04 4.41 1.97
N TYR B 671 -20.58 3.22 1.83
CA TYR B 671 -20.08 2.06 2.52
C TYR B 671 -18.81 1.55 1.83
N SER B 672 -18.84 1.46 0.51
CA SER B 672 -17.67 1.04 -0.26
C SER B 672 -16.49 1.97 -0.02
N TYR B 673 -16.73 3.27 -0.14
CA TYR B 673 -15.73 4.27 0.22
C TYR B 673 -15.26 4.11 1.66
N PHE B 674 -16.11 3.59 2.56
CA PHE B 674 -15.73 3.46 3.97
C PHE B 674 -14.77 2.30 4.17
N GLN B 675 -15.04 1.19 3.53
CA GLN B 675 -14.21 0.01 3.67
C GLN B 675 -12.87 0.30 3.00
N LEU B 676 -12.86 1.15 1.97
CA LEU B 676 -11.59 1.51 1.33
C LEU B 676 -10.75 2.28 2.34
N MET B 677 -11.34 3.29 2.96
CA MET B 677 -10.64 4.11 3.94
C MET B 677 -10.03 3.26 5.06
N ASP B 678 -10.85 2.37 5.59
CA ASP B 678 -10.42 1.40 6.60
C ASP B 678 -9.21 0.60 6.09
N THR B 679 -9.31 0.08 4.86
CA THR B 679 -8.21 -0.67 4.26
C THR B 679 -6.99 0.22 4.08
N LEU B 680 -7.21 1.44 3.61
CA LEU B 680 -6.12 2.40 3.48
C LEU B 680 -5.40 2.73 4.80
N THR B 681 -6.13 2.97 5.90
CA THR B 681 -5.46 3.45 7.13
C THR B 681 -4.70 2.33 7.83
N ARG B 682 -5.09 1.10 7.50
CA ARG B 682 -4.47 -0.10 8.02
C ARG B 682 -3.17 -0.34 7.26
N ALA B 683 -3.33 -0.57 5.96
CA ALA B 683 -2.25 -0.70 4.99
C ALA B 683 -1.13 0.29 5.26
N THR B 684 -1.53 1.49 5.63
CA THR B 684 -0.60 2.61 5.64
C THR B 684 0.03 2.81 7.03
N GLY B 685 -0.28 1.89 7.95
CA GLY B 685 0.38 1.90 9.25
C GLY B 685 -0.34 2.67 10.38
N LEU B 686 -1.66 2.58 10.43
CA LEU B 686 -2.34 3.30 11.51
C LEU B 686 -3.49 2.59 12.19
N ASP B 687 -4.15 3.44 12.99
CA ASP B 687 -5.20 3.11 13.92
C ASP B 687 -6.12 2.10 13.23
C1 GLC C . 12.23 -24.68 11.01
C2 GLC C . 11.05 -23.83 11.49
C3 GLC C . 11.00 -22.58 10.74
C4 GLC C . 12.30 -21.88 10.81
C5 GLC C . 13.40 -22.68 10.17
C6 GLC C . 14.66 -21.84 10.25
O1 GLC C . 11.86 -25.16 9.77
O2 GLC C . 9.81 -24.54 11.25
O3 GLC C . 10.01 -21.72 11.35
O4 GLC C . 12.14 -20.77 10.00
O5 GLC C . 13.53 -23.92 10.91
O6 GLC C . 15.49 -22.03 9.14
C1 GLC D . 11.05 -18.14 10.42
C2 GLC D . 10.05 -18.58 9.36
C3 GLC D . 10.66 -18.55 8.03
C4 GLC D . 11.82 -17.58 8.06
C5 GLC D . 12.95 -18.16 8.89
C6 GLC D . 13.97 -17.10 9.27
O2 GLC D . 9.72 -19.95 9.66
O3 GLC D . 9.60 -18.10 7.19
O4 GLC D . 12.29 -17.29 6.77
O5 GLC D . 12.38 -18.75 10.10
O6 GLC D . 15.15 -17.69 9.78
CAC FLC E . 12.24 -16.49 4.09
CA FLC E . 13.56 -15.73 4.18
CB FLC E . 14.63 -16.53 4.91
CBC FLC E . 15.91 -15.82 5.24
CG FLC E . 14.98 -17.80 4.14
CGC FLC E . 15.46 -17.53 2.71
OA1 FLC E . 12.04 -17.32 3.17
OA2 FLC E . 11.30 -16.29 4.93
OB1 FLC E . 16.82 -16.45 5.86
OB2 FLC E . 16.10 -14.61 4.96
OG1 FLC E . 16.69 -17.58 2.37
OG2 FLC E . 14.62 -17.26 1.82
OHB FLC E . 14.10 -16.77 6.20
C1 GLC F . 31.20 5.44 -9.09
C2 GLC F . 30.58 6.40 -10.13
C3 GLC F . 29.14 6.65 -9.88
C4 GLC F . 28.43 5.35 -9.80
C5 GLC F . 28.99 4.47 -8.72
C6 GLC F . 28.18 3.21 -8.72
O1 GLC F . 31.33 6.02 -7.85
O2 GLC F . 31.31 7.63 -10.22
O3 GLC F . 28.56 7.43 -10.97
O4 GLC F . 27.17 5.60 -9.27
O5 GLC F . 30.40 4.20 -8.95
O6 GLC F . 28.07 2.74 -7.41
C1 GLC G . 25.27 6.05 -11.40
C2 GLC G . 24.99 7.28 -10.53
C3 GLC G . 24.14 6.98 -9.36
C4 GLC G . 23.39 5.68 -9.53
C5 GLC G . 24.40 4.54 -9.61
C6 GLC G . 23.65 3.28 -9.95
O2 GLC G . 26.25 7.82 -10.06
O3 GLC G . 23.16 8.03 -9.31
O4 GLC G . 22.53 5.42 -8.45
O5 GLC G . 25.44 4.79 -10.61
O6 GLC G . 24.30 2.21 -9.34
CAC FLC H . 21.43 6.84 -6.05
CA FLC H . 22.06 5.62 -5.39
CB FLC H . 21.03 4.81 -4.62
CBC FLC H . 21.69 3.79 -3.68
CG FLC H . 20.10 4.13 -5.61
CGC FLC H . 20.81 3.24 -6.60
OA1 FLC H . 21.33 6.94 -7.31
OA2 FLC H . 21.03 7.80 -5.34
OB1 FLC H . 22.83 3.32 -3.94
OB2 FLC H . 21.10 3.41 -2.61
OG1 FLC H . 20.83 1.99 -6.42
OG2 FLC H . 21.38 3.74 -7.60
OHB FLC H . 20.28 5.73 -3.87
#